data_2OSO
# 
_entry.id   2OSO 
# 
_audit_conform.dict_name       mmcif_pdbx.dic 
_audit_conform.dict_version    5.398 
_audit_conform.dict_location   http://mmcif.pdb.org/dictionaries/ascii/mmcif_pdbx.dic 
# 
loop_
_database_2.database_id 
_database_2.database_code 
_database_2.pdbx_database_accession 
_database_2.pdbx_DOI 
PDB   2OSO         pdb_00002oso 10.2210/pdb2oso/pdb 
RCSB  RCSB041537   ?            ?                   
WWPDB D_1000041537 ?            ?                   
# 
loop_
_pdbx_audit_revision_history.ordinal 
_pdbx_audit_revision_history.data_content_type 
_pdbx_audit_revision_history.major_revision 
_pdbx_audit_revision_history.minor_revision 
_pdbx_audit_revision_history.revision_date 
1 'Structure model' 1 0 2007-02-20 
2 'Structure model' 1 1 2008-05-01 
3 'Structure model' 1 2 2011-07-13 
4 'Structure model' 1 3 2017-10-18 
5 'Structure model' 1 4 2021-10-20 
6 'Structure model' 1 5 2023-01-25 
7 'Structure model' 1 6 2023-09-20 
8 'Structure model' 1 7 2023-11-15 
9 'Structure model' 1 8 2024-10-30 
# 
_pdbx_audit_revision_details.ordinal             1 
_pdbx_audit_revision_details.revision_ordinal    1 
_pdbx_audit_revision_details.data_content_type   'Structure model' 
_pdbx_audit_revision_details.provider            repository 
_pdbx_audit_revision_details.type                'Initial release' 
_pdbx_audit_revision_details.description         ? 
_pdbx_audit_revision_details.details             ? 
# 
loop_
_pdbx_audit_revision_group.ordinal 
_pdbx_audit_revision_group.revision_ordinal 
_pdbx_audit_revision_group.data_content_type 
_pdbx_audit_revision_group.group 
1  2 'Structure model' 'Version format compliance' 
2  3 'Structure model' Advisory                    
3  3 'Structure model' 'Derived calculations'      
4  3 'Structure model' 'Version format compliance' 
5  4 'Structure model' 'Refinement description'    
6  5 'Structure model' 'Database references'       
7  5 'Structure model' 'Derived calculations'      
8  6 'Structure model' 'Database references'       
9  7 'Structure model' 'Data collection'           
10 7 'Structure model' 'Refinement description'    
11 8 'Structure model' 'Data collection'           
12 9 'Structure model' 'Structure summary'         
# 
loop_
_pdbx_audit_revision_category.ordinal 
_pdbx_audit_revision_category.revision_ordinal 
_pdbx_audit_revision_category.data_content_type 
_pdbx_audit_revision_category.category 
1  4 'Structure model' software                      
2  5 'Structure model' database_2                    
3  5 'Structure model' pdbx_struct_conn_angle        
4  5 'Structure model' struct_conn                   
5  5 'Structure model' struct_ref_seq_dif            
6  5 'Structure model' struct_site                   
7  6 'Structure model' struct_ref_seq_dif            
8  7 'Structure model' chem_comp_atom                
9  7 'Structure model' chem_comp_bond                
10 7 'Structure model' pdbx_initial_refinement_model 
11 8 'Structure model' chem_comp_atom                
12 8 'Structure model' chem_comp_bond                
13 9 'Structure model' pdbx_entry_details            
14 9 'Structure model' pdbx_modification_feature     
# 
loop_
_pdbx_audit_revision_item.ordinal 
_pdbx_audit_revision_item.revision_ordinal 
_pdbx_audit_revision_item.data_content_type 
_pdbx_audit_revision_item.item 
1  4 'Structure model' '_software.classification'                    
2  4 'Structure model' '_software.name'                              
3  5 'Structure model' '_database_2.pdbx_DOI'                        
4  5 'Structure model' '_database_2.pdbx_database_accession'         
5  5 'Structure model' '_pdbx_struct_conn_angle.ptnr1_auth_comp_id'  
6  5 'Structure model' '_pdbx_struct_conn_angle.ptnr1_auth_seq_id'   
7  5 'Structure model' '_pdbx_struct_conn_angle.ptnr1_label_atom_id' 
8  5 'Structure model' '_pdbx_struct_conn_angle.ptnr1_label_comp_id' 
9  5 'Structure model' '_pdbx_struct_conn_angle.ptnr1_label_seq_id'  
10 5 'Structure model' '_pdbx_struct_conn_angle.ptnr3_auth_comp_id'  
11 5 'Structure model' '_pdbx_struct_conn_angle.ptnr3_auth_seq_id'   
12 5 'Structure model' '_pdbx_struct_conn_angle.ptnr3_label_atom_id' 
13 5 'Structure model' '_pdbx_struct_conn_angle.ptnr3_label_comp_id' 
14 5 'Structure model' '_pdbx_struct_conn_angle.ptnr3_label_seq_id'  
15 5 'Structure model' '_pdbx_struct_conn_angle.value'               
16 5 'Structure model' '_struct_conn.pdbx_dist_value'                
17 5 'Structure model' '_struct_conn.pdbx_leaving_atom_flag'         
18 5 'Structure model' '_struct_conn.ptnr1_auth_comp_id'             
19 5 'Structure model' '_struct_conn.ptnr1_auth_seq_id'              
20 5 'Structure model' '_struct_conn.ptnr1_label_asym_id'            
21 5 'Structure model' '_struct_conn.ptnr1_label_atom_id'            
22 5 'Structure model' '_struct_conn.ptnr1_label_comp_id'            
23 5 'Structure model' '_struct_conn.ptnr1_label_seq_id'             
24 5 'Structure model' '_struct_conn.ptnr2_auth_comp_id'             
25 5 'Structure model' '_struct_conn.ptnr2_auth_seq_id'              
26 5 'Structure model' '_struct_conn.ptnr2_label_asym_id'            
27 5 'Structure model' '_struct_conn.ptnr2_label_atom_id'            
28 5 'Structure model' '_struct_conn.ptnr2_label_comp_id'            
29 5 'Structure model' '_struct_conn.ptnr2_label_seq_id'             
30 5 'Structure model' '_struct_ref_seq_dif.details'                 
31 5 'Structure model' '_struct_site.pdbx_auth_asym_id'              
32 5 'Structure model' '_struct_site.pdbx_auth_comp_id'              
33 5 'Structure model' '_struct_site.pdbx_auth_seq_id'               
34 6 'Structure model' '_struct_ref_seq_dif.details'                 
35 8 'Structure model' '_chem_comp_atom.atom_id'                     
36 8 'Structure model' '_chem_comp_bond.atom_id_2'                   
# 
_pdbx_database_status.SG_entry                        Y 
_pdbx_database_status.entry_id                        2OSO 
_pdbx_database_status.deposit_site                    RCSB 
_pdbx_database_status.process_site                    RCSB 
_pdbx_database_status.recvd_initial_deposition_date   2007-02-06 
_pdbx_database_status.status_code                     REL 
_pdbx_database_status.status_code_sf                  REL 
_pdbx_database_status.status_code_mr                  ? 
_pdbx_database_status.status_code_cs                  ? 
_pdbx_database_status.pdb_format_compatible           Y 
_pdbx_database_status.methods_development_category    ? 
_pdbx_database_status.status_code_nmr_data            ? 
# 
loop_
_pdbx_database_related.db_name 
_pdbx_database_related.db_id 
_pdbx_database_related.details 
_pdbx_database_related.content_type 
TargetDB 373077 .                                                                                                                
unspecified 
PDB      2OSD   'Crystal structure of hypothetical protein MJ_1460 (1592102) from Methanococcus jannaschii at 2.30 A resolution' 
unspecified 
# 
_audit_author.name           'Joint Center for Structural Genomics (JCSG)' 
_audit_author.pdbx_ordinal   1 
# 
_citation.id                        primary 
_citation.title                     
'Crystal structure of hypothetical protein MJ_1460 (1592102) from Methanocaldococcus jannaschii at 1.90 A resolution' 
_citation.journal_abbrev            'To be published' 
_citation.journal_volume            ? 
_citation.page_first                ? 
_citation.page_last                 ? 
_citation.year                      ? 
_citation.journal_id_ASTM           ? 
_citation.country                   ? 
_citation.journal_id_ISSN           ? 
_citation.journal_id_CSD            0353 
_citation.book_publisher            ? 
_citation.pdbx_database_id_PubMed   ? 
_citation.pdbx_database_id_DOI      ? 
# 
_citation_author.citation_id        primary 
_citation_author.name               'Joint Center for Structural Genomics (JCSG)' 
_citation_author.ordinal            1 
_citation_author.identifier_ORCID   ? 
# 
loop_
_entity.id 
_entity.type 
_entity.src_method 
_entity.pdbx_description 
_entity.formula_weight 
_entity.pdbx_number_of_molecules 
_entity.pdbx_ec 
_entity.pdbx_mutation 
_entity.pdbx_fragment 
_entity.details 
1 polymer     man 'Hypothetical protein MJ1460' 19201.564 1  ? 'K132Y, K133Y, K134Y' 'V4R domain' ? 
2 non-polymer syn 'ZINC ION'                    65.409    1  ? ?                     ?            ? 
3 non-polymer syn 'CHLORIDE ION'                35.453    1  ? ?                     ?            ? 
4 non-polymer syn 'ACETATE ION'                 59.044    1  ? ?                     ?            ? 
5 non-polymer syn GLYCEROL                      92.094    2  ? ?                     ?            ? 
6 water       nat water                         18.015    81 ? ?                     ?            ? 
# 
_entity_poly.entity_id                      1 
_entity_poly.type                           'polypeptide(L)' 
_entity_poly.nstd_linkage                   no 
_entity_poly.nstd_monomer                   yes 
_entity_poly.pdbx_seq_one_letter_code       
;G(MSE)AF(MSE)EKIFPDILEAIRNEEIIKESKKIP(MSE)PYFGLFALVIFDKVKELGSETSLYEIGEEFGK(MSE)L
SPKNIEELKKIFKL(MSE)NFGDLEIDENKILLKNPPYKIKLSNPPYQWVSKEEPIHDFIAGILAGCLEEIFYYYFVVNE
VECVSQGKDKCVFEVKEVDELNK
;
_entity_poly.pdbx_seq_one_letter_code_can   
;GMAFMEKIFPDILEAIRNEEIIKESKKIPMPYFGLFALVIFDKVKELGSETSLYEIGEEFGKMLSPKNIEELKKIFKLMN
FGDLEIDENKILLKNPPYKIKLSNPPYQWVSKEEPIHDFIAGILAGCLEEIFYYYFVVNEVECVSQGKDKCVFEVKEVDE
LNK
;
_entity_poly.pdbx_strand_id                 A 
_entity_poly.pdbx_target_identifier         373077 
# 
loop_
_pdbx_entity_nonpoly.entity_id 
_pdbx_entity_nonpoly.name 
_pdbx_entity_nonpoly.comp_id 
2 'ZINC ION'     ZN  
3 'CHLORIDE ION' CL  
4 'ACETATE ION'  ACT 
5 GLYCEROL       GOL 
6 water          HOH 
# 
loop_
_entity_poly_seq.entity_id 
_entity_poly_seq.num 
_entity_poly_seq.mon_id 
_entity_poly_seq.hetero 
1 1   GLY n 
1 2   MSE n 
1 3   ALA n 
1 4   PHE n 
1 5   MSE n 
1 6   GLU n 
1 7   LYS n 
1 8   ILE n 
1 9   PHE n 
1 10  PRO n 
1 11  ASP n 
1 12  ILE n 
1 13  LEU n 
1 14  GLU n 
1 15  ALA n 
1 16  ILE n 
1 17  ARG n 
1 18  ASN n 
1 19  GLU n 
1 20  GLU n 
1 21  ILE n 
1 22  ILE n 
1 23  LYS n 
1 24  GLU n 
1 25  SER n 
1 26  LYS n 
1 27  LYS n 
1 28  ILE n 
1 29  PRO n 
1 30  MSE n 
1 31  PRO n 
1 32  TYR n 
1 33  PHE n 
1 34  GLY n 
1 35  LEU n 
1 36  PHE n 
1 37  ALA n 
1 38  LEU n 
1 39  VAL n 
1 40  ILE n 
1 41  PHE n 
1 42  ASP n 
1 43  LYS n 
1 44  VAL n 
1 45  LYS n 
1 46  GLU n 
1 47  LEU n 
1 48  GLY n 
1 49  SER n 
1 50  GLU n 
1 51  THR n 
1 52  SER n 
1 53  LEU n 
1 54  TYR n 
1 55  GLU n 
1 56  ILE n 
1 57  GLY n 
1 58  GLU n 
1 59  GLU n 
1 60  PHE n 
1 61  GLY n 
1 62  LYS n 
1 63  MSE n 
1 64  LEU n 
1 65  SER n 
1 66  PRO n 
1 67  LYS n 
1 68  ASN n 
1 69  ILE n 
1 70  GLU n 
1 71  GLU n 
1 72  LEU n 
1 73  LYS n 
1 74  LYS n 
1 75  ILE n 
1 76  PHE n 
1 77  LYS n 
1 78  LEU n 
1 79  MSE n 
1 80  ASN n 
1 81  PHE n 
1 82  GLY n 
1 83  ASP n 
1 84  LEU n 
1 85  GLU n 
1 86  ILE n 
1 87  ASP n 
1 88  GLU n 
1 89  ASN n 
1 90  LYS n 
1 91  ILE n 
1 92  LEU n 
1 93  LEU n 
1 94  LYS n 
1 95  ASN n 
1 96  PRO n 
1 97  PRO n 
1 98  TYR n 
1 99  LYS n 
1 100 ILE n 
1 101 LYS n 
1 102 LEU n 
1 103 SER n 
1 104 ASN n 
1 105 PRO n 
1 106 PRO n 
1 107 TYR n 
1 108 GLN n 
1 109 TRP n 
1 110 VAL n 
1 111 SER n 
1 112 LYS n 
1 113 GLU n 
1 114 GLU n 
1 115 PRO n 
1 116 ILE n 
1 117 HIS n 
1 118 ASP n 
1 119 PHE n 
1 120 ILE n 
1 121 ALA n 
1 122 GLY n 
1 123 ILE n 
1 124 LEU n 
1 125 ALA n 
1 126 GLY n 
1 127 CYS n 
1 128 LEU n 
1 129 GLU n 
1 130 GLU n 
1 131 ILE n 
1 132 PHE n 
1 133 TYR n 
1 134 TYR n 
1 135 TYR n 
1 136 PHE n 
1 137 VAL n 
1 138 VAL n 
1 139 ASN n 
1 140 GLU n 
1 141 VAL n 
1 142 GLU n 
1 143 CYS n 
1 144 VAL n 
1 145 SER n 
1 146 GLN n 
1 147 GLY n 
1 148 LYS n 
1 149 ASP n 
1 150 LYS n 
1 151 CYS n 
1 152 VAL n 
1 153 PHE n 
1 154 GLU n 
1 155 VAL n 
1 156 LYS n 
1 157 GLU n 
1 158 VAL n 
1 159 ASP n 
1 160 GLU n 
1 161 LEU n 
1 162 ASN n 
1 163 LYS n 
# 
_entity_src_gen.entity_id                          1 
_entity_src_gen.pdbx_src_id                        1 
_entity_src_gen.pdbx_alt_source_flag               sample 
_entity_src_gen.pdbx_seq_type                      ? 
_entity_src_gen.pdbx_beg_seq_num                   ? 
_entity_src_gen.pdbx_end_seq_num                   ? 
_entity_src_gen.gene_src_common_name               ? 
_entity_src_gen.gene_src_genus                     Methanocaldococcus 
_entity_src_gen.pdbx_gene_src_gene                 '1592102, MJ1460' 
_entity_src_gen.gene_src_species                   'Methanocaldococcus jannaschii' 
_entity_src_gen.gene_src_strain                    'DSM 2661, JAL-1, JCM 10045, NBRC 100440' 
_entity_src_gen.gene_src_tissue                    ? 
_entity_src_gen.gene_src_tissue_fraction           ? 
_entity_src_gen.gene_src_details                   ? 
_entity_src_gen.pdbx_gene_src_fragment             ? 
_entity_src_gen.pdbx_gene_src_scientific_name      'Methanocaldococcus jannaschii DSM 2661' 
_entity_src_gen.pdbx_gene_src_ncbi_taxonomy_id     243232 
_entity_src_gen.pdbx_gene_src_variant              ? 
_entity_src_gen.pdbx_gene_src_cell_line            ? 
_entity_src_gen.pdbx_gene_src_atcc                 43067 
_entity_src_gen.pdbx_gene_src_organ                ? 
_entity_src_gen.pdbx_gene_src_organelle            ? 
_entity_src_gen.pdbx_gene_src_cell                 ? 
_entity_src_gen.pdbx_gene_src_cellular_location    ? 
_entity_src_gen.host_org_common_name               ? 
_entity_src_gen.pdbx_host_org_scientific_name      'Escherichia coli' 
_entity_src_gen.pdbx_host_org_ncbi_taxonomy_id     562 
_entity_src_gen.host_org_genus                     Escherichia 
_entity_src_gen.pdbx_host_org_gene                 ? 
_entity_src_gen.pdbx_host_org_organ                ? 
_entity_src_gen.host_org_species                   ? 
_entity_src_gen.pdbx_host_org_tissue               ? 
_entity_src_gen.pdbx_host_org_tissue_fraction      ? 
_entity_src_gen.pdbx_host_org_strain               HK100 
_entity_src_gen.pdbx_host_org_variant              ? 
_entity_src_gen.pdbx_host_org_cell_line            ? 
_entity_src_gen.pdbx_host_org_atcc                 ? 
_entity_src_gen.pdbx_host_org_culture_collection   ? 
_entity_src_gen.pdbx_host_org_cell                 ? 
_entity_src_gen.pdbx_host_org_organelle            ? 
_entity_src_gen.pdbx_host_org_cellular_location    ? 
_entity_src_gen.pdbx_host_org_vector_type          Plasmid 
_entity_src_gen.pdbx_host_org_vector               ? 
_entity_src_gen.host_org_details                   ? 
_entity_src_gen.expression_system_id               ? 
_entity_src_gen.plasmid_name                       speedET 
_entity_src_gen.plasmid_details                    ? 
_entity_src_gen.pdbx_description                   ? 
# 
loop_
_chem_comp.id 
_chem_comp.type 
_chem_comp.mon_nstd_flag 
_chem_comp.name 
_chem_comp.pdbx_synonyms 
_chem_comp.formula 
_chem_comp.formula_weight 
ACT non-polymer         . 'ACETATE ION'    ?                               'C2 H3 O2 -1'    59.044  
ALA 'L-peptide linking' y ALANINE          ?                               'C3 H7 N O2'     89.093  
ARG 'L-peptide linking' y ARGININE         ?                               'C6 H15 N4 O2 1' 175.209 
ASN 'L-peptide linking' y ASPARAGINE       ?                               'C4 H8 N2 O3'    132.118 
ASP 'L-peptide linking' y 'ASPARTIC ACID'  ?                               'C4 H7 N O4'     133.103 
CL  non-polymer         . 'CHLORIDE ION'   ?                               'Cl -1'          35.453  
CYS 'L-peptide linking' y CYSTEINE         ?                               'C3 H7 N O2 S'   121.158 
GLN 'L-peptide linking' y GLUTAMINE        ?                               'C5 H10 N2 O3'   146.144 
GLU 'L-peptide linking' y 'GLUTAMIC ACID'  ?                               'C5 H9 N O4'     147.129 
GLY 'peptide linking'   y GLYCINE          ?                               'C2 H5 N O2'     75.067  
GOL non-polymer         . GLYCEROL         'GLYCERIN; PROPANE-1,2,3-TRIOL' 'C3 H8 O3'       92.094  
HIS 'L-peptide linking' y HISTIDINE        ?                               'C6 H10 N3 O2 1' 156.162 
HOH non-polymer         . WATER            ?                               'H2 O'           18.015  
ILE 'L-peptide linking' y ISOLEUCINE       ?                               'C6 H13 N O2'    131.173 
LEU 'L-peptide linking' y LEUCINE          ?                               'C6 H13 N O2'    131.173 
LYS 'L-peptide linking' y LYSINE           ?                               'C6 H15 N2 O2 1' 147.195 
MET 'L-peptide linking' y METHIONINE       ?                               'C5 H11 N O2 S'  149.211 
MSE 'L-peptide linking' n SELENOMETHIONINE ?                               'C5 H11 N O2 Se' 196.106 
PHE 'L-peptide linking' y PHENYLALANINE    ?                               'C9 H11 N O2'    165.189 
PRO 'L-peptide linking' y PROLINE          ?                               'C5 H9 N O2'     115.130 
SER 'L-peptide linking' y SERINE           ?                               'C3 H7 N O3'     105.093 
THR 'L-peptide linking' y THREONINE        ?                               'C4 H9 N O3'     119.119 
TRP 'L-peptide linking' y TRYPTOPHAN       ?                               'C11 H12 N2 O2'  204.225 
TYR 'L-peptide linking' y TYROSINE         ?                               'C9 H11 N O3'    181.189 
VAL 'L-peptide linking' y VALINE           ?                               'C5 H11 N O2'    117.146 
ZN  non-polymer         . 'ZINC ION'       ?                               'Zn 2'           65.409  
# 
loop_
_pdbx_poly_seq_scheme.asym_id 
_pdbx_poly_seq_scheme.entity_id 
_pdbx_poly_seq_scheme.seq_id 
_pdbx_poly_seq_scheme.mon_id 
_pdbx_poly_seq_scheme.ndb_seq_num 
_pdbx_poly_seq_scheme.pdb_seq_num 
_pdbx_poly_seq_scheme.auth_seq_num 
_pdbx_poly_seq_scheme.pdb_mon_id 
_pdbx_poly_seq_scheme.auth_mon_id 
_pdbx_poly_seq_scheme.pdb_strand_id 
_pdbx_poly_seq_scheme.pdb_ins_code 
_pdbx_poly_seq_scheme.hetero 
A 1 1   GLY 1   0   0   GLY GLY A . n 
A 1 2   MSE 2   1   1   MSE MSE A . n 
A 1 3   ALA 3   2   2   ALA ALA A . n 
A 1 4   PHE 4   3   3   PHE PHE A . n 
A 1 5   MSE 5   4   4   MSE MSE A . n 
A 1 6   GLU 6   5   5   GLU GLU A . n 
A 1 7   LYS 7   6   6   LYS LYS A . n 
A 1 8   ILE 8   7   7   ILE ILE A . n 
A 1 9   PHE 9   8   8   PHE PHE A . n 
A 1 10  PRO 10  9   9   PRO PRO A . n 
A 1 11  ASP 11  10  10  ASP ASP A . n 
A 1 12  ILE 12  11  11  ILE ILE A . n 
A 1 13  LEU 13  12  12  LEU LEU A . n 
A 1 14  GLU 14  13  13  GLU GLU A . n 
A 1 15  ALA 15  14  14  ALA ALA A . n 
A 1 16  ILE 16  15  15  ILE ILE A . n 
A 1 17  ARG 17  16  16  ARG ARG A . n 
A 1 18  ASN 18  17  17  ASN ASN A . n 
A 1 19  GLU 19  18  18  GLU GLU A . n 
A 1 20  GLU 20  19  19  GLU GLU A . n 
A 1 21  ILE 21  20  20  ILE ILE A . n 
A 1 22  ILE 22  21  21  ILE ILE A . n 
A 1 23  LYS 23  22  22  LYS LYS A . n 
A 1 24  GLU 24  23  23  GLU GLU A . n 
A 1 25  SER 25  24  24  SER SER A . n 
A 1 26  LYS 26  25  25  LYS LYS A . n 
A 1 27  LYS 27  26  26  LYS LYS A . n 
A 1 28  ILE 28  27  27  ILE ILE A . n 
A 1 29  PRO 29  28  28  PRO PRO A . n 
A 1 30  MSE 30  29  29  MSE MSE A . n 
A 1 31  PRO 31  30  30  PRO PRO A . n 
A 1 32  TYR 32  31  31  TYR TYR A . n 
A 1 33  PHE 33  32  32  PHE PHE A . n 
A 1 34  GLY 34  33  33  GLY GLY A . n 
A 1 35  LEU 35  34  34  LEU LEU A . n 
A 1 36  PHE 36  35  35  PHE PHE A . n 
A 1 37  ALA 37  36  36  ALA ALA A . n 
A 1 38  LEU 38  37  37  LEU LEU A . n 
A 1 39  VAL 39  38  38  VAL VAL A . n 
A 1 40  ILE 40  39  39  ILE ILE A . n 
A 1 41  PHE 41  40  40  PHE PHE A . n 
A 1 42  ASP 42  41  41  ASP ASP A . n 
A 1 43  LYS 43  42  42  LYS LYS A . n 
A 1 44  VAL 44  43  43  VAL VAL A . n 
A 1 45  LYS 45  44  44  LYS LYS A . n 
A 1 46  GLU 46  45  ?   ?   ?   A . n 
A 1 47  LEU 47  46  ?   ?   ?   A . n 
A 1 48  GLY 48  47  47  GLY GLY A . n 
A 1 49  SER 49  48  48  SER SER A . n 
A 1 50  GLU 50  49  49  GLU GLU A . n 
A 1 51  THR 51  50  50  THR THR A . n 
A 1 52  SER 52  51  51  SER SER A . n 
A 1 53  LEU 53  52  52  LEU LEU A . n 
A 1 54  TYR 54  53  53  TYR TYR A . n 
A 1 55  GLU 55  54  54  GLU GLU A . n 
A 1 56  ILE 56  55  55  ILE ILE A . n 
A 1 57  GLY 57  56  56  GLY GLY A . n 
A 1 58  GLU 58  57  57  GLU GLU A . n 
A 1 59  GLU 59  58  58  GLU GLU A . n 
A 1 60  PHE 60  59  59  PHE PHE A . n 
A 1 61  GLY 61  60  60  GLY GLY A . n 
A 1 62  LYS 62  61  61  LYS LYS A . n 
A 1 63  MSE 63  62  62  MSE MSE A . n 
A 1 64  LEU 64  63  63  LEU LEU A . n 
A 1 65  SER 65  64  64  SER SER A . n 
A 1 66  PRO 66  65  65  PRO PRO A . n 
A 1 67  LYS 67  66  66  LYS LYS A . n 
A 1 68  ASN 68  67  67  ASN ASN A . n 
A 1 69  ILE 69  68  68  ILE ILE A . n 
A 1 70  GLU 70  69  69  GLU GLU A . n 
A 1 71  GLU 71  70  70  GLU GLU A . n 
A 1 72  LEU 72  71  71  LEU LEU A . n 
A 1 73  LYS 73  72  72  LYS LYS A . n 
A 1 74  LYS 74  73  73  LYS LYS A . n 
A 1 75  ILE 75  74  74  ILE ILE A . n 
A 1 76  PHE 76  75  75  PHE PHE A . n 
A 1 77  LYS 77  76  76  LYS LYS A . n 
A 1 78  LEU 78  77  77  LEU LEU A . n 
A 1 79  MSE 79  78  78  MSE MSE A . n 
A 1 80  ASN 80  79  79  ASN ASN A . n 
A 1 81  PHE 81  80  80  PHE PHE A . n 
A 1 82  GLY 82  81  81  GLY GLY A . n 
A 1 83  ASP 83  82  82  ASP ASP A . n 
A 1 84  LEU 84  83  83  LEU LEU A . n 
A 1 85  GLU 85  84  84  GLU GLU A . n 
A 1 86  ILE 86  85  85  ILE ILE A . n 
A 1 87  ASP 87  86  86  ASP ASP A . n 
A 1 88  GLU 88  87  87  GLU GLU A . n 
A 1 89  ASN 89  88  88  ASN ASN A . n 
A 1 90  LYS 90  89  89  LYS LYS A . n 
A 1 91  ILE 91  90  90  ILE ILE A . n 
A 1 92  LEU 92  91  91  LEU LEU A . n 
A 1 93  LEU 93  92  92  LEU LEU A . n 
A 1 94  LYS 94  93  93  LYS LYS A . n 
A 1 95  ASN 95  94  94  ASN ASN A . n 
A 1 96  PRO 96  95  95  PRO PRO A . n 
A 1 97  PRO 97  96  96  PRO PRO A . n 
A 1 98  TYR 98  97  97  TYR TYR A . n 
A 1 99  LYS 99  98  98  LYS LYS A . n 
A 1 100 ILE 100 99  99  ILE ILE A . n 
A 1 101 LYS 101 100 100 LYS LYS A . n 
A 1 102 LEU 102 101 101 LEU LEU A . n 
A 1 103 SER 103 102 102 SER SER A . n 
A 1 104 ASN 104 103 103 ASN ASN A . n 
A 1 105 PRO 105 104 104 PRO PRO A . n 
A 1 106 PRO 106 105 105 PRO PRO A . n 
A 1 107 TYR 107 106 106 TYR TYR A . n 
A 1 108 GLN 108 107 107 GLN GLN A . n 
A 1 109 TRP 109 108 108 TRP TRP A . n 
A 1 110 VAL 110 109 109 VAL VAL A . n 
A 1 111 SER 111 110 110 SER SER A . n 
A 1 112 LYS 112 111 111 LYS LYS A . n 
A 1 113 GLU 113 112 112 GLU GLU A . n 
A 1 114 GLU 114 113 113 GLU GLU A . n 
A 1 115 PRO 115 114 114 PRO PRO A . n 
A 1 116 ILE 116 115 115 ILE ILE A . n 
A 1 117 HIS 117 116 116 HIS HIS A . n 
A 1 118 ASP 118 117 117 ASP ASP A . n 
A 1 119 PHE 119 118 118 PHE PHE A . n 
A 1 120 ILE 120 119 119 ILE ILE A . n 
A 1 121 ALA 121 120 120 ALA ALA A . n 
A 1 122 GLY 122 121 121 GLY GLY A . n 
A 1 123 ILE 123 122 122 ILE ILE A . n 
A 1 124 LEU 124 123 123 LEU LEU A . n 
A 1 125 ALA 125 124 124 ALA ALA A . n 
A 1 126 GLY 126 125 125 GLY GLY A . n 
A 1 127 CYS 127 126 126 CYS CYS A . n 
A 1 128 LEU 128 127 127 LEU LEU A . n 
A 1 129 GLU 129 128 128 GLU GLU A . n 
A 1 130 GLU 130 129 129 GLU GLU A . n 
A 1 131 ILE 131 130 130 ILE ILE A . n 
A 1 132 PHE 132 131 131 PHE PHE A . n 
A 1 133 TYR 133 132 132 TYR TYR A . n 
A 1 134 TYR 134 133 133 TYR TYR A . n 
A 1 135 TYR 135 134 134 TYR TYR A . n 
A 1 136 PHE 136 135 135 PHE PHE A . n 
A 1 137 VAL 137 136 136 VAL VAL A . n 
A 1 138 VAL 138 137 137 VAL VAL A . n 
A 1 139 ASN 139 138 138 ASN ASN A . n 
A 1 140 GLU 140 139 139 GLU GLU A . n 
A 1 141 VAL 141 140 140 VAL VAL A . n 
A 1 142 GLU 142 141 141 GLU GLU A . n 
A 1 143 CYS 143 142 142 CYS CYS A . n 
A 1 144 VAL 144 143 143 VAL VAL A . n 
A 1 145 SER 145 144 144 SER SER A . n 
A 1 146 GLN 146 145 145 GLN GLN A . n 
A 1 147 GLY 147 146 146 GLY GLY A . n 
A 1 148 LYS 148 147 147 LYS LYS A . n 
A 1 149 ASP 149 148 148 ASP ASP A . n 
A 1 150 LYS 150 149 149 LYS LYS A . n 
A 1 151 CYS 151 150 150 CYS CYS A . n 
A 1 152 VAL 152 151 151 VAL VAL A . n 
A 1 153 PHE 153 152 152 PHE PHE A . n 
A 1 154 GLU 154 153 153 GLU GLU A . n 
A 1 155 VAL 155 154 154 VAL VAL A . n 
A 1 156 LYS 156 155 155 LYS LYS A . n 
A 1 157 GLU 157 156 156 GLU GLU A . n 
A 1 158 VAL 158 157 157 VAL VAL A . n 
A 1 159 ASP 159 158 158 ASP ASP A . n 
A 1 160 GLU 160 159 ?   ?   ?   A . n 
A 1 161 LEU 161 160 ?   ?   ?   A . n 
A 1 162 ASN 162 161 ?   ?   ?   A . n 
A 1 163 LYS 163 162 ?   ?   ?   A . n 
# 
loop_
_pdbx_nonpoly_scheme.asym_id 
_pdbx_nonpoly_scheme.entity_id 
_pdbx_nonpoly_scheme.mon_id 
_pdbx_nonpoly_scheme.ndb_seq_num 
_pdbx_nonpoly_scheme.pdb_seq_num 
_pdbx_nonpoly_scheme.auth_seq_num 
_pdbx_nonpoly_scheme.pdb_mon_id 
_pdbx_nonpoly_scheme.auth_mon_id 
_pdbx_nonpoly_scheme.pdb_strand_id 
_pdbx_nonpoly_scheme.pdb_ins_code 
B 2 ZN  1  163 1  ZN  ZN  A . 
C 3 CL  1  164 2  CL  CL  A . 
D 4 ACT 1  165 3  ACT ACT A . 
E 5 GOL 1  166 4  GOL GOL A . 
F 5 GOL 1  167 5  GOL GOL A . 
G 6 HOH 1  168 6  HOH HOH A . 
G 6 HOH 2  169 7  HOH HOH A . 
G 6 HOH 3  170 8  HOH HOH A . 
G 6 HOH 4  171 9  HOH HOH A . 
G 6 HOH 5  172 10 HOH HOH A . 
G 6 HOH 6  173 11 HOH HOH A . 
G 6 HOH 7  174 12 HOH HOH A . 
G 6 HOH 8  175 13 HOH HOH A . 
G 6 HOH 9  176 14 HOH HOH A . 
G 6 HOH 10 177 15 HOH HOH A . 
G 6 HOH 11 178 16 HOH HOH A . 
G 6 HOH 12 179 17 HOH HOH A . 
G 6 HOH 13 180 18 HOH HOH A . 
G 6 HOH 14 181 19 HOH HOH A . 
G 6 HOH 15 182 20 HOH HOH A . 
G 6 HOH 16 183 21 HOH HOH A . 
G 6 HOH 17 184 22 HOH HOH A . 
G 6 HOH 18 185 23 HOH HOH A . 
G 6 HOH 19 186 24 HOH HOH A . 
G 6 HOH 20 187 25 HOH HOH A . 
G 6 HOH 21 188 26 HOH HOH A . 
G 6 HOH 22 189 27 HOH HOH A . 
G 6 HOH 23 190 28 HOH HOH A . 
G 6 HOH 24 191 29 HOH HOH A . 
G 6 HOH 25 192 30 HOH HOH A . 
G 6 HOH 26 193 31 HOH HOH A . 
G 6 HOH 27 194 32 HOH HOH A . 
G 6 HOH 28 195 33 HOH HOH A . 
G 6 HOH 29 196 34 HOH HOH A . 
G 6 HOH 30 197 35 HOH HOH A . 
G 6 HOH 31 198 36 HOH HOH A . 
G 6 HOH 32 199 37 HOH HOH A . 
G 6 HOH 33 200 38 HOH HOH A . 
G 6 HOH 34 201 39 HOH HOH A . 
G 6 HOH 35 202 40 HOH HOH A . 
G 6 HOH 36 203 41 HOH HOH A . 
G 6 HOH 37 204 42 HOH HOH A . 
G 6 HOH 38 205 43 HOH HOH A . 
G 6 HOH 39 206 44 HOH HOH A . 
G 6 HOH 40 207 45 HOH HOH A . 
G 6 HOH 41 208 46 HOH HOH A . 
G 6 HOH 42 209 47 HOH HOH A . 
G 6 HOH 43 210 48 HOH HOH A . 
G 6 HOH 44 211 49 HOH HOH A . 
G 6 HOH 45 212 50 HOH HOH A . 
G 6 HOH 46 213 51 HOH HOH A . 
G 6 HOH 47 214 52 HOH HOH A . 
G 6 HOH 48 215 53 HOH HOH A . 
G 6 HOH 49 216 54 HOH HOH A . 
G 6 HOH 50 217 55 HOH HOH A . 
G 6 HOH 51 218 56 HOH HOH A . 
G 6 HOH 52 219 57 HOH HOH A . 
G 6 HOH 53 220 58 HOH HOH A . 
G 6 HOH 54 221 59 HOH HOH A . 
G 6 HOH 55 222 60 HOH HOH A . 
G 6 HOH 56 223 61 HOH HOH A . 
G 6 HOH 57 224 62 HOH HOH A . 
G 6 HOH 58 225 63 HOH HOH A . 
G 6 HOH 59 226 64 HOH HOH A . 
G 6 HOH 60 227 65 HOH HOH A . 
G 6 HOH 61 228 66 HOH HOH A . 
G 6 HOH 62 229 67 HOH HOH A . 
G 6 HOH 63 230 68 HOH HOH A . 
G 6 HOH 64 231 69 HOH HOH A . 
G 6 HOH 65 232 70 HOH HOH A . 
G 6 HOH 66 233 71 HOH HOH A . 
G 6 HOH 67 234 72 HOH HOH A . 
G 6 HOH 68 235 73 HOH HOH A . 
G 6 HOH 69 236 74 HOH HOH A . 
G 6 HOH 70 237 75 HOH HOH A . 
G 6 HOH 71 238 76 HOH HOH A . 
G 6 HOH 72 239 77 HOH HOH A . 
G 6 HOH 73 240 78 HOH HOH A . 
G 6 HOH 74 241 79 HOH HOH A . 
G 6 HOH 75 242 80 HOH HOH A . 
G 6 HOH 76 243 81 HOH HOH A . 
G 6 HOH 77 244 82 HOH HOH A . 
G 6 HOH 78 245 83 HOH HOH A . 
G 6 HOH 79 246 84 HOH HOH A . 
G 6 HOH 80 247 85 HOH HOH A . 
G 6 HOH 81 248 86 HOH HOH A . 
# 
loop_
_pdbx_unobs_or_zero_occ_atoms.id 
_pdbx_unobs_or_zero_occ_atoms.PDB_model_num 
_pdbx_unobs_or_zero_occ_atoms.polymer_flag 
_pdbx_unobs_or_zero_occ_atoms.occupancy_flag 
_pdbx_unobs_or_zero_occ_atoms.auth_asym_id 
_pdbx_unobs_or_zero_occ_atoms.auth_comp_id 
_pdbx_unobs_or_zero_occ_atoms.auth_seq_id 
_pdbx_unobs_or_zero_occ_atoms.PDB_ins_code 
_pdbx_unobs_or_zero_occ_atoms.auth_atom_id 
_pdbx_unobs_or_zero_occ_atoms.label_alt_id 
_pdbx_unobs_or_zero_occ_atoms.label_asym_id 
_pdbx_unobs_or_zero_occ_atoms.label_comp_id 
_pdbx_unobs_or_zero_occ_atoms.label_seq_id 
_pdbx_unobs_or_zero_occ_atoms.label_atom_id 
1  1 Y 1 A ARG 16  ? CD  ? A ARG 17  CD  
2  1 Y 1 A ARG 16  ? NE  ? A ARG 17  NE  
3  1 Y 1 A ARG 16  ? CZ  ? A ARG 17  CZ  
4  1 Y 1 A ARG 16  ? NH1 ? A ARG 17  NH1 
5  1 Y 1 A ARG 16  ? NH2 ? A ARG 17  NH2 
6  1 Y 1 A GLU 19  ? OE1 ? A GLU 20  OE1 
7  1 Y 1 A GLU 19  ? OE2 ? A GLU 20  OE2 
8  1 Y 1 A LYS 44  ? CG  ? A LYS 45  CG  
9  1 Y 1 A LYS 44  ? CD  ? A LYS 45  CD  
10 1 Y 1 A LYS 44  ? CE  ? A LYS 45  CE  
11 1 Y 1 A LYS 44  ? NZ  ? A LYS 45  NZ  
12 1 Y 1 A SER 48  ? OG  ? A SER 49  OG  
13 1 Y 1 A LYS 61  ? NZ  ? A LYS 62  NZ  
14 1 Y 1 A LYS 66  ? CD  ? A LYS 67  CD  
15 1 Y 1 A LYS 66  ? CE  ? A LYS 67  CE  
16 1 Y 1 A LYS 66  ? NZ  ? A LYS 67  NZ  
17 1 Y 1 A LYS 73  ? NZ  ? A LYS 74  NZ  
18 1 Y 1 A GLU 113 ? OE1 ? A GLU 114 OE1 
19 1 Y 1 A GLU 113 ? OE2 ? A GLU 114 OE2 
# 
loop_
_software.name 
_software.version 
_software.date 
_software.type 
_software.contact_author 
_software.contact_author_email 
_software.classification 
_software.location 
_software.language 
_software.citation_id 
_software.pdbx_ordinal 
MolProbity  3beta29  ?                package 'D.C. & J.S. Richardson lab' molprobity@kinemage.biochem.duke.edu 'model building'  
http://kinemage.biochem.duke.edu/molprobity/                       ?          ? 1 
REFMAC      5.2.0019 ?                program 'Murshudov, G.N.'            ccp4@dl.ac.uk                        refinement        
http://www.ccp4.ac.uk/main.html                                    Fortran_77 ? 2 
XSCALE      .        ?                package 'Wolfgang Kabsch'            ?                                    'data scaling'    
http://www.mpimf-heidelberg.mpg.de/~kabsch/xds/xscale_program.html ?          ? 3 
PDB_EXTRACT 2.000    'April. 3, 2006' package PDB                          sw-help@rcsb.rutgers.edu             'data extraction' 
http://pdb.rutgers.edu/software/                                   C++        ? 4 
MAR345      CCD      ?                ?       ?                            ?                                    'data collection' 
?                                                                  ?          ? 5 
XDS         .        ?                ?       ?                            ?                                    'data reduction'  
?                                                                  ?          ? 6 
PHASER      .        ?                ?       ?                            ?                                    phasing           
?                                                                  ?          ? 7 
# 
_cell.entry_id           2OSO 
_cell.length_a           42.100 
_cell.length_b           42.100 
_cell.length_c           172.400 
_cell.angle_alpha        90.000 
_cell.angle_beta         90.000 
_cell.angle_gamma        120.000 
_cell.pdbx_unique_axis   ? 
_cell.Z_PDB              6 
_cell.length_a_esd       ? 
_cell.length_b_esd       ? 
_cell.length_c_esd       ? 
_cell.angle_alpha_esd    ? 
_cell.angle_beta_esd     ? 
_cell.angle_gamma_esd    ? 
# 
_symmetry.entry_id                         2OSO 
_symmetry.Int_Tables_number                152 
_symmetry.space_group_name_H-M             'P 31 2 1' 
_symmetry.pdbx_full_space_group_name_H-M   ? 
_symmetry.cell_setting                     ? 
_symmetry.space_group_name_Hall            ? 
# 
_exptl.crystals_number   1 
_exptl.method            'X-RAY DIFFRACTION' 
_exptl.entry_id          2OSO 
# 
_exptl_crystal.id                    1 
_exptl_crystal.density_Matthews      2.30 
_exptl_crystal.density_meas          ? 
_exptl_crystal.density_percent_sol   46.42 
_exptl_crystal.description           
;TWO CRYSTALS WERE USED FOR THE SOLUTION OF THIS STRUCTURE. A 2.30 ANGSTROM MAD DATA COLLECTED FROM ONE CRYSTAL WAS USED TO PHASE AND TRACE AN INITIAL MODEL. THE MODEL WAS THEN REFINED USING THE AMPLITUDES FROM A SECOND CRYSTAL THAT DIFFRACTED TO AN ENHANCED RESOLUTION OF 1.90 ANGSTROM.
;
_exptl_crystal.F_000                 ? 
_exptl_crystal.preparation           ? 
# 
_exptl_crystal_grow.crystal_id      1 
_exptl_crystal_grow.method          'VAPOR DIFFUSION, SITTING DROP' 
_exptl_crystal_grow.pH              8.5 
_exptl_crystal_grow.temp            277 
_exptl_crystal_grow.pdbx_details    
'NANODROP, 15.0% Glycerol, 0.17M NaOAc, 25.5% PEG 4000, 0.1M TRIS-HCL pH 8.5, VAPOR DIFFUSION, SITTING DROP, temperature 277K' 
_exptl_crystal_grow.temp_details    ? 
_exptl_crystal_grow.pdbx_pH_range   . 
# 
_diffrn.id                     1 
_diffrn.ambient_temp           100 
_diffrn.ambient_temp_details   ? 
_diffrn.crystal_id             1 
# 
_diffrn_detector.diffrn_id              1 
_diffrn_detector.detector               CCD 
_diffrn_detector.type                   'MARMOSAIC 325 mm CCD' 
_diffrn_detector.details                'Flat mirror (vertical focusing)' 
_diffrn_detector.pdbx_collection_date   2007-01-19 
# 
_diffrn_radiation.diffrn_id                        1 
_diffrn_radiation.pdbx_monochromatic_or_laue_m_l   M 
_diffrn_radiation.monochromator                    'Single crystal Si(111) bent (horizontal focusing)' 
_diffrn_radiation.pdbx_diffrn_protocol             'SINGLE WAVELENGTH' 
_diffrn_radiation.wavelength_id                    1 
_diffrn_radiation.pdbx_scattering_type             x-ray 
# 
_diffrn_radiation_wavelength.id           1 
_diffrn_radiation_wavelength.wavelength   0.91162 
_diffrn_radiation_wavelength.wt           1.0 
# 
_diffrn_source.diffrn_id                   1 
_diffrn_source.source                      SYNCHROTRON 
_diffrn_source.pdbx_synchrotron_beamline   BL11-1 
_diffrn_source.type                        'SSRL BEAMLINE BL11-1' 
_diffrn_source.pdbx_wavelength             ? 
_diffrn_source.pdbx_wavelength_list        0.91162 
_diffrn_source.pdbx_synchrotron_site       SSRL 
# 
_reflns.entry_id                     2OSO 
_reflns.d_resolution_high            1.890 
_reflns.d_resolution_low             28.736 
_reflns.number_obs                   14775 
_reflns.pdbx_Rmerge_I_obs            0.066 
_reflns.pdbx_netI_over_sigmaI        16.150 
_reflns.percent_possible_obs         96.000 
_reflns.B_iso_Wilson_estimate        32.942 
_reflns.observed_criterion_sigma_F   ? 
_reflns.observed_criterion_sigma_I   ? 
_reflns.number_all                   ? 
_reflns.pdbx_Rsym_value              ? 
_reflns.pdbx_redundancy              ? 
_reflns.R_free_details               ? 
_reflns.limit_h_max                  ? 
_reflns.limit_h_min                  ? 
_reflns.limit_k_max                  ? 
_reflns.limit_k_min                  ? 
_reflns.limit_l_max                  ? 
_reflns.limit_l_min                  ? 
_reflns.observed_criterion_F_max     ? 
_reflns.observed_criterion_F_min     ? 
_reflns.pdbx_chi_squared             ? 
_reflns.pdbx_scaling_rejects         ? 
_reflns.pdbx_ordinal                 1 
_reflns.pdbx_diffrn_id               1 
# 
loop_
_reflns_shell.d_res_high 
_reflns_shell.d_res_low 
_reflns_shell.number_measured_obs 
_reflns_shell.number_measured_all 
_reflns_shell.number_unique_obs 
_reflns_shell.Rmerge_I_obs 
_reflns_shell.meanI_over_sigI_obs 
_reflns_shell.pdbx_Rsym_value 
_reflns_shell.pdbx_chi_squared 
_reflns_shell.pdbx_redundancy 
_reflns_shell.percent_possible_obs 
_reflns_shell.number_unique_all 
_reflns_shell.percent_possible_all 
_reflns_shell.pdbx_ordinal 
_reflns_shell.pdbx_diffrn_id 
1.89 1.96 6303  ? ? 0.504 2.5  ? ? ? ? 1949 69.40 1 1 
1.96 2.04 10706 ? ? 0.395 3.6  ? ? ? ? 2666 96.00 2 1 
2.04 2.13 11455 ? ? 0.32  4.8  ? ? ? ? 2611 98.50 3 1 
2.13 2.24 13035 ? ? 0.248 6.5  ? ? ? ? 2656 99.40 4 1 
2.24 2.38 15599 ? ? 0.202 9.1  ? ? ? ? 2736 99.70 5 1 
2.38 2.56 15244 ? ? 0.15  12.0 ? ? ? ? 2669 99.70 6 1 
2.56 2.82 16031 ? ? 0.112 15.3 ? ? ? ? 2819 99.70 7 1 
2.82 3.23 15652 ? ? 0.068 23.5 ? ? ? ? 2756 99.60 8 1 
3.23 ?    15404 ? ? 0.039 35.4 ? ? ? ? 2693 99.80 9 1 
# 
_refine.entry_id                                 2OSO 
_refine.ls_d_res_high                            1.900 
_refine.ls_d_res_low                             28.736 
_refine.pdbx_ls_sigma_F                          0.00 
_refine.ls_percent_reflns_obs                    99.350 
_refine.ls_number_reflns_obs                     14719 
_refine.pdbx_ls_cross_valid_method               THROUGHOUT 
_refine.pdbx_R_Free_selection_details            RANDOM 
_refine.details                                  
;1. HYDROGENS HAVE BEEN ADDED IN RIDING POSITIONS. 
2. ATOM RECORD CONTAINS RESIDUAL B FACTORS ONLY. 
3. A MET-INHIBITION PROTOCOL WAS USED FOR SELENOMETHIONINE 
INCORPORATION DURING PROTEIN EXPRESSION. THE OCCUPANCY 
OF THE SE ATOMS IN THE MSE RESIDUES WAS REDUCED TO 0.75 
TO ACCOUNT FOR THE REDUCED SCATTERING POWER DUE TO PARTIAL 
S-MET INCORPORATION. 
4. RESIDUES 45-46 ARE DISORDERED AND NOT VISIBLE 
IN THE ELECTRON DENSITY MAPS. THEY WERE NOT MODELED. 
5. TWO GLYCEROLS, ONE ACETATE, ONE CL ION FROM THE 
CRYSTALLIZATION BUFFER WERE MODELED INTO THE STRUCTURE. 
6. A ZN ATOM OF THE SUBUNIT IN THE ASYMMETRIC UNIT 
IS COORDINATED TO THE SIDE CHAINS OF HIS 116, GLU 139, 
CYS 142 AND CYS 150. X-RAY FLUORESCENCE EXPERIMENTS SUPPORT 
THE ASSIGNMENT OF THE ZINC ION.
;
_refine.ls_R_factor_all                          0.192 
_refine.ls_R_factor_R_work                       0.189 
_refine.ls_R_factor_R_free                       0.245 
_refine.ls_percent_reflns_R_free                 5.000 
_refine.ls_number_reflns_R_free                  743 
_refine.B_iso_mean                               24.066 
_refine.aniso_B[1][1]                            1.270 
_refine.aniso_B[2][2]                            1.270 
_refine.aniso_B[3][3]                            -1.900 
_refine.aniso_B[1][2]                            0.630 
_refine.aniso_B[1][3]                            0.000 
_refine.aniso_B[2][3]                            0.000 
_refine.correlation_coeff_Fo_to_Fc               0.957 
_refine.correlation_coeff_Fo_to_Fc_free          0.926 
_refine.pdbx_overall_ESU_R                       0.152 
_refine.pdbx_overall_ESU_R_Free                  0.151 
_refine.overall_SU_ML                            0.116 
_refine.overall_SU_B                             7.428 
_refine.solvent_model_details                    MASK 
_refine.pdbx_solvent_vdw_probe_radii             1.200 
_refine.pdbx_solvent_ion_probe_radii             0.800 
_refine.pdbx_solvent_shrinkage_radii             0.800 
_refine.pdbx_method_to_determine_struct          'MOLECULAR REPLACEMENT' 
_refine.pdbx_stereochemistry_target_values       'MAXIMUM LIKELIHOOD' 
_refine.pdbx_starting_model                      'PDB entry 2OSD' 
_refine.pdbx_ls_sigma_I                          ? 
_refine.ls_number_reflns_all                     ? 
_refine.ls_R_factor_obs                          0.192 
_refine.ls_redundancy_reflns_obs                 ? 
_refine.pdbx_data_cutoff_high_absF               ? 
_refine.pdbx_data_cutoff_low_absF                ? 
_refine.ls_number_parameters                     ? 
_refine.ls_number_restraints                     ? 
_refine.ls_R_factor_R_free_error                 ? 
_refine.ls_R_factor_R_free_error_details         ? 
_refine.pdbx_stereochem_target_val_spec_case     ? 
_refine.solvent_model_param_bsol                 ? 
_refine.solvent_model_param_ksol                 ? 
_refine.occupancy_max                            ? 
_refine.occupancy_min                            ? 
_refine.pdbx_isotropic_thermal_model             ? 
_refine.B_iso_min                                ? 
_refine.B_iso_max                                ? 
_refine.overall_SU_R_Cruickshank_DPI             ? 
_refine.overall_SU_R_free                        ? 
_refine.pdbx_data_cutoff_high_rms_absF           ? 
_refine.ls_wR_factor_R_free                      ? 
_refine.ls_wR_factor_R_work                      ? 
_refine.overall_FOM_free_R_set                   ? 
_refine.overall_FOM_work_R_set                   ? 
_refine.pdbx_refine_id                           'X-RAY DIFFRACTION' 
_refine.pdbx_TLS_residual_ADP_flag               'LIKELY RESIDUAL' 
_refine.pdbx_diffrn_id                           1 
_refine.pdbx_overall_phase_error                 ? 
_refine.pdbx_overall_SU_R_free_Cruickshank_DPI   ? 
_refine.pdbx_overall_SU_R_Blow_DPI               ? 
_refine.pdbx_overall_SU_R_free_Blow_DPI          ? 
# 
_refine_hist.pdbx_refine_id                   'X-RAY DIFFRACTION' 
_refine_hist.cycle_id                         LAST 
_refine_hist.pdbx_number_atoms_protein        1263 
_refine_hist.pdbx_number_atoms_nucleic_acid   0 
_refine_hist.pdbx_number_atoms_ligand         18 
_refine_hist.number_atoms_solvent             81 
_refine_hist.number_atoms_total               1362 
_refine_hist.d_res_high                       1.900 
_refine_hist.d_res_low                        28.736 
# 
loop_
_refine_ls_restr.type 
_refine_ls_restr.number 
_refine_ls_restr.dev_ideal 
_refine_ls_restr.dev_ideal_target 
_refine_ls_restr.weight 
_refine_ls_restr.pdbx_refine_id 
_refine_ls_restr.pdbx_restraint_function 
r_bond_refined_d         1369 0.018  0.022  ? 'X-RAY DIFFRACTION' ? 
r_bond_other_d           960  0.001  0.020  ? 'X-RAY DIFFRACTION' ? 
r_angle_refined_deg      1846 1.615  2.000  ? 'X-RAY DIFFRACTION' ? 
r_angle_other_deg        2373 0.954  3.000  ? 'X-RAY DIFFRACTION' ? 
r_dihedral_angle_1_deg   168  6.228  5.000  ? 'X-RAY DIFFRACTION' ? 
r_dihedral_angle_2_deg   57   42.677 26.316 ? 'X-RAY DIFFRACTION' ? 
r_dihedral_angle_3_deg   263  16.509 15.000 ? 'X-RAY DIFFRACTION' ? 
r_chiral_restr           198  0.095  0.200  ? 'X-RAY DIFFRACTION' ? 
r_gen_planes_refined     1490 0.007  0.020  ? 'X-RAY DIFFRACTION' ? 
r_gen_planes_other       253  0.002  0.020  ? 'X-RAY DIFFRACTION' ? 
r_nbd_refined            281  0.207  0.200  ? 'X-RAY DIFFRACTION' ? 
r_nbd_other              919  0.169  0.200  ? 'X-RAY DIFFRACTION' ? 
r_nbtor_refined          649  0.185  0.200  ? 'X-RAY DIFFRACTION' ? 
r_nbtor_other            673  0.090  0.200  ? 'X-RAY DIFFRACTION' ? 
r_xyhbond_nbd_refined    57   0.196  0.200  ? 'X-RAY DIFFRACTION' ? 
r_metal_ion_refined      2    0.097  0.200  ? 'X-RAY DIFFRACTION' ? 
r_symmetry_vdw_refined   15   0.226  0.200  ? 'X-RAY DIFFRACTION' ? 
r_symmetry_vdw_other     58   0.154  0.200  ? 'X-RAY DIFFRACTION' ? 
r_symmetry_hbond_refined 14   0.177  0.200  ? 'X-RAY DIFFRACTION' ? 
r_mcbond_it              934  1.579  2.000  ? 'X-RAY DIFFRACTION' ? 
r_mcbond_other           327  0.342  2.000  ? 'X-RAY DIFFRACTION' ? 
r_mcangle_it             1350 2.231  3.000  ? 'X-RAY DIFFRACTION' ? 
r_scbond_it              602  1.579  2.000  ? 'X-RAY DIFFRACTION' ? 
r_scangle_it             496  2.251  3.000  ? 'X-RAY DIFFRACTION' ? 
# 
_refine_ls_shell.d_res_high                       1.900 
_refine_ls_shell.d_res_low                        1.949 
_refine_ls_shell.pdbx_total_number_of_bins_used   20 
_refine_ls_shell.percent_reflns_obs               93.520 
_refine_ls_shell.number_reflns_R_work             939 
_refine_ls_shell.R_factor_all                     ? 
_refine_ls_shell.R_factor_R_work                  0.26 
_refine_ls_shell.R_factor_R_free                  0.307 
_refine_ls_shell.percent_reflns_R_free            ? 
_refine_ls_shell.number_reflns_R_free             57 
_refine_ls_shell.R_factor_R_free_error            ? 
_refine_ls_shell.number_reflns_all                ? 
_refine_ls_shell.number_reflns_obs                996 
_refine_ls_shell.redundancy_reflns_obs            ? 
_refine_ls_shell.pdbx_refine_id                   'X-RAY DIFFRACTION' 
# 
_struct.entry_id                  2OSO 
_struct.title                     
'Crystal structure of a vinyl-4-reductase family protein (mj_1460) from methanocaldococcus jannaschii dsm at 1.90 A resolution' 
_struct.pdbx_model_details        ? 
_struct.pdbx_CASP_flag            ? 
_struct.pdbx_model_type_details   ? 
# 
_struct_keywords.text            
'Structural genomics, Joint Center for Structural Genomics, JCSG, Protein Structure Initiative, PSI-2, metal binding protein' 
_struct_keywords.pdbx_keywords   'METAL BINDING PROTEIN' 
_struct_keywords.entry_id        2OSO 
# 
loop_
_struct_asym.id 
_struct_asym.pdbx_blank_PDB_chainid_flag 
_struct_asym.pdbx_modified 
_struct_asym.entity_id 
_struct_asym.details 
A N N 1 ? 
B N N 2 ? 
C N N 3 ? 
D N N 4 ? 
E N N 5 ? 
F N N 5 ? 
G N N 6 ? 
# 
_struct_ref.id                         1 
_struct_ref.db_name                    UNP 
_struct_ref.db_code                    Y1460_METJA 
_struct_ref.pdbx_db_accession          Q58855 
_struct_ref.entity_id                  1 
_struct_ref.pdbx_seq_one_letter_code   
;MAFMEKIFPDILEAIRNEEIIKESKKIPMPYFGLFALVIFDKVKELGSETSLYEIGEEFGKMLSPKNIEELKKIFKLMNF
GDLEIDENKILLKNPPYKIKLSNPPYQWVSKEEPIHDFIAGILAGCLEEIFKKKFVVNEVECVSQGKDKCVFEVKEVDEL
NK
;
_struct_ref.pdbx_align_begin           1 
_struct_ref.pdbx_db_isoform            ? 
# 
_struct_ref_seq.align_id                      1 
_struct_ref_seq.ref_id                        1 
_struct_ref_seq.pdbx_PDB_id_code              2OSO 
_struct_ref_seq.pdbx_strand_id                A 
_struct_ref_seq.seq_align_beg                 2 
_struct_ref_seq.pdbx_seq_align_beg_ins_code   ? 
_struct_ref_seq.seq_align_end                 163 
_struct_ref_seq.pdbx_seq_align_end_ins_code   ? 
_struct_ref_seq.pdbx_db_accession             Q58855 
_struct_ref_seq.db_align_beg                  1 
_struct_ref_seq.pdbx_db_align_beg_ins_code    ? 
_struct_ref_seq.db_align_end                  162 
_struct_ref_seq.pdbx_db_align_end_ins_code    ? 
_struct_ref_seq.pdbx_auth_seq_align_beg       1 
_struct_ref_seq.pdbx_auth_seq_align_end       162 
# 
loop_
_struct_ref_seq_dif.align_id 
_struct_ref_seq_dif.pdbx_pdb_id_code 
_struct_ref_seq_dif.mon_id 
_struct_ref_seq_dif.pdbx_pdb_strand_id 
_struct_ref_seq_dif.seq_num 
_struct_ref_seq_dif.pdbx_pdb_ins_code 
_struct_ref_seq_dif.pdbx_seq_db_name 
_struct_ref_seq_dif.pdbx_seq_db_accession_code 
_struct_ref_seq_dif.db_mon_id 
_struct_ref_seq_dif.pdbx_seq_db_seq_num 
_struct_ref_seq_dif.details 
_struct_ref_seq_dif.pdbx_auth_seq_num 
_struct_ref_seq_dif.pdbx_ordinal 
1 2OSO GLY A 1   ? UNP Q58855 ?   ?   'expression tag'      0   1 
1 2OSO MSE A 2   ? UNP Q58855 MET 1   'modified residue'    1   2 
1 2OSO MSE A 5   ? UNP Q58855 MET 4   'modified residue'    4   3 
1 2OSO MSE A 30  ? UNP Q58855 MET 29  'modified residue'    29  4 
1 2OSO MSE A 63  ? UNP Q58855 MET 62  'modified residue'    62  5 
1 2OSO MSE A 79  ? UNP Q58855 MET 78  'modified residue'    78  6 
1 2OSO TYR A 133 ? UNP Q58855 LYS 132 'engineered mutation' 132 7 
1 2OSO TYR A 134 ? UNP Q58855 LYS 133 'engineered mutation' 133 8 
1 2OSO TYR A 135 ? UNP Q58855 LYS 134 'engineered mutation' 134 9 
# 
_pdbx_struct_assembly.id                   1 
_pdbx_struct_assembly.details              author_and_software_defined_assembly 
_pdbx_struct_assembly.method_details       PISA,PQS 
_pdbx_struct_assembly.oligomeric_details   dimeric 
_pdbx_struct_assembly.oligomeric_count     2 
# 
loop_
_pdbx_struct_assembly_prop.biol_id 
_pdbx_struct_assembly_prop.type 
_pdbx_struct_assembly_prop.value 
_pdbx_struct_assembly_prop.details 
1 'ABSA (A^2)' 7990  ? 
1 MORE         -89   ? 
1 'SSA (A^2)'  14950 ? 
# 
_pdbx_struct_assembly_gen.assembly_id       1 
_pdbx_struct_assembly_gen.oper_expression   1,2 
_pdbx_struct_assembly_gen.asym_id_list      A,B,C,D,E,F,G 
# 
loop_
_pdbx_struct_oper_list.id 
_pdbx_struct_oper_list.type 
_pdbx_struct_oper_list.name 
_pdbx_struct_oper_list.symmetry_operation 
_pdbx_struct_oper_list.matrix[1][1] 
_pdbx_struct_oper_list.matrix[1][2] 
_pdbx_struct_oper_list.matrix[1][3] 
_pdbx_struct_oper_list.vector[1] 
_pdbx_struct_oper_list.matrix[2][1] 
_pdbx_struct_oper_list.matrix[2][2] 
_pdbx_struct_oper_list.matrix[2][3] 
_pdbx_struct_oper_list.vector[2] 
_pdbx_struct_oper_list.matrix[3][1] 
_pdbx_struct_oper_list.matrix[3][2] 
_pdbx_struct_oper_list.matrix[3][3] 
_pdbx_struct_oper_list.vector[3] 
1 'identity operation'         1_555 x,y,z  1.0000000000 0.0000000000 0.0000000000 0.0000000000 0.0000000000 1.0000000000  0.0000000000 0.0000000000   0.0000000000 0.0000000000 1.0000000000  0.0000000000  
2 'crystal symmetry operation' 4_555 y,x,-z 0.9700227628 0.2223582196 0.0980441837 1.9372381469 0.2223582196 -0.9749022302 0.0110663341 -21.7162017445 0.0980441837 0.0110663341 -0.9951205326 10.3256784049 
# 
_struct_biol.id   1 
# 
loop_
_struct_conf.conf_type_id 
_struct_conf.id 
_struct_conf.pdbx_PDB_helix_id 
_struct_conf.beg_label_comp_id 
_struct_conf.beg_label_asym_id 
_struct_conf.beg_label_seq_id 
_struct_conf.pdbx_beg_PDB_ins_code 
_struct_conf.end_label_comp_id 
_struct_conf.end_label_asym_id 
_struct_conf.end_label_seq_id 
_struct_conf.pdbx_end_PDB_ins_code 
_struct_conf.beg_auth_comp_id 
_struct_conf.beg_auth_asym_id 
_struct_conf.beg_auth_seq_id 
_struct_conf.end_auth_comp_id 
_struct_conf.end_auth_asym_id 
_struct_conf.end_auth_seq_id 
_struct_conf.pdbx_PDB_helix_class 
_struct_conf.details 
_struct_conf.pdbx_PDB_helix_length 
HELX_P HELX_P1 1 ILE A 8   ? ILE A 16  ? ILE A 7   ILE A 15  1 ? 9  
HELX_P HELX_P2 2 ASN A 18  ? SER A 25  ? ASN A 17  SER A 24  1 ? 8  
HELX_P HELX_P3 3 PRO A 29  ? LYS A 45  ? PRO A 28  LYS A 44  1 ? 17 
HELX_P HELX_P4 4 SER A 52  ? SER A 65  ? SER A 51  SER A 64  1 ? 14 
HELX_P HELX_P5 5 ASN A 68  ? MSE A 79  ? ASN A 67  MSE A 78  1 ? 12 
HELX_P HELX_P6 6 ASP A 87  ? LYS A 94  ? ASP A 86  LYS A 93  1 ? 8  
HELX_P HELX_P7 7 HIS A 117 ? TYR A 133 ? HIS A 116 TYR A 132 1 ? 17 
HELX_P HELX_P8 8 CYS A 143 ? GLY A 147 ? CYS A 142 GLY A 146 5 ? 5  
# 
_struct_conf_type.id          HELX_P 
_struct_conf_type.criteria    ? 
_struct_conf_type.reference   ? 
# 
loop_
_struct_conn.id 
_struct_conn.conn_type_id 
_struct_conn.pdbx_leaving_atom_flag 
_struct_conn.pdbx_PDB_id 
_struct_conn.ptnr1_label_asym_id 
_struct_conn.ptnr1_label_comp_id 
_struct_conn.ptnr1_label_seq_id 
_struct_conn.ptnr1_label_atom_id 
_struct_conn.pdbx_ptnr1_label_alt_id 
_struct_conn.pdbx_ptnr1_PDB_ins_code 
_struct_conn.pdbx_ptnr1_standard_comp_id 
_struct_conn.ptnr1_symmetry 
_struct_conn.ptnr2_label_asym_id 
_struct_conn.ptnr2_label_comp_id 
_struct_conn.ptnr2_label_seq_id 
_struct_conn.ptnr2_label_atom_id 
_struct_conn.pdbx_ptnr2_label_alt_id 
_struct_conn.pdbx_ptnr2_PDB_ins_code 
_struct_conn.ptnr1_auth_asym_id 
_struct_conn.ptnr1_auth_comp_id 
_struct_conn.ptnr1_auth_seq_id 
_struct_conn.ptnr2_auth_asym_id 
_struct_conn.ptnr2_auth_comp_id 
_struct_conn.ptnr2_auth_seq_id 
_struct_conn.ptnr2_symmetry 
_struct_conn.pdbx_ptnr3_label_atom_id 
_struct_conn.pdbx_ptnr3_label_seq_id 
_struct_conn.pdbx_ptnr3_label_comp_id 
_struct_conn.pdbx_ptnr3_label_asym_id 
_struct_conn.pdbx_ptnr3_label_alt_id 
_struct_conn.pdbx_ptnr3_PDB_ins_code 
_struct_conn.details 
_struct_conn.pdbx_dist_value 
_struct_conn.pdbx_value_order 
_struct_conn.pdbx_role 
covale1  covale both ? A GLY 1   C   ? ? ? 1_555 A MSE 2  N  ? ? A GLY 0   A MSE 1   1_555 ? ? ? ? ? ? ? 1.329 ? ? 
covale2  covale both ? A MSE 2   C   ? ? ? 1_555 A ALA 3  N  ? ? A MSE 1   A ALA 2   1_555 ? ? ? ? ? ? ? 1.337 ? ? 
covale3  covale both ? A PHE 4   C   ? ? ? 1_555 A MSE 5  N  ? ? A PHE 3   A MSE 4   1_555 ? ? ? ? ? ? ? 1.323 ? ? 
covale4  covale both ? A MSE 5   C   ? ? ? 1_555 A GLU 6  N  ? ? A MSE 4   A GLU 5   1_555 ? ? ? ? ? ? ? 1.338 ? ? 
covale5  covale both ? A PRO 29  C   ? ? ? 1_555 A MSE 30 N  A ? A PRO 28  A MSE 29  1_555 ? ? ? ? ? ? ? 1.334 ? ? 
covale6  covale both ? A PRO 29  C   ? ? ? 1_555 A MSE 30 N  B ? A PRO 28  A MSE 29  1_555 ? ? ? ? ? ? ? 1.326 ? ? 
covale7  covale both ? A MSE 30  C   A ? ? 1_555 A PRO 31 N  ? ? A MSE 29  A PRO 30  1_555 ? ? ? ? ? ? ? 1.339 ? ? 
covale8  covale both ? A MSE 30  C   B ? ? 1_555 A PRO 31 N  ? ? A MSE 29  A PRO 30  1_555 ? ? ? ? ? ? ? 1.337 ? ? 
covale9  covale both ? A LYS 62  C   A ? ? 1_555 A MSE 63 N  A ? A LYS 61  A MSE 62  1_555 ? ? ? ? ? ? ? 1.335 ? ? 
covale10 covale both ? A LYS 62  C   B ? ? 1_555 A MSE 63 N  B ? A LYS 61  A MSE 62  1_555 ? ? ? ? ? ? ? 1.331 ? ? 
covale11 covale both ? A MSE 63  C   B ? ? 1_555 A LEU 64 N  ? ? A MSE 62  A LEU 63  1_555 ? ? ? ? ? ? ? 1.325 ? ? 
covale12 covale both ? A MSE 63  C   A ? ? 1_555 A LEU 64 N  ? ? A MSE 62  A LEU 63  1_555 ? ? ? ? ? ? ? 1.332 ? ? 
covale13 covale both ? A LEU 78  C   ? ? ? 1_555 A MSE 79 N  ? ? A LEU 77  A MSE 78  1_555 ? ? ? ? ? ? ? 1.331 ? ? 
covale14 covale both ? A MSE 79  C   ? ? ? 1_555 A ASN 80 N  ? ? A MSE 78  A ASN 79  1_555 ? ? ? ? ? ? ? 1.338 ? ? 
metalc1  metalc ?    ? A HIS 117 ND1 ? ? ? 1_555 B ZN  .  ZN ? ? A HIS 116 A ZN  163 1_555 ? ? ? ? ? ? ? 2.053 ? ? 
metalc2  metalc ?    ? A GLU 140 OE2 ? ? ? 1_555 B ZN  .  ZN ? ? A GLU 139 A ZN  163 1_555 ? ? ? ? ? ? ? 1.883 ? ? 
metalc3  metalc ?    ? A CYS 143 SG  ? ? ? 1_555 B ZN  .  ZN ? ? A CYS 142 A ZN  163 1_555 ? ? ? ? ? ? ? 2.357 ? ? 
metalc4  metalc ?    ? A CYS 151 SG  ? ? ? 1_555 B ZN  .  ZN ? ? A CYS 150 A ZN  163 1_555 ? ? ? ? ? ? ? 2.291 ? ? 
# 
loop_
_struct_conn_type.id 
_struct_conn_type.criteria 
_struct_conn_type.reference 
covale ? ? 
metalc ? ? 
# 
loop_
_pdbx_struct_conn_angle.id 
_pdbx_struct_conn_angle.ptnr1_label_atom_id 
_pdbx_struct_conn_angle.ptnr1_label_alt_id 
_pdbx_struct_conn_angle.ptnr1_label_asym_id 
_pdbx_struct_conn_angle.ptnr1_label_comp_id 
_pdbx_struct_conn_angle.ptnr1_label_seq_id 
_pdbx_struct_conn_angle.ptnr1_auth_atom_id 
_pdbx_struct_conn_angle.ptnr1_auth_asym_id 
_pdbx_struct_conn_angle.ptnr1_auth_comp_id 
_pdbx_struct_conn_angle.ptnr1_auth_seq_id 
_pdbx_struct_conn_angle.ptnr1_PDB_ins_code 
_pdbx_struct_conn_angle.ptnr1_symmetry 
_pdbx_struct_conn_angle.ptnr2_label_atom_id 
_pdbx_struct_conn_angle.ptnr2_label_alt_id 
_pdbx_struct_conn_angle.ptnr2_label_asym_id 
_pdbx_struct_conn_angle.ptnr2_label_comp_id 
_pdbx_struct_conn_angle.ptnr2_label_seq_id 
_pdbx_struct_conn_angle.ptnr2_auth_atom_id 
_pdbx_struct_conn_angle.ptnr2_auth_asym_id 
_pdbx_struct_conn_angle.ptnr2_auth_comp_id 
_pdbx_struct_conn_angle.ptnr2_auth_seq_id 
_pdbx_struct_conn_angle.ptnr2_PDB_ins_code 
_pdbx_struct_conn_angle.ptnr2_symmetry 
_pdbx_struct_conn_angle.ptnr3_label_atom_id 
_pdbx_struct_conn_angle.ptnr3_label_alt_id 
_pdbx_struct_conn_angle.ptnr3_label_asym_id 
_pdbx_struct_conn_angle.ptnr3_label_comp_id 
_pdbx_struct_conn_angle.ptnr3_label_seq_id 
_pdbx_struct_conn_angle.ptnr3_auth_atom_id 
_pdbx_struct_conn_angle.ptnr3_auth_asym_id 
_pdbx_struct_conn_angle.ptnr3_auth_comp_id 
_pdbx_struct_conn_angle.ptnr3_auth_seq_id 
_pdbx_struct_conn_angle.ptnr3_PDB_ins_code 
_pdbx_struct_conn_angle.ptnr3_symmetry 
_pdbx_struct_conn_angle.value 
_pdbx_struct_conn_angle.value_esd 
1 ND1 ? A HIS 117 ? A HIS 116 ? 1_555 ZN ? B ZN . ? A ZN 163 ? 1_555 OE2 ? A GLU 140 ? A GLU 139 ? 1_555 121.5 ? 
2 ND1 ? A HIS 117 ? A HIS 116 ? 1_555 ZN ? B ZN . ? A ZN 163 ? 1_555 SG  ? A CYS 143 ? A CYS 142 ? 1_555 101.7 ? 
3 OE2 ? A GLU 140 ? A GLU 139 ? 1_555 ZN ? B ZN . ? A ZN 163 ? 1_555 SG  ? A CYS 143 ? A CYS 142 ? 1_555 108.6 ? 
4 ND1 ? A HIS 117 ? A HIS 116 ? 1_555 ZN ? B ZN . ? A ZN 163 ? 1_555 SG  ? A CYS 151 ? A CYS 150 ? 1_555 105.1 ? 
5 OE2 ? A GLU 140 ? A GLU 139 ? 1_555 ZN ? B ZN . ? A ZN 163 ? 1_555 SG  ? A CYS 151 ? A CYS 150 ? 1_555 104.1 ? 
6 SG  ? A CYS 143 ? A CYS 142 ? 1_555 ZN ? B ZN . ? A ZN 163 ? 1_555 SG  ? A CYS 151 ? A CYS 150 ? 1_555 116.6 ? 
# 
loop_
_pdbx_modification_feature.ordinal 
_pdbx_modification_feature.label_comp_id 
_pdbx_modification_feature.label_asym_id 
_pdbx_modification_feature.label_seq_id 
_pdbx_modification_feature.label_alt_id 
_pdbx_modification_feature.modified_residue_label_comp_id 
_pdbx_modification_feature.modified_residue_label_asym_id 
_pdbx_modification_feature.modified_residue_label_seq_id 
_pdbx_modification_feature.modified_residue_label_alt_id 
_pdbx_modification_feature.auth_comp_id 
_pdbx_modification_feature.auth_asym_id 
_pdbx_modification_feature.auth_seq_id 
_pdbx_modification_feature.PDB_ins_code 
_pdbx_modification_feature.symmetry 
_pdbx_modification_feature.modified_residue_auth_comp_id 
_pdbx_modification_feature.modified_residue_auth_asym_id 
_pdbx_modification_feature.modified_residue_auth_seq_id 
_pdbx_modification_feature.modified_residue_PDB_ins_code 
_pdbx_modification_feature.modified_residue_symmetry 
_pdbx_modification_feature.comp_id_linking_atom 
_pdbx_modification_feature.modified_residue_id_linking_atom 
_pdbx_modification_feature.modified_residue_id 
_pdbx_modification_feature.ref_pcm_id 
_pdbx_modification_feature.ref_comp_id 
_pdbx_modification_feature.type 
_pdbx_modification_feature.category 
1 MSE A 2  ? . . . . MSE A 1  ? 1_555 . . . . . . . MET 1 MSE Selenomethionine 'Named protein modification' 
2 MSE A 5  ? . . . . MSE A 4  ? 1_555 . . . . . . . MET 1 MSE Selenomethionine 'Named protein modification' 
3 MSE A 30 A . . . . MSE A 29 ? 1_555 . . . . . . . MET 1 MSE Selenomethionine 'Named protein modification' 
4 MSE A 30 B . . . . MSE A 29 ? 1_555 . . . . . . . MET 1 MSE Selenomethionine 'Named protein modification' 
5 MSE A 63 A . . . . MSE A 62 ? 1_555 . . . . . . . MET 1 MSE Selenomethionine 'Named protein modification' 
6 MSE A 63 B . . . . MSE A 62 ? 1_555 . . . . . . . MET 1 MSE Selenomethionine 'Named protein modification' 
7 MSE A 79 ? . . . . MSE A 78 ? 1_555 . . . . . . . MET 1 MSE Selenomethionine 'Named protein modification' 
# 
_struct_mon_prot_cis.pdbx_id                1 
_struct_mon_prot_cis.label_comp_id          PRO 
_struct_mon_prot_cis.label_seq_id           96 
_struct_mon_prot_cis.label_asym_id          A 
_struct_mon_prot_cis.label_alt_id           . 
_struct_mon_prot_cis.pdbx_PDB_ins_code      ? 
_struct_mon_prot_cis.auth_comp_id           PRO 
_struct_mon_prot_cis.auth_seq_id            95 
_struct_mon_prot_cis.auth_asym_id           A 
_struct_mon_prot_cis.pdbx_label_comp_id_2   PRO 
_struct_mon_prot_cis.pdbx_label_seq_id_2    97 
_struct_mon_prot_cis.pdbx_label_asym_id_2   A 
_struct_mon_prot_cis.pdbx_PDB_ins_code_2    ? 
_struct_mon_prot_cis.pdbx_auth_comp_id_2    PRO 
_struct_mon_prot_cis.pdbx_auth_seq_id_2     96 
_struct_mon_prot_cis.pdbx_auth_asym_id_2    A 
_struct_mon_prot_cis.pdbx_PDB_model_num     1 
_struct_mon_prot_cis.pdbx_omega_angle       1.44 
# 
_struct_sheet.id               A 
_struct_sheet.type             ? 
_struct_sheet.number_strands   4 
_struct_sheet.details          ? 
# 
loop_
_struct_sheet_order.sheet_id 
_struct_sheet_order.range_id_1 
_struct_sheet_order.range_id_2 
_struct_sheet_order.offset 
_struct_sheet_order.sense 
A 1 2 ? anti-parallel 
A 2 3 ? anti-parallel 
A 3 4 ? anti-parallel 
# 
loop_
_struct_sheet_range.sheet_id 
_struct_sheet_range.id 
_struct_sheet_range.beg_label_comp_id 
_struct_sheet_range.beg_label_asym_id 
_struct_sheet_range.beg_label_seq_id 
_struct_sheet_range.pdbx_beg_PDB_ins_code 
_struct_sheet_range.end_label_comp_id 
_struct_sheet_range.end_label_asym_id 
_struct_sheet_range.end_label_seq_id 
_struct_sheet_range.pdbx_end_PDB_ins_code 
_struct_sheet_range.beg_auth_comp_id 
_struct_sheet_range.beg_auth_asym_id 
_struct_sheet_range.beg_auth_seq_id 
_struct_sheet_range.end_auth_comp_id 
_struct_sheet_range.end_auth_asym_id 
_struct_sheet_range.end_auth_seq_id 
A 1 ASP A 83  ? GLU A 85  ? ASP A 82  GLU A 84  
A 2 TYR A 98  ? SER A 103 ? TYR A 97  SER A 102 
A 3 CYS A 151 ? VAL A 158 ? CYS A 150 VAL A 157 
A 4 TYR A 135 ? GLU A 142 ? TYR A 134 GLU A 141 
# 
loop_
_pdbx_struct_sheet_hbond.sheet_id 
_pdbx_struct_sheet_hbond.range_id_1 
_pdbx_struct_sheet_hbond.range_id_2 
_pdbx_struct_sheet_hbond.range_1_label_atom_id 
_pdbx_struct_sheet_hbond.range_1_label_comp_id 
_pdbx_struct_sheet_hbond.range_1_label_asym_id 
_pdbx_struct_sheet_hbond.range_1_label_seq_id 
_pdbx_struct_sheet_hbond.range_1_PDB_ins_code 
_pdbx_struct_sheet_hbond.range_1_auth_atom_id 
_pdbx_struct_sheet_hbond.range_1_auth_comp_id 
_pdbx_struct_sheet_hbond.range_1_auth_asym_id 
_pdbx_struct_sheet_hbond.range_1_auth_seq_id 
_pdbx_struct_sheet_hbond.range_2_label_atom_id 
_pdbx_struct_sheet_hbond.range_2_label_comp_id 
_pdbx_struct_sheet_hbond.range_2_label_asym_id 
_pdbx_struct_sheet_hbond.range_2_label_seq_id 
_pdbx_struct_sheet_hbond.range_2_PDB_ins_code 
_pdbx_struct_sheet_hbond.range_2_auth_atom_id 
_pdbx_struct_sheet_hbond.range_2_auth_comp_id 
_pdbx_struct_sheet_hbond.range_2_auth_asym_id 
_pdbx_struct_sheet_hbond.range_2_auth_seq_id 
A 1 2 N GLU A 85  ? N GLU A 84  O LYS A 101 ? O LYS A 100 
A 2 3 N ILE A 100 ? N ILE A 99  O PHE A 153 ? O PHE A 152 
A 3 4 O GLU A 154 ? O GLU A 153 N ASN A 139 ? N ASN A 138 
# 
loop_
_struct_site.id 
_struct_site.pdbx_evidence_code 
_struct_site.pdbx_auth_asym_id 
_struct_site.pdbx_auth_comp_id 
_struct_site.pdbx_auth_seq_id 
_struct_site.pdbx_auth_ins_code 
_struct_site.pdbx_num_residues 
_struct_site.details 
AC1 Software A ZN  163 ? 4 'BINDING SITE FOR RESIDUE ZN A 163'  
AC2 Software A CL  164 ? 5 'BINDING SITE FOR RESIDUE CL A 164'  
AC3 Software A ACT 165 ? 1 'BINDING SITE FOR RESIDUE ACT A 165' 
AC4 Software A GOL 166 ? 5 'BINDING SITE FOR RESIDUE GOL A 166' 
AC5 Software A GOL 167 ? 6 'BINDING SITE FOR RESIDUE GOL A 167' 
# 
loop_
_struct_site_gen.id 
_struct_site_gen.site_id 
_struct_site_gen.pdbx_num_res 
_struct_site_gen.label_comp_id 
_struct_site_gen.label_asym_id 
_struct_site_gen.label_seq_id 
_struct_site_gen.pdbx_auth_ins_code 
_struct_site_gen.auth_comp_id 
_struct_site_gen.auth_asym_id 
_struct_site_gen.auth_seq_id 
_struct_site_gen.label_atom_id 
_struct_site_gen.label_alt_id 
_struct_site_gen.symmetry 
_struct_site_gen.details 
1  AC1 4 HIS A 117 ? HIS A 116 . ? 1_555 ? 
2  AC1 4 GLU A 140 ? GLU A 139 . ? 1_555 ? 
3  AC1 4 CYS A 143 ? CYS A 142 . ? 1_555 ? 
4  AC1 4 CYS A 151 ? CYS A 150 . ? 1_555 ? 
5  AC2 5 LYS A 26  ? LYS A 25  . ? 4_555 ? 
6  AC2 5 MSE A 30  ? MSE A 29  . ? 1_555 ? 
7  AC2 5 TYR A 107 ? TYR A 106 . ? 1_555 ? 
8  AC2 5 TRP A 109 ? TRP A 108 . ? 1_555 ? 
9  AC2 5 HOH G .   ? HOH A 196 . ? 1_555 ? 
10 AC3 1 HOH G .   ? HOH A 173 . ? 1_555 ? 
11 AC4 5 ASP A 118 ? ASP A 117 . ? 1_555 ? 
12 AC4 5 ALA A 121 ? ALA A 120 . ? 1_555 ? 
13 AC4 5 ASN A 139 ? ASN A 138 . ? 1_555 ? 
14 AC4 5 GLU A 140 ? GLU A 139 . ? 1_555 ? 
15 AC4 5 HOH G .   ? HOH A 183 . ? 1_555 ? 
16 AC5 6 ILE A 91  ? ILE A 90  . ? 1_555 ? 
17 AC5 6 TYR A 98  ? TYR A 97  . ? 1_555 ? 
18 AC5 6 PHE A 132 ? PHE A 131 . ? 1_555 ? 
19 AC5 6 TYR A 134 ? TYR A 133 . ? 1_555 ? 
20 AC5 6 GLU A 157 ? GLU A 156 . ? 1_555 ? 
21 AC5 6 HOH G .   ? HOH A 182 . ? 1_555 ? 
# 
_pdbx_entry_details.entry_id                   2OSO 
_pdbx_entry_details.compound_details           ? 
_pdbx_entry_details.source_details             ? 
_pdbx_entry_details.nonpolymer_details         ? 
_pdbx_entry_details.sequence_details           ? 
_pdbx_entry_details.has_ligand_of_interest     ? 
_pdbx_entry_details.has_protein_modification   Y 
# 
loop_
_pdbx_validate_torsion.id 
_pdbx_validate_torsion.PDB_model_num 
_pdbx_validate_torsion.auth_comp_id 
_pdbx_validate_torsion.auth_asym_id 
_pdbx_validate_torsion.auth_seq_id 
_pdbx_validate_torsion.PDB_ins_code 
_pdbx_validate_torsion.label_alt_id 
_pdbx_validate_torsion.phi 
_pdbx_validate_torsion.psi 
1 1 SER A 48  ? ? -117.82 -154.68 
2 1 SER A 48  ? ? -117.82 -157.43 
3 1 THR A 50  ? ? -161.81 -167.67 
4 1 HIS A 116 ? ? -99.01  58.01   
5 1 TYR A 132 ? ? 86.70   -41.34  
# 
_pdbx_SG_project.project_name          'PSI, Protein Structure Initiative' 
_pdbx_SG_project.full_name_of_center   'Joint Center for Structural Genomics' 
_pdbx_SG_project.id                    1 
_pdbx_SG_project.initial_of_center     JCSG 
# 
loop_
_pdbx_struct_mod_residue.id 
_pdbx_struct_mod_residue.label_asym_id 
_pdbx_struct_mod_residue.label_comp_id 
_pdbx_struct_mod_residue.label_seq_id 
_pdbx_struct_mod_residue.auth_asym_id 
_pdbx_struct_mod_residue.auth_comp_id 
_pdbx_struct_mod_residue.auth_seq_id 
_pdbx_struct_mod_residue.PDB_ins_code 
_pdbx_struct_mod_residue.parent_comp_id 
_pdbx_struct_mod_residue.details 
1 A MSE 2  A MSE 1  ? MET SELENOMETHIONINE 
2 A MSE 5  A MSE 4  ? MET SELENOMETHIONINE 
3 A MSE 30 A MSE 29 ? MET SELENOMETHIONINE 
4 A MSE 63 A MSE 62 ? MET SELENOMETHIONINE 
5 A MSE 79 A MSE 78 ? MET SELENOMETHIONINE 
# 
loop_
_pdbx_refine_tls.id 
_pdbx_refine_tls.details 
_pdbx_refine_tls.method 
_pdbx_refine_tls.origin_x 
_pdbx_refine_tls.origin_y 
_pdbx_refine_tls.origin_z 
_pdbx_refine_tls.T[1][1] 
_pdbx_refine_tls.T[2][2] 
_pdbx_refine_tls.T[3][3] 
_pdbx_refine_tls.T[1][2] 
_pdbx_refine_tls.T[1][3] 
_pdbx_refine_tls.T[2][3] 
_pdbx_refine_tls.L[1][1] 
_pdbx_refine_tls.L[2][2] 
_pdbx_refine_tls.L[3][3] 
_pdbx_refine_tls.L[1][2] 
_pdbx_refine_tls.L[1][3] 
_pdbx_refine_tls.L[2][3] 
_pdbx_refine_tls.S[1][1] 
_pdbx_refine_tls.S[2][2] 
_pdbx_refine_tls.S[3][3] 
_pdbx_refine_tls.S[1][2] 
_pdbx_refine_tls.S[1][3] 
_pdbx_refine_tls.S[2][3] 
_pdbx_refine_tls.S[2][1] 
_pdbx_refine_tls.S[3][1] 
_pdbx_refine_tls.S[3][2] 
_pdbx_refine_tls.pdbx_refine_id 
1 ? refined 0.3344 -9.1142 10.4399 0.0374 -0.0429 -0.1704 0.0249 0.0099 -0.0076 1.4591 2.8151 1.9791 0.1782  -1.1525 -0.0691 -0.0146 0.0036  0.0109  -0.1237 0.0240 -0.0314 0.1340  -0.1696 0.0149  'X-RAY DIFFRACTION' 
2 ? refined 0.4368 4.3866  -4.5923 0.0664 -0.0676 -0.1562 0.0189 0.0445 -0.0249 1.2741 2.5630 1.4895 -0.3123 -0.4572 -0.6641 0.1181  -0.0809 -0.0372 0.1111  0.1668 -0.0660 -0.0766 -0.1937 -0.0147 'X-RAY DIFFRACTION' 
# 
loop_
_pdbx_refine_tls_group.id 
_pdbx_refine_tls_group.refine_tls_id 
_pdbx_refine_tls_group.beg_label_asym_id 
_pdbx_refine_tls_group.beg_label_seq_id 
_pdbx_refine_tls_group.end_label_asym_id 
_pdbx_refine_tls_group.end_label_seq_id 
_pdbx_refine_tls_group.selection 
_pdbx_refine_tls_group.beg_auth_asym_id 
_pdbx_refine_tls_group.beg_auth_seq_id 
_pdbx_refine_tls_group.end_auth_asym_id 
_pdbx_refine_tls_group.end_auth_seq_id 
_pdbx_refine_tls_group.pdbx_refine_id 
_pdbx_refine_tls_group.selection_details 
1 1 A 1  A 45  ALL A 0  A 44  'X-RAY DIFFRACTION' ? 
2 2 A 48 A 159 ALL A 47 A 158 'X-RAY DIFFRACTION' ? 
# 
_phasing.method   MR 
# 
_pdbx_database_remark.id     999 
_pdbx_database_remark.text   
;
SEQUENCE
1. THE CONSTRUCT WAS EXPRESSED WITH A PURIFICATION TAG
MGSDKIHHHHHHENLYFQG. THE TAG WAS REMOVED WITH TEV PROTEASE
LEAVING ONLY A GLYCINE (0) FOLLOWED BY THE TARGET SEQUENCE.
2. THE CONSTRUCT WAS ENGINEERED WITH THE FOLLOWING
MUTATIONS: K132Y, K133Y AND K134Y
;
# 
loop_
_pdbx_unobs_or_zero_occ_residues.id 
_pdbx_unobs_or_zero_occ_residues.PDB_model_num 
_pdbx_unobs_or_zero_occ_residues.polymer_flag 
_pdbx_unobs_or_zero_occ_residues.occupancy_flag 
_pdbx_unobs_or_zero_occ_residues.auth_asym_id 
_pdbx_unobs_or_zero_occ_residues.auth_comp_id 
_pdbx_unobs_or_zero_occ_residues.auth_seq_id 
_pdbx_unobs_or_zero_occ_residues.PDB_ins_code 
_pdbx_unobs_or_zero_occ_residues.label_asym_id 
_pdbx_unobs_or_zero_occ_residues.label_comp_id 
_pdbx_unobs_or_zero_occ_residues.label_seq_id 
1 1 Y 1 A GLU 45  ? A GLU 46  
2 1 Y 1 A LEU 46  ? A LEU 47  
3 1 Y 1 A GLU 159 ? A GLU 160 
4 1 Y 1 A LEU 160 ? A LEU 161 
5 1 Y 1 A ASN 161 ? A ASN 162 
6 1 Y 1 A LYS 162 ? A LYS 163 
# 
loop_
_chem_comp_atom.comp_id 
_chem_comp_atom.atom_id 
_chem_comp_atom.type_symbol 
_chem_comp_atom.pdbx_aromatic_flag 
_chem_comp_atom.pdbx_stereo_config 
_chem_comp_atom.pdbx_ordinal 
ACT C    C  N N 1   
ACT O    O  N N 2   
ACT OXT  O  N N 3   
ACT CH3  C  N N 4   
ACT H1   H  N N 5   
ACT H2   H  N N 6   
ACT H3   H  N N 7   
ALA N    N  N N 8   
ALA CA   C  N S 9   
ALA C    C  N N 10  
ALA O    O  N N 11  
ALA CB   C  N N 12  
ALA OXT  O  N N 13  
ALA H    H  N N 14  
ALA H2   H  N N 15  
ALA HA   H  N N 16  
ALA HB1  H  N N 17  
ALA HB2  H  N N 18  
ALA HB3  H  N N 19  
ALA HXT  H  N N 20  
ARG N    N  N N 21  
ARG CA   C  N S 22  
ARG C    C  N N 23  
ARG O    O  N N 24  
ARG CB   C  N N 25  
ARG CG   C  N N 26  
ARG CD   C  N N 27  
ARG NE   N  N N 28  
ARG CZ   C  N N 29  
ARG NH1  N  N N 30  
ARG NH2  N  N N 31  
ARG OXT  O  N N 32  
ARG H    H  N N 33  
ARG H2   H  N N 34  
ARG HA   H  N N 35  
ARG HB2  H  N N 36  
ARG HB3  H  N N 37  
ARG HG2  H  N N 38  
ARG HG3  H  N N 39  
ARG HD2  H  N N 40  
ARG HD3  H  N N 41  
ARG HE   H  N N 42  
ARG HH11 H  N N 43  
ARG HH12 H  N N 44  
ARG HH21 H  N N 45  
ARG HH22 H  N N 46  
ARG HXT  H  N N 47  
ASN N    N  N N 48  
ASN CA   C  N S 49  
ASN C    C  N N 50  
ASN O    O  N N 51  
ASN CB   C  N N 52  
ASN CG   C  N N 53  
ASN OD1  O  N N 54  
ASN ND2  N  N N 55  
ASN OXT  O  N N 56  
ASN H    H  N N 57  
ASN H2   H  N N 58  
ASN HA   H  N N 59  
ASN HB2  H  N N 60  
ASN HB3  H  N N 61  
ASN HD21 H  N N 62  
ASN HD22 H  N N 63  
ASN HXT  H  N N 64  
ASP N    N  N N 65  
ASP CA   C  N S 66  
ASP C    C  N N 67  
ASP O    O  N N 68  
ASP CB   C  N N 69  
ASP CG   C  N N 70  
ASP OD1  O  N N 71  
ASP OD2  O  N N 72  
ASP OXT  O  N N 73  
ASP H    H  N N 74  
ASP H2   H  N N 75  
ASP HA   H  N N 76  
ASP HB2  H  N N 77  
ASP HB3  H  N N 78  
ASP HD2  H  N N 79  
ASP HXT  H  N N 80  
CL  CL   CL N N 81  
CYS N    N  N N 82  
CYS CA   C  N R 83  
CYS C    C  N N 84  
CYS O    O  N N 85  
CYS CB   C  N N 86  
CYS SG   S  N N 87  
CYS OXT  O  N N 88  
CYS H    H  N N 89  
CYS H2   H  N N 90  
CYS HA   H  N N 91  
CYS HB2  H  N N 92  
CYS HB3  H  N N 93  
CYS HG   H  N N 94  
CYS HXT  H  N N 95  
GLN N    N  N N 96  
GLN CA   C  N S 97  
GLN C    C  N N 98  
GLN O    O  N N 99  
GLN CB   C  N N 100 
GLN CG   C  N N 101 
GLN CD   C  N N 102 
GLN OE1  O  N N 103 
GLN NE2  N  N N 104 
GLN OXT  O  N N 105 
GLN H    H  N N 106 
GLN H2   H  N N 107 
GLN HA   H  N N 108 
GLN HB2  H  N N 109 
GLN HB3  H  N N 110 
GLN HG2  H  N N 111 
GLN HG3  H  N N 112 
GLN HE21 H  N N 113 
GLN HE22 H  N N 114 
GLN HXT  H  N N 115 
GLU N    N  N N 116 
GLU CA   C  N S 117 
GLU C    C  N N 118 
GLU O    O  N N 119 
GLU CB   C  N N 120 
GLU CG   C  N N 121 
GLU CD   C  N N 122 
GLU OE1  O  N N 123 
GLU OE2  O  N N 124 
GLU OXT  O  N N 125 
GLU H    H  N N 126 
GLU H2   H  N N 127 
GLU HA   H  N N 128 
GLU HB2  H  N N 129 
GLU HB3  H  N N 130 
GLU HG2  H  N N 131 
GLU HG3  H  N N 132 
GLU HE2  H  N N 133 
GLU HXT  H  N N 134 
GLY N    N  N N 135 
GLY CA   C  N N 136 
GLY C    C  N N 137 
GLY O    O  N N 138 
GLY OXT  O  N N 139 
GLY H    H  N N 140 
GLY H2   H  N N 141 
GLY HA2  H  N N 142 
GLY HA3  H  N N 143 
GLY HXT  H  N N 144 
GOL C1   C  N N 145 
GOL O1   O  N N 146 
GOL C2   C  N N 147 
GOL O2   O  N N 148 
GOL C3   C  N N 149 
GOL O3   O  N N 150 
GOL H11  H  N N 151 
GOL H12  H  N N 152 
GOL HO1  H  N N 153 
GOL H2   H  N N 154 
GOL HO2  H  N N 155 
GOL H31  H  N N 156 
GOL H32  H  N N 157 
GOL HO3  H  N N 158 
HIS N    N  N N 159 
HIS CA   C  N S 160 
HIS C    C  N N 161 
HIS O    O  N N 162 
HIS CB   C  N N 163 
HIS CG   C  Y N 164 
HIS ND1  N  Y N 165 
HIS CD2  C  Y N 166 
HIS CE1  C  Y N 167 
HIS NE2  N  Y N 168 
HIS OXT  O  N N 169 
HIS H    H  N N 170 
HIS H2   H  N N 171 
HIS HA   H  N N 172 
HIS HB2  H  N N 173 
HIS HB3  H  N N 174 
HIS HD1  H  N N 175 
HIS HD2  H  N N 176 
HIS HE1  H  N N 177 
HIS HE2  H  N N 178 
HIS HXT  H  N N 179 
HOH O    O  N N 180 
HOH H1   H  N N 181 
HOH H2   H  N N 182 
ILE N    N  N N 183 
ILE CA   C  N S 184 
ILE C    C  N N 185 
ILE O    O  N N 186 
ILE CB   C  N S 187 
ILE CG1  C  N N 188 
ILE CG2  C  N N 189 
ILE CD1  C  N N 190 
ILE OXT  O  N N 191 
ILE H    H  N N 192 
ILE H2   H  N N 193 
ILE HA   H  N N 194 
ILE HB   H  N N 195 
ILE HG12 H  N N 196 
ILE HG13 H  N N 197 
ILE HG21 H  N N 198 
ILE HG22 H  N N 199 
ILE HG23 H  N N 200 
ILE HD11 H  N N 201 
ILE HD12 H  N N 202 
ILE HD13 H  N N 203 
ILE HXT  H  N N 204 
LEU N    N  N N 205 
LEU CA   C  N S 206 
LEU C    C  N N 207 
LEU O    O  N N 208 
LEU CB   C  N N 209 
LEU CG   C  N N 210 
LEU CD1  C  N N 211 
LEU CD2  C  N N 212 
LEU OXT  O  N N 213 
LEU H    H  N N 214 
LEU H2   H  N N 215 
LEU HA   H  N N 216 
LEU HB2  H  N N 217 
LEU HB3  H  N N 218 
LEU HG   H  N N 219 
LEU HD11 H  N N 220 
LEU HD12 H  N N 221 
LEU HD13 H  N N 222 
LEU HD21 H  N N 223 
LEU HD22 H  N N 224 
LEU HD23 H  N N 225 
LEU HXT  H  N N 226 
LYS N    N  N N 227 
LYS CA   C  N S 228 
LYS C    C  N N 229 
LYS O    O  N N 230 
LYS CB   C  N N 231 
LYS CG   C  N N 232 
LYS CD   C  N N 233 
LYS CE   C  N N 234 
LYS NZ   N  N N 235 
LYS OXT  O  N N 236 
LYS H    H  N N 237 
LYS H2   H  N N 238 
LYS HA   H  N N 239 
LYS HB2  H  N N 240 
LYS HB3  H  N N 241 
LYS HG2  H  N N 242 
LYS HG3  H  N N 243 
LYS HD2  H  N N 244 
LYS HD3  H  N N 245 
LYS HE2  H  N N 246 
LYS HE3  H  N N 247 
LYS HZ1  H  N N 248 
LYS HZ2  H  N N 249 
LYS HZ3  H  N N 250 
LYS HXT  H  N N 251 
MET N    N  N N 252 
MET CA   C  N S 253 
MET C    C  N N 254 
MET O    O  N N 255 
MET CB   C  N N 256 
MET CG   C  N N 257 
MET SD   S  N N 258 
MET CE   C  N N 259 
MET OXT  O  N N 260 
MET H    H  N N 261 
MET H2   H  N N 262 
MET HA   H  N N 263 
MET HB2  H  N N 264 
MET HB3  H  N N 265 
MET HG2  H  N N 266 
MET HG3  H  N N 267 
MET HE1  H  N N 268 
MET HE2  H  N N 269 
MET HE3  H  N N 270 
MET HXT  H  N N 271 
MSE N    N  N N 272 
MSE CA   C  N S 273 
MSE C    C  N N 274 
MSE O    O  N N 275 
MSE OXT  O  N N 276 
MSE CB   C  N N 277 
MSE CG   C  N N 278 
MSE SE   SE N N 279 
MSE CE   C  N N 280 
MSE H    H  N N 281 
MSE H2   H  N N 282 
MSE HA   H  N N 283 
MSE HXT  H  N N 284 
MSE HB2  H  N N 285 
MSE HB3  H  N N 286 
MSE HG2  H  N N 287 
MSE HG3  H  N N 288 
MSE HE1  H  N N 289 
MSE HE2  H  N N 290 
MSE HE3  H  N N 291 
PHE N    N  N N 292 
PHE CA   C  N S 293 
PHE C    C  N N 294 
PHE O    O  N N 295 
PHE CB   C  N N 296 
PHE CG   C  Y N 297 
PHE CD1  C  Y N 298 
PHE CD2  C  Y N 299 
PHE CE1  C  Y N 300 
PHE CE2  C  Y N 301 
PHE CZ   C  Y N 302 
PHE OXT  O  N N 303 
PHE H    H  N N 304 
PHE H2   H  N N 305 
PHE HA   H  N N 306 
PHE HB2  H  N N 307 
PHE HB3  H  N N 308 
PHE HD1  H  N N 309 
PHE HD2  H  N N 310 
PHE HE1  H  N N 311 
PHE HE2  H  N N 312 
PHE HZ   H  N N 313 
PHE HXT  H  N N 314 
PRO N    N  N N 315 
PRO CA   C  N S 316 
PRO C    C  N N 317 
PRO O    O  N N 318 
PRO CB   C  N N 319 
PRO CG   C  N N 320 
PRO CD   C  N N 321 
PRO OXT  O  N N 322 
PRO H    H  N N 323 
PRO HA   H  N N 324 
PRO HB2  H  N N 325 
PRO HB3  H  N N 326 
PRO HG2  H  N N 327 
PRO HG3  H  N N 328 
PRO HD2  H  N N 329 
PRO HD3  H  N N 330 
PRO HXT  H  N N 331 
SER N    N  N N 332 
SER CA   C  N S 333 
SER C    C  N N 334 
SER O    O  N N 335 
SER CB   C  N N 336 
SER OG   O  N N 337 
SER OXT  O  N N 338 
SER H    H  N N 339 
SER H2   H  N N 340 
SER HA   H  N N 341 
SER HB2  H  N N 342 
SER HB3  H  N N 343 
SER HG   H  N N 344 
SER HXT  H  N N 345 
THR N    N  N N 346 
THR CA   C  N S 347 
THR C    C  N N 348 
THR O    O  N N 349 
THR CB   C  N R 350 
THR OG1  O  N N 351 
THR CG2  C  N N 352 
THR OXT  O  N N 353 
THR H    H  N N 354 
THR H2   H  N N 355 
THR HA   H  N N 356 
THR HB   H  N N 357 
THR HG1  H  N N 358 
THR HG21 H  N N 359 
THR HG22 H  N N 360 
THR HG23 H  N N 361 
THR HXT  H  N N 362 
TRP N    N  N N 363 
TRP CA   C  N S 364 
TRP C    C  N N 365 
TRP O    O  N N 366 
TRP CB   C  N N 367 
TRP CG   C  Y N 368 
TRP CD1  C  Y N 369 
TRP CD2  C  Y N 370 
TRP NE1  N  Y N 371 
TRP CE2  C  Y N 372 
TRP CE3  C  Y N 373 
TRP CZ2  C  Y N 374 
TRP CZ3  C  Y N 375 
TRP CH2  C  Y N 376 
TRP OXT  O  N N 377 
TRP H    H  N N 378 
TRP H2   H  N N 379 
TRP HA   H  N N 380 
TRP HB2  H  N N 381 
TRP HB3  H  N N 382 
TRP HD1  H  N N 383 
TRP HE1  H  N N 384 
TRP HE3  H  N N 385 
TRP HZ2  H  N N 386 
TRP HZ3  H  N N 387 
TRP HH2  H  N N 388 
TRP HXT  H  N N 389 
TYR N    N  N N 390 
TYR CA   C  N S 391 
TYR C    C  N N 392 
TYR O    O  N N 393 
TYR CB   C  N N 394 
TYR CG   C  Y N 395 
TYR CD1  C  Y N 396 
TYR CD2  C  Y N 397 
TYR CE1  C  Y N 398 
TYR CE2  C  Y N 399 
TYR CZ   C  Y N 400 
TYR OH   O  N N 401 
TYR OXT  O  N N 402 
TYR H    H  N N 403 
TYR H2   H  N N 404 
TYR HA   H  N N 405 
TYR HB2  H  N N 406 
TYR HB3  H  N N 407 
TYR HD1  H  N N 408 
TYR HD2  H  N N 409 
TYR HE1  H  N N 410 
TYR HE2  H  N N 411 
TYR HH   H  N N 412 
TYR HXT  H  N N 413 
VAL N    N  N N 414 
VAL CA   C  N S 415 
VAL C    C  N N 416 
VAL O    O  N N 417 
VAL CB   C  N N 418 
VAL CG1  C  N N 419 
VAL CG2  C  N N 420 
VAL OXT  O  N N 421 
VAL H    H  N N 422 
VAL H2   H  N N 423 
VAL HA   H  N N 424 
VAL HB   H  N N 425 
VAL HG11 H  N N 426 
VAL HG12 H  N N 427 
VAL HG13 H  N N 428 
VAL HG21 H  N N 429 
VAL HG22 H  N N 430 
VAL HG23 H  N N 431 
VAL HXT  H  N N 432 
ZN  ZN   ZN N N 433 
# 
loop_
_chem_comp_bond.comp_id 
_chem_comp_bond.atom_id_1 
_chem_comp_bond.atom_id_2 
_chem_comp_bond.value_order 
_chem_comp_bond.pdbx_aromatic_flag 
_chem_comp_bond.pdbx_stereo_config 
_chem_comp_bond.pdbx_ordinal 
ACT C   O    doub N N 1   
ACT C   OXT  sing N N 2   
ACT C   CH3  sing N N 3   
ACT CH3 H1   sing N N 4   
ACT CH3 H2   sing N N 5   
ACT CH3 H3   sing N N 6   
ALA N   CA   sing N N 7   
ALA N   H    sing N N 8   
ALA N   H2   sing N N 9   
ALA CA  C    sing N N 10  
ALA CA  CB   sing N N 11  
ALA CA  HA   sing N N 12  
ALA C   O    doub N N 13  
ALA C   OXT  sing N N 14  
ALA CB  HB1  sing N N 15  
ALA CB  HB2  sing N N 16  
ALA CB  HB3  sing N N 17  
ALA OXT HXT  sing N N 18  
ARG N   CA   sing N N 19  
ARG N   H    sing N N 20  
ARG N   H2   sing N N 21  
ARG CA  C    sing N N 22  
ARG CA  CB   sing N N 23  
ARG CA  HA   sing N N 24  
ARG C   O    doub N N 25  
ARG C   OXT  sing N N 26  
ARG CB  CG   sing N N 27  
ARG CB  HB2  sing N N 28  
ARG CB  HB3  sing N N 29  
ARG CG  CD   sing N N 30  
ARG CG  HG2  sing N N 31  
ARG CG  HG3  sing N N 32  
ARG CD  NE   sing N N 33  
ARG CD  HD2  sing N N 34  
ARG CD  HD3  sing N N 35  
ARG NE  CZ   sing N N 36  
ARG NE  HE   sing N N 37  
ARG CZ  NH1  sing N N 38  
ARG CZ  NH2  doub N N 39  
ARG NH1 HH11 sing N N 40  
ARG NH1 HH12 sing N N 41  
ARG NH2 HH21 sing N N 42  
ARG NH2 HH22 sing N N 43  
ARG OXT HXT  sing N N 44  
ASN N   CA   sing N N 45  
ASN N   H    sing N N 46  
ASN N   H2   sing N N 47  
ASN CA  C    sing N N 48  
ASN CA  CB   sing N N 49  
ASN CA  HA   sing N N 50  
ASN C   O    doub N N 51  
ASN C   OXT  sing N N 52  
ASN CB  CG   sing N N 53  
ASN CB  HB2  sing N N 54  
ASN CB  HB3  sing N N 55  
ASN CG  OD1  doub N N 56  
ASN CG  ND2  sing N N 57  
ASN ND2 HD21 sing N N 58  
ASN ND2 HD22 sing N N 59  
ASN OXT HXT  sing N N 60  
ASP N   CA   sing N N 61  
ASP N   H    sing N N 62  
ASP N   H2   sing N N 63  
ASP CA  C    sing N N 64  
ASP CA  CB   sing N N 65  
ASP CA  HA   sing N N 66  
ASP C   O    doub N N 67  
ASP C   OXT  sing N N 68  
ASP CB  CG   sing N N 69  
ASP CB  HB2  sing N N 70  
ASP CB  HB3  sing N N 71  
ASP CG  OD1  doub N N 72  
ASP CG  OD2  sing N N 73  
ASP OD2 HD2  sing N N 74  
ASP OXT HXT  sing N N 75  
CYS N   CA   sing N N 76  
CYS N   H    sing N N 77  
CYS N   H2   sing N N 78  
CYS CA  C    sing N N 79  
CYS CA  CB   sing N N 80  
CYS CA  HA   sing N N 81  
CYS C   O    doub N N 82  
CYS C   OXT  sing N N 83  
CYS CB  SG   sing N N 84  
CYS CB  HB2  sing N N 85  
CYS CB  HB3  sing N N 86  
CYS SG  HG   sing N N 87  
CYS OXT HXT  sing N N 88  
GLN N   CA   sing N N 89  
GLN N   H    sing N N 90  
GLN N   H2   sing N N 91  
GLN CA  C    sing N N 92  
GLN CA  CB   sing N N 93  
GLN CA  HA   sing N N 94  
GLN C   O    doub N N 95  
GLN C   OXT  sing N N 96  
GLN CB  CG   sing N N 97  
GLN CB  HB2  sing N N 98  
GLN CB  HB3  sing N N 99  
GLN CG  CD   sing N N 100 
GLN CG  HG2  sing N N 101 
GLN CG  HG3  sing N N 102 
GLN CD  OE1  doub N N 103 
GLN CD  NE2  sing N N 104 
GLN NE2 HE21 sing N N 105 
GLN NE2 HE22 sing N N 106 
GLN OXT HXT  sing N N 107 
GLU N   CA   sing N N 108 
GLU N   H    sing N N 109 
GLU N   H2   sing N N 110 
GLU CA  C    sing N N 111 
GLU CA  CB   sing N N 112 
GLU CA  HA   sing N N 113 
GLU C   O    doub N N 114 
GLU C   OXT  sing N N 115 
GLU CB  CG   sing N N 116 
GLU CB  HB2  sing N N 117 
GLU CB  HB3  sing N N 118 
GLU CG  CD   sing N N 119 
GLU CG  HG2  sing N N 120 
GLU CG  HG3  sing N N 121 
GLU CD  OE1  doub N N 122 
GLU CD  OE2  sing N N 123 
GLU OE2 HE2  sing N N 124 
GLU OXT HXT  sing N N 125 
GLY N   CA   sing N N 126 
GLY N   H    sing N N 127 
GLY N   H2   sing N N 128 
GLY CA  C    sing N N 129 
GLY CA  HA2  sing N N 130 
GLY CA  HA3  sing N N 131 
GLY C   O    doub N N 132 
GLY C   OXT  sing N N 133 
GLY OXT HXT  sing N N 134 
GOL C1  O1   sing N N 135 
GOL C1  C2   sing N N 136 
GOL C1  H11  sing N N 137 
GOL C1  H12  sing N N 138 
GOL O1  HO1  sing N N 139 
GOL C2  O2   sing N N 140 
GOL C2  C3   sing N N 141 
GOL C2  H2   sing N N 142 
GOL O2  HO2  sing N N 143 
GOL C3  O3   sing N N 144 
GOL C3  H31  sing N N 145 
GOL C3  H32  sing N N 146 
GOL O3  HO3  sing N N 147 
HIS N   CA   sing N N 148 
HIS N   H    sing N N 149 
HIS N   H2   sing N N 150 
HIS CA  C    sing N N 151 
HIS CA  CB   sing N N 152 
HIS CA  HA   sing N N 153 
HIS C   O    doub N N 154 
HIS C   OXT  sing N N 155 
HIS CB  CG   sing N N 156 
HIS CB  HB2  sing N N 157 
HIS CB  HB3  sing N N 158 
HIS CG  ND1  sing Y N 159 
HIS CG  CD2  doub Y N 160 
HIS ND1 CE1  doub Y N 161 
HIS ND1 HD1  sing N N 162 
HIS CD2 NE2  sing Y N 163 
HIS CD2 HD2  sing N N 164 
HIS CE1 NE2  sing Y N 165 
HIS CE1 HE1  sing N N 166 
HIS NE2 HE2  sing N N 167 
HIS OXT HXT  sing N N 168 
HOH O   H1   sing N N 169 
HOH O   H2   sing N N 170 
ILE N   CA   sing N N 171 
ILE N   H    sing N N 172 
ILE N   H2   sing N N 173 
ILE CA  C    sing N N 174 
ILE CA  CB   sing N N 175 
ILE CA  HA   sing N N 176 
ILE C   O    doub N N 177 
ILE C   OXT  sing N N 178 
ILE CB  CG1  sing N N 179 
ILE CB  CG2  sing N N 180 
ILE CB  HB   sing N N 181 
ILE CG1 CD1  sing N N 182 
ILE CG1 HG12 sing N N 183 
ILE CG1 HG13 sing N N 184 
ILE CG2 HG21 sing N N 185 
ILE CG2 HG22 sing N N 186 
ILE CG2 HG23 sing N N 187 
ILE CD1 HD11 sing N N 188 
ILE CD1 HD12 sing N N 189 
ILE CD1 HD13 sing N N 190 
ILE OXT HXT  sing N N 191 
LEU N   CA   sing N N 192 
LEU N   H    sing N N 193 
LEU N   H2   sing N N 194 
LEU CA  C    sing N N 195 
LEU CA  CB   sing N N 196 
LEU CA  HA   sing N N 197 
LEU C   O    doub N N 198 
LEU C   OXT  sing N N 199 
LEU CB  CG   sing N N 200 
LEU CB  HB2  sing N N 201 
LEU CB  HB3  sing N N 202 
LEU CG  CD1  sing N N 203 
LEU CG  CD2  sing N N 204 
LEU CG  HG   sing N N 205 
LEU CD1 HD11 sing N N 206 
LEU CD1 HD12 sing N N 207 
LEU CD1 HD13 sing N N 208 
LEU CD2 HD21 sing N N 209 
LEU CD2 HD22 sing N N 210 
LEU CD2 HD23 sing N N 211 
LEU OXT HXT  sing N N 212 
LYS N   CA   sing N N 213 
LYS N   H    sing N N 214 
LYS N   H2   sing N N 215 
LYS CA  C    sing N N 216 
LYS CA  CB   sing N N 217 
LYS CA  HA   sing N N 218 
LYS C   O    doub N N 219 
LYS C   OXT  sing N N 220 
LYS CB  CG   sing N N 221 
LYS CB  HB2  sing N N 222 
LYS CB  HB3  sing N N 223 
LYS CG  CD   sing N N 224 
LYS CG  HG2  sing N N 225 
LYS CG  HG3  sing N N 226 
LYS CD  CE   sing N N 227 
LYS CD  HD2  sing N N 228 
LYS CD  HD3  sing N N 229 
LYS CE  NZ   sing N N 230 
LYS CE  HE2  sing N N 231 
LYS CE  HE3  sing N N 232 
LYS NZ  HZ1  sing N N 233 
LYS NZ  HZ2  sing N N 234 
LYS NZ  HZ3  sing N N 235 
LYS OXT HXT  sing N N 236 
MET N   CA   sing N N 237 
MET N   H    sing N N 238 
MET N   H2   sing N N 239 
MET CA  C    sing N N 240 
MET CA  CB   sing N N 241 
MET CA  HA   sing N N 242 
MET C   O    doub N N 243 
MET C   OXT  sing N N 244 
MET CB  CG   sing N N 245 
MET CB  HB2  sing N N 246 
MET CB  HB3  sing N N 247 
MET CG  SD   sing N N 248 
MET CG  HG2  sing N N 249 
MET CG  HG3  sing N N 250 
MET SD  CE   sing N N 251 
MET CE  HE1  sing N N 252 
MET CE  HE2  sing N N 253 
MET CE  HE3  sing N N 254 
MET OXT HXT  sing N N 255 
MSE N   CA   sing N N 256 
MSE N   H    sing N N 257 
MSE N   H2   sing N N 258 
MSE CA  C    sing N N 259 
MSE CA  CB   sing N N 260 
MSE CA  HA   sing N N 261 
MSE C   O    doub N N 262 
MSE C   OXT  sing N N 263 
MSE OXT HXT  sing N N 264 
MSE CB  CG   sing N N 265 
MSE CB  HB2  sing N N 266 
MSE CB  HB3  sing N N 267 
MSE CG  SE   sing N N 268 
MSE CG  HG2  sing N N 269 
MSE CG  HG3  sing N N 270 
MSE SE  CE   sing N N 271 
MSE CE  HE1  sing N N 272 
MSE CE  HE2  sing N N 273 
MSE CE  HE3  sing N N 274 
PHE N   CA   sing N N 275 
PHE N   H    sing N N 276 
PHE N   H2   sing N N 277 
PHE CA  C    sing N N 278 
PHE CA  CB   sing N N 279 
PHE CA  HA   sing N N 280 
PHE C   O    doub N N 281 
PHE C   OXT  sing N N 282 
PHE CB  CG   sing N N 283 
PHE CB  HB2  sing N N 284 
PHE CB  HB3  sing N N 285 
PHE CG  CD1  doub Y N 286 
PHE CG  CD2  sing Y N 287 
PHE CD1 CE1  sing Y N 288 
PHE CD1 HD1  sing N N 289 
PHE CD2 CE2  doub Y N 290 
PHE CD2 HD2  sing N N 291 
PHE CE1 CZ   doub Y N 292 
PHE CE1 HE1  sing N N 293 
PHE CE2 CZ   sing Y N 294 
PHE CE2 HE2  sing N N 295 
PHE CZ  HZ   sing N N 296 
PHE OXT HXT  sing N N 297 
PRO N   CA   sing N N 298 
PRO N   CD   sing N N 299 
PRO N   H    sing N N 300 
PRO CA  C    sing N N 301 
PRO CA  CB   sing N N 302 
PRO CA  HA   sing N N 303 
PRO C   O    doub N N 304 
PRO C   OXT  sing N N 305 
PRO CB  CG   sing N N 306 
PRO CB  HB2  sing N N 307 
PRO CB  HB3  sing N N 308 
PRO CG  CD   sing N N 309 
PRO CG  HG2  sing N N 310 
PRO CG  HG3  sing N N 311 
PRO CD  HD2  sing N N 312 
PRO CD  HD3  sing N N 313 
PRO OXT HXT  sing N N 314 
SER N   CA   sing N N 315 
SER N   H    sing N N 316 
SER N   H2   sing N N 317 
SER CA  C    sing N N 318 
SER CA  CB   sing N N 319 
SER CA  HA   sing N N 320 
SER C   O    doub N N 321 
SER C   OXT  sing N N 322 
SER CB  OG   sing N N 323 
SER CB  HB2  sing N N 324 
SER CB  HB3  sing N N 325 
SER OG  HG   sing N N 326 
SER OXT HXT  sing N N 327 
THR N   CA   sing N N 328 
THR N   H    sing N N 329 
THR N   H2   sing N N 330 
THR CA  C    sing N N 331 
THR CA  CB   sing N N 332 
THR CA  HA   sing N N 333 
THR C   O    doub N N 334 
THR C   OXT  sing N N 335 
THR CB  OG1  sing N N 336 
THR CB  CG2  sing N N 337 
THR CB  HB   sing N N 338 
THR OG1 HG1  sing N N 339 
THR CG2 HG21 sing N N 340 
THR CG2 HG22 sing N N 341 
THR CG2 HG23 sing N N 342 
THR OXT HXT  sing N N 343 
TRP N   CA   sing N N 344 
TRP N   H    sing N N 345 
TRP N   H2   sing N N 346 
TRP CA  C    sing N N 347 
TRP CA  CB   sing N N 348 
TRP CA  HA   sing N N 349 
TRP C   O    doub N N 350 
TRP C   OXT  sing N N 351 
TRP CB  CG   sing N N 352 
TRP CB  HB2  sing N N 353 
TRP CB  HB3  sing N N 354 
TRP CG  CD1  doub Y N 355 
TRP CG  CD2  sing Y N 356 
TRP CD1 NE1  sing Y N 357 
TRP CD1 HD1  sing N N 358 
TRP CD2 CE2  doub Y N 359 
TRP CD2 CE3  sing Y N 360 
TRP NE1 CE2  sing Y N 361 
TRP NE1 HE1  sing N N 362 
TRP CE2 CZ2  sing Y N 363 
TRP CE3 CZ3  doub Y N 364 
TRP CE3 HE3  sing N N 365 
TRP CZ2 CH2  doub Y N 366 
TRP CZ2 HZ2  sing N N 367 
TRP CZ3 CH2  sing Y N 368 
TRP CZ3 HZ3  sing N N 369 
TRP CH2 HH2  sing N N 370 
TRP OXT HXT  sing N N 371 
TYR N   CA   sing N N 372 
TYR N   H    sing N N 373 
TYR N   H2   sing N N 374 
TYR CA  C    sing N N 375 
TYR CA  CB   sing N N 376 
TYR CA  HA   sing N N 377 
TYR C   O    doub N N 378 
TYR C   OXT  sing N N 379 
TYR CB  CG   sing N N 380 
TYR CB  HB2  sing N N 381 
TYR CB  HB3  sing N N 382 
TYR CG  CD1  doub Y N 383 
TYR CG  CD2  sing Y N 384 
TYR CD1 CE1  sing Y N 385 
TYR CD1 HD1  sing N N 386 
TYR CD2 CE2  doub Y N 387 
TYR CD2 HD2  sing N N 388 
TYR CE1 CZ   doub Y N 389 
TYR CE1 HE1  sing N N 390 
TYR CE2 CZ   sing Y N 391 
TYR CE2 HE2  sing N N 392 
TYR CZ  OH   sing N N 393 
TYR OH  HH   sing N N 394 
TYR OXT HXT  sing N N 395 
VAL N   CA   sing N N 396 
VAL N   H    sing N N 397 
VAL N   H2   sing N N 398 
VAL CA  C    sing N N 399 
VAL CA  CB   sing N N 400 
VAL CA  HA   sing N N 401 
VAL C   O    doub N N 402 
VAL C   OXT  sing N N 403 
VAL CB  CG1  sing N N 404 
VAL CB  CG2  sing N N 405 
VAL CB  HB   sing N N 406 
VAL CG1 HG11 sing N N 407 
VAL CG1 HG12 sing N N 408 
VAL CG1 HG13 sing N N 409 
VAL CG2 HG21 sing N N 410 
VAL CG2 HG22 sing N N 411 
VAL CG2 HG23 sing N N 412 
VAL OXT HXT  sing N N 413 
# 
_pdbx_initial_refinement_model.id               1 
_pdbx_initial_refinement_model.entity_id_list   ? 
_pdbx_initial_refinement_model.type             'experimental model' 
_pdbx_initial_refinement_model.source_name      PDB 
_pdbx_initial_refinement_model.accession_code   2OSD 
_pdbx_initial_refinement_model.details          'PDB entry 2OSD' 
# 
_atom_sites.entry_id                    2OSO 
_atom_sites.fract_transf_matrix[1][1]   0.02245350 
_atom_sites.fract_transf_matrix[1][2]   0.00680570 
_atom_sites.fract_transf_matrix[1][3]   0.01419681 
_atom_sites.fract_transf_matrix[2][1]   0.02469259 
_atom_sites.fract_transf_matrix[2][2]   -0.00148487 
_atom_sites.fract_transf_matrix[2][3]   -0.01185225 
_atom_sites.fract_transf_matrix[3][1]   -0.00053047 
_atom_sites.fract_transf_matrix[3][2]   0.00549034 
_atom_sites.fract_transf_matrix[3][3]   -0.00179299 
_atom_sites.fract_transf_vector[1]      0.565000 
_atom_sites.fract_transf_vector[2]      0.607468 
_atom_sites.fract_transf_vector[3]      0.069385 
# 
loop_
_atom_type.symbol 
C  
CL 
N  
O  
S  
SE 
ZN 
# 
loop_
_atom_site.group_PDB 
_atom_site.id 
_atom_site.type_symbol 
_atom_site.label_atom_id 
_atom_site.label_alt_id 
_atom_site.label_comp_id 
_atom_site.label_asym_id 
_atom_site.label_entity_id 
_atom_site.label_seq_id 
_atom_site.pdbx_PDB_ins_code 
_atom_site.Cartn_x 
_atom_site.Cartn_y 
_atom_site.Cartn_z 
_atom_site.occupancy 
_atom_site.B_iso_or_equiv 
_atom_site.pdbx_formal_charge 
_atom_site.auth_seq_id 
_atom_site.auth_comp_id 
_atom_site.auth_asym_id 
_atom_site.auth_atom_id 
_atom_site.pdbx_PDB_model_num 
ATOM   1    N  N   . GLY A 1 1   ? -20.244 -6.021  18.944  1.00 19.21 ? 0   GLY A N   1 
ATOM   2    C  CA  . GLY A 1 1   ? -19.254 -7.123  18.825  1.00 22.61 ? 0   GLY A CA  1 
ATOM   3    C  C   . GLY A 1 1   ? -17.900 -6.688  19.352  1.00 23.48 ? 0   GLY A C   1 
ATOM   4    O  O   . GLY A 1 1   ? -17.771 -5.589  19.843  1.00 21.31 ? 0   GLY A O   1 
HETATM 5    N  N   . MSE A 1 2   ? -16.896 -7.553  19.261  1.00 25.74 ? 1   MSE A N   1 
HETATM 6    C  CA  . MSE A 1 2   ? -15.582 -7.283  19.866  1.00 27.92 ? 1   MSE A CA  1 
HETATM 7    C  C   . MSE A 1 2   ? -14.782 -6.409  18.917  1.00 29.44 ? 1   MSE A C   1 
HETATM 8    O  O   . MSE A 1 2   ? -14.871 -6.604  17.706  1.00 28.10 ? 1   MSE A O   1 
HETATM 9    C  CB  . MSE A 1 2   ? -14.805 -8.585  20.135  1.00 28.85 ? 1   MSE A CB  1 
HETATM 10   C  CG  . MSE A 1 2   ? -15.453 -9.578  21.129  1.00 29.21 ? 1   MSE A CG  1 
HETATM 11   SE SE  . MSE A 1 2   ? -15.731 -8.865  22.911  0.75 32.04 ? 1   MSE A SE  1 
HETATM 12   C  CE  . MSE A 1 2   ? -17.486 -8.057  22.733  1.00 30.53 ? 1   MSE A CE  1 
ATOM   13   N  N   . ALA A 1 3   ? -14.034 -5.445  19.462  1.00 30.22 ? 2   ALA A N   1 
ATOM   14   C  CA  . ALA A 1 3   ? -13.202 -4.560  18.653  1.00 30.49 ? 2   ALA A CA  1 
ATOM   15   C  C   . ALA A 1 3   ? -12.156 -5.385  17.914  1.00 32.77 ? 2   ALA A C   1 
ATOM   16   O  O   . ALA A 1 3   ? -11.983 -5.211  16.712  1.00 31.88 ? 2   ALA A O   1 
ATOM   17   C  CB  . ALA A 1 3   ? -12.516 -3.500  19.508  1.00 29.67 ? 2   ALA A CB  1 
ATOM   18   N  N   . PHE A 1 4   ? -11.502 -6.307  18.627  1.00 34.54 ? 3   PHE A N   1 
ATOM   19   C  CA  . PHE A 1 4   ? -10.444 -7.164  18.057  1.00 36.50 ? 3   PHE A CA  1 
ATOM   20   C  C   . PHE A 1 4   ? -10.791 -8.626  18.223  1.00 36.66 ? 3   PHE A C   1 
ATOM   21   O  O   . PHE A 1 4   ? -11.039 -9.102  19.333  1.00 33.58 ? 3   PHE A O   1 
ATOM   22   C  CB  . PHE A 1 4   ? -9.104  -6.874  18.729  1.00 39.07 ? 3   PHE A CB  1 
ATOM   23   C  CG  . PHE A 1 4   ? -8.612  -5.487  18.478  1.00 40.05 ? 3   PHE A CG  1 
ATOM   24   C  CD1 . PHE A 1 4   ? -8.355  -5.066  17.182  1.00 40.71 ? 3   PHE A CD1 1 
ATOM   25   C  CD2 . PHE A 1 4   ? -8.424  -4.595  19.528  1.00 40.58 ? 3   PHE A CD2 1 
ATOM   26   C  CE1 . PHE A 1 4   ? -7.911  -3.780  16.927  1.00 41.25 ? 3   PHE A CE1 1 
ATOM   27   C  CE2 . PHE A 1 4   ? -7.990  -3.296  19.283  1.00 40.59 ? 3   PHE A CE2 1 
ATOM   28   C  CZ  . PHE A 1 4   ? -7.721  -2.896  17.992  1.00 40.05 ? 3   PHE A CZ  1 
HETATM 29   N  N   . MSE A 1 5   ? -10.840 -9.335  17.106  1.00 36.23 ? 4   MSE A N   1 
HETATM 30   C  CA  . MSE A 1 5   ? -11.183 -10.740 17.123  1.00 38.83 ? 4   MSE A CA  1 
HETATM 31   C  C   . MSE A 1 5   ? -9.960  -11.650 17.408  1.00 36.66 ? 4   MSE A C   1 
HETATM 32   O  O   . MSE A 1 5   ? -10.151 -12.822 17.633  1.00 37.85 ? 4   MSE A O   1 
HETATM 33   C  CB  . MSE A 1 5   ? -11.845 -11.145 15.774  1.00 45.71 ? 4   MSE A CB  1 
HETATM 34   C  CG  . MSE A 1 5   ? -13.155 -10.389 15.417  1.00 49.36 ? 4   MSE A CG  1 
HETATM 35   SE SE  . MSE A 1 5   ? -14.745 -10.833 16.526  0.75 58.09 ? 4   MSE A SE  1 
HETATM 36   C  CE  . MSE A 1 5   ? -15.785 -9.158  16.339  1.00 51.63 ? 4   MSE A CE  1 
ATOM   37   N  N   . GLU A 1 6   ? -8.728  -11.128 17.365  1.00 32.60 ? 5   GLU A N   1 
ATOM   38   C  CA  . GLU A 1 6   ? -7.523  -11.927 17.608  1.00 31.81 ? 5   GLU A CA  1 
ATOM   39   C  C   . GLU A 1 6   ? -6.580  -11.245 18.594  1.00 30.98 ? 5   GLU A C   1 
ATOM   40   O  O   . GLU A 1 6   ? -6.599  -10.017 18.735  1.00 29.12 ? 5   GLU A O   1 
ATOM   41   C  CB  . GLU A 1 6   ? -6.767  -12.160 16.293  1.00 30.95 ? 5   GLU A CB  1 
ATOM   42   C  CG  . GLU A 1 6   ? -7.559  -12.856 15.217  1.00 30.67 ? 5   GLU A CG  1 
ATOM   43   C  CD  . GLU A 1 6   ? -7.779  -14.367 15.509  1.00 32.69 ? 5   GLU A CD  1 
ATOM   44   O  OE1 . GLU A 1 6   ? -7.175  -14.937 16.431  1.00 33.62 ? 5   GLU A OE1 1 
ATOM   45   O  OE2 . GLU A 1 6   ? -8.605  -14.974 14.829  1.00 32.96 ? 5   GLU A OE2 1 
ATOM   46   N  N   . LYS A 1 7   ? -5.728  -12.058 19.218  1.00 31.70 ? 6   LYS A N   1 
ATOM   47   C  CA  . LYS A 1 7   ? -4.911  -11.686 20.400  1.00 34.40 ? 6   LYS A CA  1 
ATOM   48   C  C   . LYS A 1 7   ? -3.836  -10.639 20.107  1.00 31.49 ? 6   LYS A C   1 
ATOM   49   O  O   . LYS A 1 7   ? -3.485  -9.771  20.930  1.00 29.48 ? 6   LYS A O   1 
ATOM   50   C  CB  . LYS A 1 7   ? -4.159  -12.934 20.937  1.00 35.51 ? 6   LYS A CB  1 
ATOM   51   C  CG  . LYS A 1 7   ? -5.020  -14.099 21.446  1.00 36.67 ? 6   LYS A CG  1 
ATOM   52   C  CD  . LYS A 1 7   ? -4.209  -15.436 21.408  1.00 35.84 ? 6   LYS A CD  1 
ATOM   53   C  CE  . LYS A 1 7   ? -4.917  -16.558 22.148  1.00 37.12 ? 6   LYS A CE  1 
ATOM   54   N  NZ  . LYS A 1 7   ? -4.261  -17.899 21.857  1.00 37.42 ? 6   LYS A NZ  1 
ATOM   55   N  N   . ILE A 1 8   ? -3.277  -10.770 18.937  1.00 29.81 ? 7   ILE A N   1 
ATOM   56   C  CA  . ILE A 1 8   ? -2.109  -10.041 18.574  1.00 27.89 ? 7   ILE A CA  1 
ATOM   57   C  C   . ILE A 1 8   ? -2.520  -8.658  18.036  1.00 26.81 ? 7   ILE A C   1 
ATOM   58   O  O   . ILE A 1 8   ? -1.699  -7.736  17.979  1.00 24.54 ? 7   ILE A O   1 
ATOM   59   C  CB  . ILE A 1 8   ? -1.281  -10.925 17.562  1.00 30.78 ? 7   ILE A CB  1 
ATOM   60   C  CG1 . ILE A 1 8   ? 0.148   -10.415 17.476  1.00 32.65 ? 7   ILE A CG1 1 
ATOM   61   C  CG2 . ILE A 1 8   ? -1.981  -11.070 16.170  1.00 30.28 ? 7   ILE A CG2 1 
ATOM   62   C  CD1 . ILE A 1 8   ? 0.962   -10.861 18.622  1.00 34.25 ? 7   ILE A CD1 1 
ATOM   63   N  N   . PHE A 1 9   ? -3.795  -8.484  17.658  1.00 25.28 ? 8   PHE A N   1 
ATOM   64   C  CA  . PHE A 1 9   ? -4.199  -7.223  16.974  1.00 25.91 ? 8   PHE A CA  1 
ATOM   65   C  C   . PHE A 1 9   ? -3.940  -5.877  17.728  1.00 24.80 ? 8   PHE A C   1 
ATOM   66   O  O   . PHE A 1 9   ? -3.408  -4.940  17.136  1.00 25.98 ? 8   PHE A O   1 
ATOM   67   C  CB  . PHE A 1 9   ? -5.651  -7.303  16.479  1.00 24.60 ? 8   PHE A CB  1 
ATOM   68   C  CG  . PHE A 1 9   ? -5.885  -8.278  15.382  1.00 24.79 ? 8   PHE A CG  1 
ATOM   69   C  CD1 . PHE A 1 9   ? -4.838  -8.863  14.664  1.00 24.94 ? 8   PHE A CD1 1 
ATOM   70   C  CD2 . PHE A 1 9   ? -7.190  -8.538  14.976  1.00 26.60 ? 8   PHE A CD2 1 
ATOM   71   C  CE1 . PHE A 1 9   ? -5.105  -9.717  13.575  1.00 25.70 ? 8   PHE A CE1 1 
ATOM   72   C  CE2 . PHE A 1 9   ? -7.456  -9.408  13.879  1.00 24.51 ? 8   PHE A CE2 1 
ATOM   73   C  CZ  . PHE A 1 9   ? -6.407  -9.992  13.211  1.00 25.72 ? 8   PHE A CZ  1 
ATOM   74   N  N   . PRO A 1 10  ? -4.326  -5.736  19.009  1.00 26.08 ? 9   PRO A N   1 
ATOM   75   C  CA  . PRO A 1 10  ? -3.902  -4.473  19.623  1.00 25.51 ? 9   PRO A CA  1 
ATOM   76   C  C   . PRO A 1 10  ? -2.404  -4.166  19.600  1.00 25.15 ? 9   PRO A C   1 
ATOM   77   O  O   . PRO A 1 10  ? -1.994  -3.023  19.454  1.00 26.46 ? 9   PRO A O   1 
ATOM   78   C  CB  . PRO A 1 10  ? -4.415  -4.569  21.062  1.00 26.05 ? 9   PRO A CB  1 
ATOM   79   C  CG  . PRO A 1 10  ? -4.856  -6.028  21.252  1.00 26.74 ? 9   PRO A CG  1 
ATOM   80   C  CD  . PRO A 1 10  ? -5.153  -6.564  19.900  1.00 26.54 ? 9   PRO A CD  1 
ATOM   81   N  N   . ASP A 1 11  ? -1.593  -5.185  19.740  1.00 24.29 ? 10  ASP A N   1 
ATOM   82   C  CA  . ASP A 1 11  ? -0.141  -5.042  19.775  1.00 27.17 ? 10  ASP A CA  1 
ATOM   83   C  C   . ASP A 1 11  ? 0.384   -4.594  18.397  1.00 24.88 ? 10  ASP A C   1 
ATOM   84   O  O   . ASP A 1 11  ? 1.276   -3.739  18.291  1.00 24.37 ? 10  ASP A O   1 
ATOM   85   C  CB  . ASP A 1 11  ? 0.497   -6.400  20.179  1.00 30.45 ? 10  ASP A CB  1 
ATOM   86   C  CG  . ASP A 1 11  ? -0.031  -6.928  21.501  1.00 32.35 ? 10  ASP A CG  1 
ATOM   87   O  OD1 . ASP A 1 11  ? 0.340   -6.357  22.519  1.00 30.12 ? 10  ASP A OD1 1 
ATOM   88   O  OD2 . ASP A 1 11  ? -0.827  -7.903  21.510  1.00 35.98 ? 10  ASP A OD2 1 
ATOM   89   N  N   A ILE A 1 12  ? -0.183  -5.148  17.335  0.50 24.59 ? 11  ILE A N   1 
ATOM   90   N  N   B ILE A 1 12  ? -0.205  -5.160  17.356  0.50 23.56 ? 11  ILE A N   1 
ATOM   91   C  CA  A ILE A 1 12  ? 0.210   -4.742  15.980  0.50 24.68 ? 11  ILE A CA  1 
ATOM   92   C  CA  B ILE A 1 12  ? 0.111   -4.779  15.982  0.50 23.15 ? 11  ILE A CA  1 
ATOM   93   C  C   A ILE A 1 12  ? -0.043  -3.244  15.740  0.50 24.22 ? 11  ILE A C   1 
ATOM   94   C  C   B ILE A 1 12  ? -0.055  -3.271  15.755  0.50 23.25 ? 11  ILE A C   1 
ATOM   95   O  O   A ILE A 1 12  ? 0.798   -2.573  15.147  0.50 23.20 ? 11  ILE A O   1 
ATOM   96   O  O   B ILE A 1 12  ? 0.824   -2.629  15.186  0.50 22.21 ? 11  ILE A O   1 
ATOM   97   C  CB  A ILE A 1 12  ? -0.457  -5.626  14.878  0.50 25.34 ? 11  ILE A CB  1 
ATOM   98   C  CB  B ILE A 1 12  ? -0.751  -5.583  14.969  0.50 22.56 ? 11  ILE A CB  1 
ATOM   99   C  CG1 A ILE A 1 12  ? 0.177   -7.027  14.852  0.50 25.21 ? 11  ILE A CG1 1 
ATOM   100  C  CG1 B ILE A 1 12  ? -0.306  -7.058  14.926  0.50 21.69 ? 11  ILE A CG1 1 
ATOM   101  C  CG2 A ILE A 1 12  ? -0.309  -4.993  13.500  0.50 25.02 ? 11  ILE A CG2 1 
ATOM   102  C  CG2 B ILE A 1 12  ? -0.679  -4.965  13.576  0.50 22.90 ? 11  ILE A CG2 1 
ATOM   103  C  CD1 A ILE A 1 12  ? -0.855  -8.130  14.850  0.50 25.22 ? 11  ILE A CD1 1 
ATOM   104  C  CD1 B ILE A 1 12  ? 1.124   -7.275  14.476  0.50 17.53 ? 11  ILE A CD1 1 
ATOM   105  N  N   . LEU A 1 13  ? -1.161  -2.708  16.240  1.00 24.23 ? 12  LEU A N   1 
ATOM   106  C  CA  . LEU A 1 13  ? -1.447  -1.298  16.077  1.00 27.08 ? 12  LEU A CA  1 
ATOM   107  C  C   . LEU A 1 13  ? -0.421  -0.401  16.803  1.00 29.83 ? 12  LEU A C   1 
ATOM   108  O  O   . LEU A 1 13  ? -0.135  0.702   16.352  1.00 31.09 ? 12  LEU A O   1 
ATOM   109  C  CB  . LEU A 1 13  ? -2.876  -0.945  16.513  1.00 29.04 ? 12  LEU A CB  1 
ATOM   110  C  CG  . LEU A 1 13  ? -4.067  -1.448  15.690  1.00 30.23 ? 12  LEU A CG  1 
ATOM   111  C  CD1 . LEU A 1 13  ? -5.374  -0.964  16.300  1.00 30.45 ? 12  LEU A CD1 1 
ATOM   112  C  CD2 . LEU A 1 13  ? -3.959  -0.998  14.273  1.00 28.71 ? 12  LEU A CD2 1 
ATOM   113  N  N   . GLU A 1 14  ? 0.130   -0.875  17.914  1.00 31.58 ? 13  GLU A N   1 
ATOM   114  C  CA  . GLU A 1 14  ? 1.175   -0.129  18.628  1.00 32.69 ? 13  GLU A CA  1 
ATOM   115  C  C   . GLU A 1 14  ? 2.513   -0.188  17.883  1.00 30.52 ? 13  GLU A C   1 
ATOM   116  O  O   . GLU A 1 14  ? 3.203   0.829   17.731  1.00 26.92 ? 13  GLU A O   1 
ATOM   117  C  CB  . GLU A 1 14  ? 1.392   -0.728  20.000  1.00 35.58 ? 13  GLU A CB  1 
ATOM   118  C  CG  . GLU A 1 14  ? 0.595   -0.157  21.087  1.00 38.85 ? 13  GLU A CG  1 
ATOM   119  C  CD  . GLU A 1 14  ? 1.130   -0.621  22.417  1.00 41.59 ? 13  GLU A CD  1 
ATOM   120  O  OE1 . GLU A 1 14  ? 0.794   -1.762  22.822  1.00 44.61 ? 13  GLU A OE1 1 
ATOM   121  O  OE2 . GLU A 1 14  ? 1.910   0.134   23.046  1.00 43.66 ? 13  GLU A OE2 1 
ATOM   122  N  N   . ALA A 1 15  ? 2.857   -1.397  17.443  1.00 29.93 ? 14  ALA A N   1 
ATOM   123  C  CA  . ALA A 1 15  ? 4.110   -1.671  16.719  1.00 29.65 ? 14  ALA A CA  1 
ATOM   124  C  C   . ALA A 1 15  ? 4.258   -0.882  15.436  1.00 29.48 ? 14  ALA A C   1 
ATOM   125  O  O   . ALA A 1 15  ? 5.364   -0.495  15.107  1.00 28.98 ? 14  ALA A O   1 
ATOM   126  C  CB  . ALA A 1 15  ? 4.246   -3.167  16.419  1.00 27.71 ? 14  ALA A CB  1 
ATOM   127  N  N   . ILE A 1 16  ? 3.179   -0.700  14.663  1.00 31.09 ? 15  ILE A N   1 
ATOM   128  C  CA  . ILE A 1 16  ? 3.302   0.020   13.391  1.00 31.96 ? 15  ILE A CA  1 
ATOM   129  C  C   . ILE A 1 16  ? 3.672   1.504   13.597  1.00 32.94 ? 15  ILE A C   1 
ATOM   130  O  O   . ILE A 1 16  ? 4.179   2.150   12.695  1.00 34.05 ? 15  ILE A O   1 
ATOM   131  C  CB  . ILE A 1 16  ? 2.052   -0.129  12.453  1.00 32.24 ? 15  ILE A CB  1 
ATOM   132  C  CG1 . ILE A 1 16  ? 0.765   0.431   13.076  1.00 31.52 ? 15  ILE A CG1 1 
ATOM   133  C  CG2 . ILE A 1 16  ? 1.861   -1.585  12.016  1.00 29.76 ? 15  ILE A CG2 1 
ATOM   134  C  CD1 . ILE A 1 16  ? -0.298  0.782   12.020  1.00 31.94 ? 15  ILE A CD1 1 
ATOM   135  N  N   . ARG A 1 17  ? 3.443   2.010   14.805  1.00 34.18 ? 16  ARG A N   1 
ATOM   136  C  CA  . ARG A 1 17  ? 3.855   3.358   15.207  1.00 34.96 ? 16  ARG A CA  1 
ATOM   137  C  C   . ARG A 1 17  ? 5.281   3.410   15.802  1.00 35.48 ? 16  ARG A C   1 
ATOM   138  O  O   . ARG A 1 17  ? 5.725   4.483   16.165  1.00 36.96 ? 16  ARG A O   1 
ATOM   139  C  CB  . ARG A 1 17  ? 2.868   3.908   16.258  1.00 34.83 ? 16  ARG A CB  1 
ATOM   140  C  CG  . ARG A 1 17  ? 1.402   3.843   15.821  1.00 35.06 ? 16  ARG A CG  1 
ATOM   141  N  N   . ASN A 1 18  ? 5.977   2.271   15.909  1.00 34.45 ? 17  ASN A N   1 
ATOM   142  C  CA  . ASN A 1 18  ? 7.273   2.197   16.608  1.00 32.94 ? 17  ASN A CA  1 
ATOM   143  C  C   . ASN A 1 18  ? 8.389   1.724   15.665  1.00 30.96 ? 17  ASN A C   1 
ATOM   144  O  O   . ASN A 1 18  ? 8.562   0.533   15.432  1.00 28.52 ? 17  ASN A O   1 
ATOM   145  C  CB  . ASN A 1 18  ? 7.153   1.264   17.840  1.00 33.91 ? 17  ASN A CB  1 
ATOM   146  C  CG  . ASN A 1 18  ? 8.350   1.358   18.800  1.00 33.70 ? 17  ASN A CG  1 
ATOM   147  O  OD1 . ASN A 1 18  ? 9.512   1.439   18.385  1.00 34.41 ? 17  ASN A OD1 1 
ATOM   148  N  ND2 . ASN A 1 18  ? 8.068   1.298   20.084  1.00 33.09 ? 17  ASN A ND2 1 
ATOM   149  N  N   . GLU A 1 19  ? 9.167   2.670   15.147  1.00 29.83 ? 18  GLU A N   1 
ATOM   150  C  CA  . GLU A 1 19  ? 10.212  2.368   14.161  1.00 30.01 ? 18  GLU A CA  1 
ATOM   151  C  C   . GLU A 1 19  ? 11.293  1.408   14.692  1.00 28.55 ? 18  GLU A C   1 
ATOM   152  O  O   . GLU A 1 19  ? 11.897  0.664   13.912  1.00 29.36 ? 18  GLU A O   1 
ATOM   153  C  CB  . GLU A 1 19  ? 10.854  3.670   13.627  1.00 31.34 ? 18  GLU A CB  1 
ATOM   154  C  CG  . GLU A 1 19  ? 11.430  3.504   12.230  1.00 33.06 ? 18  GLU A CG  1 
ATOM   155  C  CD  . GLU A 1 19  ? 12.324  4.657   11.785  1.00 33.55 ? 18  GLU A CD  1 
ATOM   156  O  OE1 . GLU A 1 19  ? 12.060  5.820   12.139  1.00 32.07 ? 18  GLU A OE1 1 
ATOM   157  O  OE2 . GLU A 1 19  ? 13.285  4.375   11.019  1.00 36.83 ? 18  GLU A OE2 1 
ATOM   158  N  N   . GLU A 1 20  ? 11.525  1.409   16.006  1.00 27.58 ? 19  GLU A N   1 
ATOM   159  C  CA  . GLU A 1 20  ? 12.521  0.506   16.621  1.00 27.44 ? 19  GLU A CA  1 
ATOM   160  C  C   . GLU A 1 20  ? 12.007  -0.920  16.574  1.00 25.95 ? 19  GLU A C   1 
ATOM   161  O  O   . GLU A 1 20  ? 12.742  -1.833  16.197  1.00 27.15 ? 19  GLU A O   1 
ATOM   162  C  CB  . GLU A 1 20  ? 12.839  0.887   18.073  1.00 27.84 ? 19  GLU A CB  1 
ATOM   163  C  CG  . GLU A 1 20  ? 14.132  0.232   18.631  1.00 28.19 ? 19  GLU A CG  1 
ATOM   164  C  CD  . GLU A 1 20  ? 15.417  0.898   18.116  1.00 29.08 ? 19  GLU A CD  1 
ATOM   165  N  N   . ILE A 1 21  ? 10.749  -1.117  16.936  1.00 25.00 ? 20  ILE A N   1 
ATOM   166  C  CA  . ILE A 1 21  ? 10.114  -2.449  16.838  1.00 25.10 ? 20  ILE A CA  1 
ATOM   167  C  C   . ILE A 1 21  ? 10.093  -2.975  15.393  1.00 24.90 ? 20  ILE A C   1 
ATOM   168  O  O   . ILE A 1 21  ? 10.367  -4.167  15.128  1.00 22.16 ? 20  ILE A O   1 
ATOM   169  C  CB  . ILE A 1 21  ? 8.693   -2.416  17.455  1.00 25.79 ? 20  ILE A CB  1 
ATOM   170  C  CG1 . ILE A 1 21  ? 8.794   -2.167  18.951  1.00 26.14 ? 20  ILE A CG1 1 
ATOM   171  C  CG2 . ILE A 1 21  ? 7.965   -3.735  17.281  1.00 25.99 ? 20  ILE A CG2 1 
ATOM   172  C  CD1 . ILE A 1 21  ? 7.500   -2.519  19.680  1.00 26.23 ? 20  ILE A CD1 1 
ATOM   173  N  N   . ILE A 1 22  ? 9.781   -2.100  14.441  1.00 24.71 ? 21  ILE A N   1 
ATOM   174  C  CA  . ILE A 1 22  ? 9.764   -2.511  13.020  1.00 25.92 ? 21  ILE A CA  1 
ATOM   175  C  C   . ILE A 1 22  ? 11.137  -2.958  12.631  1.00 27.04 ? 21  ILE A C   1 
ATOM   176  O  O   . ILE A 1 22  ? 11.315  -4.024  12.059  1.00 26.48 ? 21  ILE A O   1 
ATOM   177  C  CB  . ILE A 1 22  ? 9.336   -1.372  12.054  1.00 25.91 ? 21  ILE A CB  1 
ATOM   178  C  CG1 . ILE A 1 22  ? 7.853   -1.057  12.261  1.00 26.61 ? 21  ILE A CG1 1 
ATOM   179  C  CG2 . ILE A 1 22  ? 9.589   -1.770  10.552  1.00 25.10 ? 21  ILE A CG2 1 
ATOM   180  C  CD1 . ILE A 1 22  ? 7.447   0.333   11.778  1.00 27.11 ? 21  ILE A CD1 1 
ATOM   181  N  N   . LYS A 1 23  ? 12.133  -2.144  12.952  1.00 29.74 ? 22  LYS A N   1 
ATOM   182  C  CA  . LYS A 1 23  ? 13.505  -2.485  12.570  1.00 31.73 ? 22  LYS A CA  1 
ATOM   183  C  C   . LYS A 1 23  ? 13.986  -3.787  13.215  1.00 30.40 ? 22  LYS A C   1 
ATOM   184  O  O   . LYS A 1 23  ? 14.750  -4.514  12.617  1.00 28.13 ? 22  LYS A O   1 
ATOM   185  C  CB  . LYS A 1 23  ? 14.447  -1.323  12.883  1.00 33.55 ? 22  LYS A CB  1 
ATOM   186  C  CG  . LYS A 1 23  ? 14.298  -0.132  11.903  1.00 34.80 ? 22  LYS A CG  1 
ATOM   187  C  CD  . LYS A 1 23  ? 15.414  0.900   12.184  1.00 35.44 ? 22  LYS A CD  1 
ATOM   188  C  CE  . LYS A 1 23  ? 14.913  2.320   12.332  1.00 36.59 ? 22  LYS A CE  1 
ATOM   189  N  NZ  . LYS A 1 23  ? 15.691  3.076   13.403  1.00 37.08 ? 22  LYS A NZ  1 
ATOM   190  N  N   . GLU A 1 24  ? 13.528  -4.087  14.425  1.00 30.92 ? 23  GLU A N   1 
ATOM   191  C  CA  . GLU A 1 24  ? 13.949  -5.313  15.131  1.00 31.87 ? 23  GLU A CA  1 
ATOM   192  C  C   . GLU A 1 24  ? 13.078  -6.555  14.863  1.00 30.67 ? 23  GLU A C   1 
ATOM   193  O  O   . GLU A 1 24  ? 13.441  -7.686  15.244  1.00 30.02 ? 23  GLU A O   1 
ATOM   194  C  CB  . GLU A 1 24  ? 14.016  -5.063  16.632  1.00 34.87 ? 23  GLU A CB  1 
ATOM   195  C  CG  . GLU A 1 24  ? 15.174  -4.189  17.033  1.00 37.28 ? 23  GLU A CG  1 
ATOM   196  C  CD  . GLU A 1 24  ? 16.493  -4.945  17.002  1.00 39.86 ? 23  GLU A CD  1 
ATOM   197  O  OE1 . GLU A 1 24  ? 16.701  -5.785  17.923  1.00 41.96 ? 23  GLU A OE1 1 
ATOM   198  O  OE2 . GLU A 1 24  ? 17.312  -4.690  16.071  1.00 40.76 ? 23  GLU A OE2 1 
ATOM   199  N  N   . SER A 1 25  ? 11.946  -6.360  14.201  1.00 28.07 ? 24  SER A N   1 
ATOM   200  C  CA  . SER A 1 25  ? 11.018  -7.448  13.937  1.00 27.13 ? 24  SER A CA  1 
ATOM   201  C  C   . SER A 1 25  ? 11.601  -8.494  12.970  1.00 27.29 ? 24  SER A C   1 
ATOM   202  O  O   . SER A 1 25  ? 12.527  -8.188  12.191  1.00 25.84 ? 24  SER A O   1 
ATOM   203  C  CB  . SER A 1 25  ? 9.731   -6.860  13.340  1.00 26.39 ? 24  SER A CB  1 
ATOM   204  O  OG  . SER A 1 25  ? 9.926   -6.450  11.996  1.00 30.53 ? 24  SER A OG  1 
ATOM   205  N  N   . LYS A 1 26  ? 11.038  -9.712  12.978  1.00 25.93 ? 25  LYS A N   1 
ATOM   206  C  CA  . LYS A 1 26  ? 11.368  -10.698 11.937  1.00 26.29 ? 25  LYS A CA  1 
ATOM   207  C  C   . LYS A 1 26  ? 10.801  -10.245 10.600  1.00 26.56 ? 25  LYS A C   1 
ATOM   208  O  O   . LYS A 1 26  ? 9.727   -9.685  10.530  1.00 25.89 ? 25  LYS A O   1 
ATOM   209  C  CB  . LYS A 1 26  ? 10.912  -12.127 12.305  1.00 26.44 ? 25  LYS A CB  1 
ATOM   210  C  CG  . LYS A 1 26  ? 11.479  -12.556 13.693  1.00 26.71 ? 25  LYS A CG  1 
ATOM   211  C  CD  . LYS A 1 26  ? 11.487  -14.036 13.980  1.00 28.71 ? 25  LYS A CD  1 
ATOM   212  C  CE  . LYS A 1 26  ? 12.803  -14.709 13.519  1.00 29.52 ? 25  LYS A CE  1 
ATOM   213  N  NZ  . LYS A 1 26  ? 12.704  -16.191 13.462  1.00 26.82 ? 25  LYS A NZ  1 
ATOM   214  N  N   A LYS A 1 27  ? 11.566  -10.464 9.540   0.50 27.14 ? 26  LYS A N   1 
ATOM   215  N  N   B LYS A 1 27  ? 11.545  -10.528 9.528   0.50 26.86 ? 26  LYS A N   1 
ATOM   216  C  CA  A LYS A 1 27  ? 11.121  -10.124 8.212   0.50 27.31 ? 26  LYS A CA  1 
ATOM   217  C  CA  B LYS A 1 27  ? 11.196  -10.112 8.175   0.50 26.69 ? 26  LYS A CA  1 
ATOM   218  C  C   A LYS A 1 27  ? 10.659  -11.391 7.509   0.50 28.98 ? 26  LYS A C   1 
ATOM   219  C  C   B LYS A 1 27  ? 10.756  -11.307 7.300   0.50 28.64 ? 26  LYS A C   1 
ATOM   220  O  O   A LYS A 1 27  ? 11.342  -12.414 7.553   0.50 29.97 ? 26  LYS A O   1 
ATOM   221  O  O   B LYS A 1 27  ? 11.575  -12.179 6.965   0.50 29.12 ? 26  LYS A O   1 
ATOM   222  C  CB  A LYS A 1 27  ? 12.245  -9.449  7.433   0.50 26.89 ? 26  LYS A CB  1 
ATOM   223  C  CB  B LYS A 1 27  ? 12.400  -9.411  7.524   0.50 25.96 ? 26  LYS A CB  1 
ATOM   224  C  CG  A LYS A 1 27  ? 12.370  -7.947  7.676   0.50 27.33 ? 26  LYS A CG  1 
ATOM   225  C  CG  B LYS A 1 27  ? 13.089  -8.323  8.382   0.50 25.52 ? 26  LYS A CG  1 
ATOM   226  C  CD  A LYS A 1 27  ? 12.432  -7.574  9.151   0.50 26.71 ? 26  LYS A CD  1 
ATOM   227  C  CD  B LYS A 1 27  ? 12.282  -7.010  8.383   0.50 25.91 ? 26  LYS A CD  1 
ATOM   228  C  CE  A LYS A 1 27  ? 12.797  -6.106  9.381   0.50 26.87 ? 26  LYS A CE  1 
ATOM   229  C  CE  B LYS A 1 27  ? 12.486  -6.160  9.639   0.50 26.22 ? 26  LYS A CE  1 
ATOM   230  N  NZ  A LYS A 1 27  ? 12.328  -5.652  10.740  0.50 25.50 ? 26  LYS A NZ  1 
ATOM   231  N  NZ  B LYS A 1 27  ? 13.836  -6.291  10.250  0.50 25.19 ? 26  LYS A NZ  1 
ATOM   232  N  N   . ILE A 1 28  ? 9.486   -11.311 6.882   1.00 28.65 ? 27  ILE A N   1 
ATOM   233  C  CA  . ILE A 1 28  ? 8.909   -12.422 6.130   1.00 28.12 ? 27  ILE A CA  1 
ATOM   234  C  C   . ILE A 1 28  ? 9.070   -12.203 4.635   1.00 28.39 ? 27  ILE A C   1 
ATOM   235  O  O   . ILE A 1 28  ? 8.748   -11.111 4.144   1.00 28.22 ? 27  ILE A O   1 
ATOM   236  C  CB  . ILE A 1 28  ? 7.429   -12.635 6.513   1.00 29.23 ? 27  ILE A CB  1 
ATOM   237  C  CG1 . ILE A 1 28  ? 6.951   -14.018 6.112   1.00 27.98 ? 27  ILE A CG1 1 
ATOM   238  C  CG2 . ILE A 1 28  ? 6.485   -11.584 5.897   1.00 30.36 ? 27  ILE A CG2 1 
ATOM   239  C  CD1 . ILE A 1 28  ? 5.523   -14.319 6.614   1.00 29.38 ? 27  ILE A CD1 1 
ATOM   240  N  N   . PRO A 1 29  ? 9.611   -13.205 3.915   1.00 29.11 ? 28  PRO A N   1 
ATOM   241  C  CA  . PRO A 1 29  ? 9.635   -13.179 2.430   1.00 28.55 ? 28  PRO A CA  1 
ATOM   242  C  C   . PRO A 1 29  ? 8.247   -12.954 1.777   1.00 29.03 ? 28  PRO A C   1 
ATOM   243  O  O   . PRO A 1 29  ? 7.260   -13.643 2.125   1.00 30.60 ? 28  PRO A O   1 
ATOM   244  C  CB  . PRO A 1 29  ? 10.143  -14.559 2.068   1.00 28.56 ? 28  PRO A CB  1 
ATOM   245  C  CG  . PRO A 1 29  ? 10.887  -15.037 3.242   1.00 29.05 ? 28  PRO A CG  1 
ATOM   246  C  CD  . PRO A 1 29  ? 10.219  -14.451 4.439   1.00 28.43 ? 28  PRO A CD  1 
HETATM 247  N  N   A MSE A 1 30  ? 8.188   -11.981 0.865   0.50 29.20 ? 29  MSE A N   1 
HETATM 248  N  N   B MSE A 1 30  ? 8.183   -12.011 0.847   0.50 27.97 ? 29  MSE A N   1 
HETATM 249  C  CA  A MSE A 1 30  ? 6.958   -11.574 0.146   0.50 29.28 ? 29  MSE A CA  1 
HETATM 250  C  CA  B MSE A 1 30  ? 6.923   -11.609 0.210   0.50 28.22 ? 29  MSE A CA  1 
HETATM 251  C  C   A MSE A 1 30  ? 6.055   -12.710 -0.373  0.50 27.98 ? 29  MSE A C   1 
HETATM 252  C  C   B MSE A 1 30  ? 6.040   -12.725 -0.366  0.50 27.20 ? 29  MSE A C   1 
HETATM 253  O  O   A MSE A 1 30  ? 4.840   -12.609 -0.276  0.50 27.11 ? 29  MSE A O   1 
HETATM 254  O  O   B MSE A 1 30  ? 4.822   -12.624 -0.302  0.50 26.42 ? 29  MSE A O   1 
HETATM 255  C  CB  A MSE A 1 30  ? 7.309   -10.624 -1.019  0.50 30.75 ? 29  MSE A CB  1 
HETATM 256  C  CB  B MSE A 1 30  ? 7.176   -10.561 -0.878  0.50 28.22 ? 29  MSE A CB  1 
HETATM 257  C  CG  A MSE A 1 30  ? 6.123   -9.862  -1.615  0.50 31.51 ? 29  MSE A CG  1 
HETATM 258  C  CG  B MSE A 1 30  ? 6.032   -9.601  -1.023  0.50 28.68 ? 29  MSE A CG  1 
HETATM 259  SE SE  A MSE A 1 30  ? 5.523   -8.443  -0.412  0.37 33.53 ? 29  MSE A SE  1 
HETATM 260  SE SE  B MSE A 1 30  ? 5.844   -8.563  0.577   0.38 30.07 ? 29  MSE A SE  1 
HETATM 261  C  CE  A MSE A 1 30  ? 3.723   -8.111  -1.066  0.50 33.02 ? 29  MSE A CE  1 
HETATM 262  C  CE  B MSE A 1 30  ? 7.567   -7.639  0.401   0.50 25.39 ? 29  MSE A CE  1 
ATOM   263  N  N   . PRO A 1 31  ? 6.631   -13.789 -0.919  1.00 27.82 ? 30  PRO A N   1 
ATOM   264  C  CA  . PRO A 1 31  ? 5.748   -14.920 -1.372  1.00 28.71 ? 30  PRO A CA  1 
ATOM   265  C  C   . PRO A 1 31  ? 4.786   -15.466 -0.281  1.00 28.35 ? 30  PRO A C   1 
ATOM   266  O  O   . PRO A 1 31  ? 3.647   -15.849 -0.606  1.00 24.85 ? 30  PRO A O   1 
ATOM   267  C  CB  . PRO A 1 31  ? 6.748   -15.970 -1.853  1.00 28.47 ? 30  PRO A CB  1 
ATOM   268  C  CG  . PRO A 1 31  ? 7.964   -15.159 -2.260  1.00 27.30 ? 30  PRO A CG  1 
ATOM   269  C  CD  . PRO A 1 31  ? 8.050   -14.094 -1.188  1.00 28.00 ? 30  PRO A CD  1 
ATOM   270  N  N   . TYR A 1 32  ? 5.208   -15.435 0.982   1.00 27.36 ? 31  TYR A N   1 
ATOM   271  C  CA  . TYR A 1 32  ? 4.404   -15.922 2.080   1.00 28.31 ? 31  TYR A CA  1 
ATOM   272  C  C   . TYR A 1 32  ? 3.349   -14.913 2.545   1.00 28.01 ? 31  TYR A C   1 
ATOM   273  O  O   . TYR A 1 32  ? 2.270   -15.284 3.007   1.00 27.68 ? 31  TYR A O   1 
ATOM   274  C  CB  . TYR A 1 32  ? 5.322   -16.290 3.247   1.00 29.30 ? 31  TYR A CB  1 
ATOM   275  C  CG  . TYR A 1 32  ? 6.219   -17.473 2.941   1.00 29.96 ? 31  TYR A CG  1 
ATOM   276  C  CD1 . TYR A 1 32  ? 5.674   -18.742 2.702   1.00 29.59 ? 31  TYR A CD1 1 
ATOM   277  C  CD2 . TYR A 1 32  ? 7.607   -17.340 2.941   1.00 30.21 ? 31  TYR A CD2 1 
ATOM   278  C  CE1 . TYR A 1 32  ? 6.470   -19.820 2.466   1.00 30.11 ? 31  TYR A CE1 1 
ATOM   279  C  CE2 . TYR A 1 32  ? 8.413   -18.436 2.688   1.00 29.63 ? 31  TYR A CE2 1 
ATOM   280  C  CZ  . TYR A 1 32  ? 7.844   -19.655 2.436   1.00 29.07 ? 31  TYR A CZ  1 
ATOM   281  O  OH  . TYR A 1 32  ? 8.612   -20.748 2.196   1.00 29.61 ? 31  TYR A OH  1 
ATOM   282  N  N   . PHE A 1 33  ? 3.679   -13.637 2.412   1.00 27.17 ? 32  PHE A N   1 
ATOM   283  C  CA  . PHE A 1 33  ? 2.749   -12.551 2.623   1.00 27.99 ? 32  PHE A CA  1 
ATOM   284  C  C   . PHE A 1 33  ? 1.640   -12.676 1.561   1.00 26.78 ? 32  PHE A C   1 
ATOM   285  O  O   . PHE A 1 33  ? 0.492   -12.652 1.871   1.00 25.41 ? 32  PHE A O   1 
ATOM   286  C  CB  . PHE A 1 33  ? 3.493   -11.213 2.534   1.00 32.24 ? 32  PHE A CB  1 
ATOM   287  C  CG  . PHE A 1 33  ? 2.618   -10.002 2.726   1.00 33.44 ? 32  PHE A CG  1 
ATOM   288  C  CD1 . PHE A 1 33  ? 1.884   -9.479  1.677   1.00 33.51 ? 32  PHE A CD1 1 
ATOM   289  C  CD2 . PHE A 1 33  ? 2.591   -9.348  3.929   1.00 35.38 ? 32  PHE A CD2 1 
ATOM   290  C  CE1 . PHE A 1 33  ? 1.099   -8.356  1.857   1.00 34.29 ? 32  PHE A CE1 1 
ATOM   291  C  CE2 . PHE A 1 33  ? 1.786   -8.203  4.102   1.00 35.85 ? 32  PHE A CE2 1 
ATOM   292  C  CZ  . PHE A 1 33  ? 1.043   -7.738  3.083   1.00 34.45 ? 32  PHE A CZ  1 
ATOM   293  N  N   . GLY A 1 34  ? 1.979   -12.905 0.299   1.00 23.38 ? 33  GLY A N   1 
ATOM   294  C  CA  . GLY A 1 34  ? 0.967   -13.118 -0.669  1.00 23.52 ? 33  GLY A CA  1 
ATOM   295  C  C   . GLY A 1 34  ? 0.138   -14.353 -0.520  1.00 20.78 ? 33  GLY A C   1 
ATOM   296  O  O   . GLY A 1 34  ? -1.038  -14.345 -0.853  1.00 22.99 ? 33  GLY A O   1 
ATOM   297  N  N   . LEU A 1 35  ? 0.748   -15.429 -0.066  1.00 21.59 ? 34  LEU A N   1 
ATOM   298  C  CA  . LEU A 1 35  ? 0.049   -16.692 0.181   1.00 19.70 ? 34  LEU A CA  1 
ATOM   299  C  C   . LEU A 1 35  ? -1.031  -16.529 1.223   1.00 21.46 ? 34  LEU A C   1 
ATOM   300  O  O   . LEU A 1 35  ? -2.105  -17.110 1.122   1.00 19.34 ? 34  LEU A O   1 
ATOM   301  C  CB  . LEU A 1 35  ? 1.050   -17.789 0.615   1.00 21.02 ? 34  LEU A CB  1 
ATOM   302  C  CG  . LEU A 1 35  ? 0.379   -19.162 0.831   1.00 20.01 ? 34  LEU A CG  1 
ATOM   303  C  CD1 . LEU A 1 35  ? -0.284  -19.665 -0.423  1.00 22.54 ? 34  LEU A CD1 1 
ATOM   304  C  CD2 . LEU A 1 35  ? 1.278   -20.234 1.402   1.00 21.72 ? 34  LEU A CD2 1 
ATOM   305  N  N   . PHE A 1 36  ? -0.753  -15.716 2.227   1.00 21.13 ? 35  PHE A N   1 
ATOM   306  C  CA  . PHE A 1 36  ? -1.743  -15.384 3.244   1.00 24.98 ? 35  PHE A CA  1 
ATOM   307  C  C   . PHE A 1 36  ? -3.027  -14.797 2.633   1.00 22.14 ? 35  PHE A C   1 
ATOM   308  O  O   . PHE A 1 36  ? -4.153  -15.212 2.960   1.00 22.46 ? 35  PHE A O   1 
ATOM   309  C  CB  . PHE A 1 36  ? -1.123  -14.436 4.243   1.00 28.68 ? 35  PHE A CB  1 
ATOM   310  C  CG  . PHE A 1 36  ? -1.979  -14.203 5.461   1.00 30.86 ? 35  PHE A CG  1 
ATOM   311  C  CD1 . PHE A 1 36  ? -1.933  -15.096 6.505   1.00 30.61 ? 35  PHE A CD1 1 
ATOM   312  C  CD2 . PHE A 1 36  ? -2.820  -13.107 5.538   1.00 32.84 ? 35  PHE A CD2 1 
ATOM   313  C  CE1 . PHE A 1 36  ? -2.717  -14.920 7.635   1.00 30.52 ? 35  PHE A CE1 1 
ATOM   314  C  CE2 . PHE A 1 36  ? -3.638  -12.913 6.668   1.00 34.03 ? 35  PHE A CE2 1 
ATOM   315  C  CZ  . PHE A 1 36  ? -3.557  -13.821 7.726   1.00 32.28 ? 35  PHE A CZ  1 
ATOM   316  N  N   . ALA A 1 37  ? -2.848  -13.824 1.751   1.00 21.31 ? 36  ALA A N   1 
ATOM   317  C  CA  . ALA A 1 37  ? -3.924  -13.153 1.141   1.00 22.51 ? 36  ALA A CA  1 
ATOM   318  C  C   . ALA A 1 37  ? -4.679  -14.168 0.262   1.00 21.68 ? 36  ALA A C   1 
ATOM   319  O  O   . ALA A 1 37  ? -5.892  -14.162 0.184   1.00 23.72 ? 36  ALA A O   1 
ATOM   320  C  CB  . ALA A 1 37  ? -3.388  -11.951 0.290   1.00 23.02 ? 36  ALA A CB  1 
ATOM   321  N  N   . LEU A 1 38  ? -3.937  -15.021 -0.431  1.00 22.80 ? 37  LEU A N   1 
ATOM   322  C  CA  . LEU A 1 38  ? -4.540  -16.028 -1.310  1.00 23.85 ? 37  LEU A CA  1 
ATOM   323  C  C   . LEU A 1 38  ? -5.411  -16.978 -0.484  1.00 25.40 ? 37  LEU A C   1 
ATOM   324  O  O   . LEU A 1 38  ? -6.518  -17.371 -0.907  1.00 23.69 ? 37  LEU A O   1 
ATOM   325  C  CB  . LEU A 1 38  ? -3.441  -16.826 -2.029  1.00 25.50 ? 37  LEU A CB  1 
ATOM   326  C  CG  . LEU A 1 38  ? -3.851  -17.950 -2.984  1.00 25.96 ? 37  LEU A CG  1 
ATOM   327  C  CD1 . LEU A 1 38  ? -2.668  -18.232 -3.927  1.00 27.21 ? 37  LEU A CD1 1 
ATOM   328  C  CD2 . LEU A 1 38  ? -4.281  -19.218 -2.242  1.00 26.95 ? 37  LEU A CD2 1 
ATOM   329  N  N   . VAL A 1 39  ? -4.887  -17.400 0.666   1.00 25.29 ? 38  VAL A N   1 
ATOM   330  C  CA  . VAL A 1 39  ? -5.624  -18.344 1.520   1.00 27.46 ? 38  VAL A CA  1 
ATOM   331  C  C   . VAL A 1 39  ? -6.877  -17.682 2.137   1.00 27.69 ? 38  VAL A C   1 
ATOM   332  O  O   . VAL A 1 39  ? -7.942  -18.285 2.144   1.00 28.59 ? 38  VAL A O   1 
ATOM   333  C  CB  . VAL A 1 39  ? -4.704  -19.040 2.576   1.00 25.40 ? 38  VAL A CB  1 
ATOM   334  C  CG1 . VAL A 1 39  ? -5.536  -19.788 3.615   1.00 28.78 ? 38  VAL A CG1 1 
ATOM   335  C  CG2 . VAL A 1 39  ? -3.666  -19.961 1.872   1.00 26.60 ? 38  VAL A CG2 1 
ATOM   336  N  N   A ILE A 1 40  ? -6.758  -16.448 2.611   0.50 27.68 ? 39  ILE A N   1 
ATOM   337  N  N   B ILE A 1 40  ? -6.735  -16.463 2.644   0.50 28.50 ? 39  ILE A N   1 
ATOM   338  C  CA  A ILE A 1 40  ? -7.905  -15.779 3.222   0.50 27.87 ? 39  ILE A CA  1 
ATOM   339  C  CA  B ILE A 1 40  ? -7.872  -15.725 3.196   0.50 29.07 ? 39  ILE A CA  1 
ATOM   340  C  C   A ILE A 1 40  ? -8.949  -15.236 2.226   0.50 29.79 ? 39  ILE A C   1 
ATOM   341  C  C   B ILE A 1 40  ? -8.969  -15.547 2.129   0.50 30.38 ? 39  ILE A C   1 
ATOM   342  O  O   A ILE A 1 40  ? -10.069 -14.945 2.642   0.50 27.50 ? 39  ILE A O   1 
ATOM   343  O  O   B ILE A 1 40  ? -10.121 -15.910 2.345   0.50 27.56 ? 39  ILE A O   1 
ATOM   344  C  CB  A ILE A 1 40  ? -7.491  -14.691 4.241   0.50 27.75 ? 39  ILE A CB  1 
ATOM   345  C  CB  B ILE A 1 40  ? -7.440  -14.362 3.802   0.50 29.39 ? 39  ILE A CB  1 
ATOM   346  C  CG1 A ILE A 1 40  ? -8.655  -14.379 5.196   0.50 27.62 ? 39  ILE A CG1 1 
ATOM   347  C  CG1 B ILE A 1 40  ? -6.513  -14.597 5.004   0.50 28.89 ? 39  ILE A CG1 1 
ATOM   348  C  CG2 A ILE A 1 40  ? -7.030  -13.396 3.567   0.50 25.93 ? 39  ILE A CG2 1 
ATOM   349  C  CG2 B ILE A 1 40  ? -8.670  -13.540 4.246   0.50 29.39 ? 39  ILE A CG2 1 
ATOM   350  C  CD1 A ILE A 1 40  ? -8.256  -13.453 6.267   0.50 27.24 ? 39  ILE A CD1 1 
ATOM   351  C  CD1 B ILE A 1 40  ? -6.182  -13.380 5.757   0.50 29.65 ? 39  ILE A CD1 1 
ATOM   352  N  N   . PHE A 1 41  ? -8.592  -15.088 0.944   1.00 31.11 ? 40  PHE A N   1 
ATOM   353  C  CA  . PHE A 1 41  ? -9.572  -14.809 -0.090  1.00 33.90 ? 40  PHE A CA  1 
ATOM   354  C  C   . PHE A 1 41  ? -10.391 -16.044 -0.441  1.00 37.46 ? 40  PHE A C   1 
ATOM   355  O  O   . PHE A 1 41  ? -11.571 -15.934 -0.721  1.00 38.55 ? 40  PHE A O   1 
ATOM   356  C  CB  . PHE A 1 41  ? -8.926  -14.246 -1.364  1.00 33.37 ? 40  PHE A CB  1 
ATOM   357  C  CG  . PHE A 1 41  ? -8.704  -12.755 -1.335  1.00 32.50 ? 40  PHE A CG  1 
ATOM   358  C  CD1 . PHE A 1 41  ? -8.077  -12.154 -0.269  1.00 32.92 ? 40  PHE A CD1 1 
ATOM   359  C  CD2 . PHE A 1 41  ? -9.104  -11.962 -2.403  1.00 33.76 ? 40  PHE A CD2 1 
ATOM   360  C  CE1 . PHE A 1 41  ? -7.862  -10.791 -0.253  1.00 34.01 ? 40  PHE A CE1 1 
ATOM   361  C  CE2 . PHE A 1 41  ? -8.885  -10.603 -2.411  1.00 33.21 ? 40  PHE A CE2 1 
ATOM   362  C  CZ  . PHE A 1 41  ? -8.258  -10.011 -1.333  1.00 33.16 ? 40  PHE A CZ  1 
ATOM   363  N  N   . ASP A 1 42  ? -9.763  -17.212 -0.468  1.00 40.80 ? 41  ASP A N   1 
ATOM   364  C  CA  . ASP A 1 42  ? -10.508 -18.469 -0.572  1.00 42.76 ? 41  ASP A CA  1 
ATOM   365  C  C   . ASP A 1 42  ? -11.553 -18.621 0.530   1.00 43.68 ? 41  ASP A C   1 
ATOM   366  O  O   . ASP A 1 42  ? -12.623 -19.166 0.284   1.00 44.81 ? 41  ASP A O   1 
ATOM   367  C  CB  . ASP A 1 42  ? -9.569  -19.646 -0.461  1.00 44.38 ? 41  ASP A CB  1 
ATOM   368  C  CG  . ASP A 1 42  ? -9.087  -20.109 -1.769  1.00 46.14 ? 41  ASP A CG  1 
ATOM   369  O  OD1 . ASP A 1 42  ? -9.857  -20.804 -2.464  1.00 48.17 ? 41  ASP A OD1 1 
ATOM   370  O  OD2 . ASP A 1 42  ? -7.930  -19.811 -2.107  1.00 47.73 ? 41  ASP A OD2 1 
ATOM   371  N  N   . LYS A 1 43  ? -11.223 -18.187 1.743   1.00 43.96 ? 42  LYS A N   1 
ATOM   372  C  CA  . LYS A 1 43  ? -12.165 -18.196 2.869   1.00 44.16 ? 42  LYS A CA  1 
ATOM   373  C  C   . LYS A 1 43  ? -13.190 -17.054 2.805   1.00 43.64 ? 42  LYS A C   1 
ATOM   374  O  O   . LYS A 1 43  ? -14.357 -17.283 3.071   1.00 42.78 ? 42  LYS A O   1 
ATOM   375  C  CB  . LYS A 1 43  ? -11.407 -18.143 4.217   1.00 44.68 ? 42  LYS A CB  1 
ATOM   376  C  CG  . LYS A 1 43  ? -10.502 -19.369 4.475   1.00 45.19 ? 42  LYS A CG  1 
ATOM   377  C  CD  . LYS A 1 43  ? -10.977 -20.272 5.630   1.00 45.36 ? 42  LYS A CD  1 
ATOM   378  C  CE  . LYS A 1 43  ? -11.610 -21.575 5.156   1.00 45.74 ? 42  LYS A CE  1 
ATOM   379  N  NZ  . LYS A 1 43  ? -12.092 -22.429 6.310   1.00 45.16 ? 42  LYS A NZ  1 
ATOM   380  N  N   . VAL A 1 44  ? -12.757 -15.821 2.505   1.00 44.30 ? 43  VAL A N   1 
ATOM   381  C  CA  . VAL A 1 44  ? -13.704 -14.736 2.189   1.00 44.34 ? 43  VAL A CA  1 
ATOM   382  C  C   . VAL A 1 44  ? -14.704 -15.338 1.193   1.00 43.74 ? 43  VAL A C   1 
ATOM   383  O  O   . VAL A 1 44  ? -15.897 -15.421 1.474   1.00 45.02 ? 43  VAL A O   1 
ATOM   384  C  CB  . VAL A 1 44  ? -13.014 -13.415 1.587   1.00 44.35 ? 43  VAL A CB  1 
ATOM   385  C  CG1 . VAL A 1 44  ? -14.042 -12.458 0.944   1.00 44.23 ? 43  VAL A CG1 1 
ATOM   386  C  CG2 . VAL A 1 44  ? -12.167 -12.670 2.633   1.00 44.07 ? 43  VAL A CG2 1 
ATOM   387  N  N   . LYS A 1 45  ? -14.216 -15.798 0.051   1.00 43.88 ? 44  LYS A N   1 
ATOM   388  C  CA  . LYS A 1 45  ? -15.106 -16.378 -0.961  1.00 43.80 ? 44  LYS A CA  1 
ATOM   389  C  C   . LYS A 1 45  ? -15.787 -17.609 -0.398  1.00 44.32 ? 44  LYS A C   1 
ATOM   390  O  O   . LYS A 1 45  ? -17.007 -17.743 -0.506  1.00 44.23 ? 44  LYS A O   1 
ATOM   391  C  CB  . LYS A 1 45  ? -14.354 -16.740 -2.258  1.00 43.83 ? 44  LYS A CB  1 
ATOM   392  N  N   . GLY A 1 48  ? -18.272 -16.729 2.642   1.00 46.92 ? 47  GLY A N   1 
ATOM   393  C  CA  . GLY A 1 48  ? -19.279 -16.411 1.621   1.00 46.09 ? 47  GLY A CA  1 
ATOM   394  C  C   . GLY A 1 48  ? -19.388 -14.955 1.158   1.00 46.42 ? 47  GLY A C   1 
ATOM   395  O  O   . GLY A 1 48  ? -20.443 -14.560 0.650   1.00 46.37 ? 47  GLY A O   1 
ATOM   396  N  N   . SER A 1 49  ? -18.314 -14.164 1.304   1.00 45.53 ? 48  SER A N   1 
ATOM   397  C  CA  . SER A 1 49  ? -18.284 -12.765 0.833   1.00 44.71 ? 48  SER A CA  1 
ATOM   398  C  C   . SER A 1 49  ? -17.209 -12.518 -0.257  1.00 44.09 ? 48  SER A C   1 
ATOM   399  O  O   . SER A 1 49  ? -16.795 -13.472 -0.935  1.00 44.48 ? 48  SER A O   1 
ATOM   400  C  CB  . SER A 1 49  ? -18.131 -11.806 2.019   1.00 45.09 ? 48  SER A CB  1 
ATOM   401  N  N   A GLU A 1 50  ? -16.742 -11.272 -0.373  0.50 43.76 ? 49  GLU A N   1 
ATOM   402  N  N   B GLU A 1 50  ? -16.780 -11.258 -0.414  0.50 43.70 ? 49  GLU A N   1 
ATOM   403  C  CA  A GLU A 1 50  ? -15.986 -10.812 -1.542  0.50 43.57 ? 49  GLU A CA  1 
ATOM   404  C  CA  B GLU A 1 50  ? -16.049 -10.780 -1.608  0.50 43.45 ? 49  GLU A CA  1 
ATOM   405  C  C   A GLU A 1 50  ? -15.309 -9.453  -1.294  0.50 43.56 ? 49  GLU A C   1 
ATOM   406  C  C   B GLU A 1 50  ? -15.329 -9.439  -1.329  0.50 43.46 ? 49  GLU A C   1 
ATOM   407  O  O   A GLU A 1 50  ? -15.881 -8.581  -0.622  0.50 43.88 ? 49  GLU A O   1 
ATOM   408  O  O   B GLU A 1 50  ? -15.895 -8.565  -0.655  0.50 43.76 ? 49  GLU A O   1 
ATOM   409  C  CB  A GLU A 1 50  ? -16.964 -10.672 -2.709  0.50 44.33 ? 49  GLU A CB  1 
ATOM   410  C  CB  B GLU A 1 50  ? -17.067 -10.580 -2.757  0.50 43.93 ? 49  GLU A CB  1 
ATOM   411  C  CG  A GLU A 1 50  ? -16.374 -10.382 -4.063  0.50 44.51 ? 49  GLU A CG  1 
ATOM   412  C  CG  B GLU A 1 50  ? -16.555 -10.645 -4.216  0.50 43.85 ? 49  GLU A CG  1 
ATOM   413  C  CD  A GLU A 1 50  ? -17.458 -10.077 -5.064  0.50 44.34 ? 49  GLU A CD  1 
ATOM   414  C  CD  B GLU A 1 50  ? -15.454 -11.664 -4.447  0.50 43.77 ? 49  GLU A CD  1 
ATOM   415  O  OE1 A GLU A 1 50  ? -18.284 -10.973 -5.321  0.50 44.62 ? 49  GLU A OE1 1 
ATOM   416  O  OE1 B GLU A 1 50  ? -15.620 -12.845 -4.066  0.50 43.92 ? 49  GLU A OE1 1 
ATOM   417  O  OE2 A GLU A 1 50  ? -17.501 -8.940  -5.575  0.50 44.57 ? 49  GLU A OE2 1 
ATOM   418  O  OE2 B GLU A 1 50  ? -14.414 -11.277 -5.021  0.50 43.49 ? 49  GLU A OE2 1 
ATOM   419  N  N   . THR A 1 51  ? -14.098 -9.273  -1.833  1.00 42.82 ? 50  THR A N   1 
ATOM   420  C  CA  . THR A 1 51  ? -13.395 -7.943  -1.792  1.00 40.51 ? 50  THR A CA  1 
ATOM   421  C  C   . THR A 1 51  ? -12.264 -7.896  -2.851  1.00 37.58 ? 50  THR A C   1 
ATOM   422  O  O   . THR A 1 51  ? -12.238 -8.728  -3.759  1.00 38.21 ? 50  THR A O   1 
ATOM   423  C  CB  . THR A 1 51  ? -12.926 -7.566  -0.315  1.00 40.66 ? 50  THR A CB  1 
ATOM   424  O  OG1 . THR A 1 51  ? -12.434 -6.209  -0.266  1.00 42.59 ? 50  THR A OG1 1 
ATOM   425  C  CG2 . THR A 1 51  ? -11.898 -8.548  0.211   1.00 40.90 ? 50  THR A CG2 1 
ATOM   426  N  N   . SER A 1 52  ? -11.373 -6.912  -2.810  1.00 34.51 ? 51  SER A N   1 
ATOM   427  C  CA  . SER A 1 52  ? -10.198 -6.939  -3.722  1.00 30.66 ? 51  SER A CA  1 
ATOM   428  C  C   . SER A 1 52  ? -8.937  -6.505  -3.008  1.00 26.64 ? 51  SER A C   1 
ATOM   429  O  O   . SER A 1 52  ? -8.999  -5.886  -1.970  1.00 26.35 ? 51  SER A O   1 
ATOM   430  C  CB  . SER A 1 52  ? -10.431 -6.043  -4.921  1.00 28.99 ? 51  SER A CB  1 
ATOM   431  O  OG  . SER A 1 52  ? -10.280 -4.710  -4.560  1.00 28.18 ? 51  SER A OG  1 
ATOM   432  N  N   . LEU A 1 53  ? -7.783  -6.850  -3.560  1.00 23.48 ? 52  LEU A N   1 
ATOM   433  C  CA  . LEU A 1 53  ? -6.519  -6.368  -3.010  1.00 21.74 ? 52  LEU A CA  1 
ATOM   434  C  C   . LEU A 1 53  ? -6.412  -4.812  -3.001  1.00 21.90 ? 52  LEU A C   1 
ATOM   435  O  O   . LEU A 1 53  ? -5.808  -4.231  -2.103  1.00 24.89 ? 52  LEU A O   1 
ATOM   436  C  CB  . LEU A 1 53  ? -5.348  -7.000  -3.759  1.00 20.33 ? 52  LEU A CB  1 
ATOM   437  C  CG  . LEU A 1 53  ? -5.092  -8.453  -3.285  1.00 21.02 ? 52  LEU A CG  1 
ATOM   438  C  CD1 . LEU A 1 53  ? -4.075  -9.099  -4.122  1.00 23.19 ? 52  LEU A CD1 1 
ATOM   439  C  CD2 . LEU A 1 53  ? -4.616  -8.439  -1.820  1.00 22.62 ? 52  LEU A CD2 1 
ATOM   440  N  N   . TYR A 1 54  ? -6.972  -4.167  -4.012  1.00 22.61 ? 53  TYR A N   1 
ATOM   441  C  CA  . TYR A 1 54  ? -7.054  -2.706  -4.037  1.00 22.36 ? 53  TYR A CA  1 
ATOM   442  C  C   . TYR A 1 54  ? -7.865  -2.178  -2.861  1.00 23.28 ? 53  TYR A C   1 
ATOM   443  O  O   . TYR A 1 54  ? -7.428  -1.287  -2.136  1.00 22.16 ? 53  TYR A O   1 
ATOM   444  C  CB  . TYR A 1 54  ? -7.690  -2.262  -5.331  1.00 23.59 ? 53  TYR A CB  1 
ATOM   445  C  CG  . TYR A 1 54  ? -7.759  -0.757  -5.490  1.00 22.85 ? 53  TYR A CG  1 
ATOM   446  C  CD1 . TYR A 1 54  ? -6.681  -0.057  -5.952  1.00 22.46 ? 53  TYR A CD1 1 
ATOM   447  C  CD2 . TYR A 1 54  ? -8.912  -0.061  -5.199  1.00 23.92 ? 53  TYR A CD2 1 
ATOM   448  C  CE1 . TYR A 1 54  ? -6.712  1.330   -6.091  1.00 23.06 ? 53  TYR A CE1 1 
ATOM   449  C  CE2 . TYR A 1 54  ? -8.961  1.350   -5.339  1.00 22.97 ? 53  TYR A CE2 1 
ATOM   450  C  CZ  . TYR A 1 54  ? -7.854  2.029   -5.809  1.00 22.82 ? 53  TYR A CZ  1 
ATOM   451  O  OH  . TYR A 1 54  ? -7.849  3.427   -5.947  1.00 23.81 ? 53  TYR A OH  1 
ATOM   452  N  N   . GLU A 1 55  ? -9.038  -2.714  -2.647  1.00 25.69 ? 54  GLU A N   1 
ATOM   453  C  CA  . GLU A 1 55  ? -9.854  -2.219  -1.544  1.00 26.81 ? 54  GLU A CA  1 
ATOM   454  C  C   . GLU A 1 55  ? -9.244  -2.473  -0.165  1.00 25.51 ? 54  GLU A C   1 
ATOM   455  O  O   . GLU A 1 55  ? -9.260  -1.604  0.701   1.00 24.93 ? 54  GLU A O   1 
ATOM   456  C  CB  . GLU A 1 55  ? -11.256 -2.791  -1.649  1.00 30.47 ? 54  GLU A CB  1 
ATOM   457  C  CG  . GLU A 1 55  ? -11.992 -2.265  -2.857  1.00 32.86 ? 54  GLU A CG  1 
ATOM   458  C  CD  . GLU A 1 55  ? -13.287 -3.000  -3.083  1.00 35.06 ? 54  GLU A CD  1 
ATOM   459  O  OE1 . GLU A 1 55  ? -14.025 -3.206  -2.074  1.00 37.60 ? 54  GLU A OE1 1 
ATOM   460  O  OE2 . GLU A 1 55  ? -13.543 -3.348  -4.268  1.00 39.07 ? 54  GLU A OE2 1 
ATOM   461  N  N   . ILE A 1 56  ? -8.634  -3.639  0.031   1.00 24.95 ? 55  ILE A N   1 
ATOM   462  C  CA  . ILE A 1 56  ? -7.851  -3.882  1.230   1.00 22.64 ? 55  ILE A CA  1 
ATOM   463  C  C   . ILE A 1 56  ? -6.656  -2.924  1.413   1.00 23.67 ? 55  ILE A C   1 
ATOM   464  O  O   . ILE A 1 56  ? -6.372  -2.473  2.520   1.00 23.80 ? 55  ILE A O   1 
ATOM   465  C  CB  . ILE A 1 56  ? -7.385  -5.392  1.317   1.00 22.48 ? 55  ILE A CB  1 
ATOM   466  C  CG1 . ILE A 1 56  ? -8.571  -6.359  1.236   1.00 22.12 ? 55  ILE A CG1 1 
ATOM   467  C  CG2 . ILE A 1 56  ? -6.589  -5.636  2.611   1.00 22.72 ? 55  ILE A CG2 1 
ATOM   468  C  CD1 . ILE A 1 56  ? -9.469  -6.298  2.518   1.00 26.97 ? 55  ILE A CD1 1 
ATOM   469  N  N   . GLY A 1 57  ? -5.907  -2.647  0.355   1.00 22.71 ? 56  GLY A N   1 
ATOM   470  C  CA  . GLY A 1 57  ? -4.870  -1.617  0.366   1.00 24.35 ? 56  GLY A CA  1 
ATOM   471  C  C   . GLY A 1 57  ? -5.397  -0.249  0.760   1.00 24.33 ? 56  GLY A C   1 
ATOM   472  O  O   . GLY A 1 57  ? -4.800  0.422   1.615   1.00 24.70 ? 56  GLY A O   1 
ATOM   473  N  N   . GLU A 1 58  ? -6.553  0.140   0.226   1.00 24.67 ? 57  GLU A N   1 
ATOM   474  C  CA  . GLU A 1 58  ? -7.201  1.398   0.704   1.00 26.01 ? 57  GLU A CA  1 
ATOM   475  C  C   . GLU A 1 58  ? -7.350  1.429   2.200   1.00 26.91 ? 57  GLU A C   1 
ATOM   476  O  O   . GLU A 1 58  ? -6.966  2.395   2.852   1.00 23.35 ? 57  GLU A O   1 
ATOM   477  C  CB  . GLU A 1 58  ? -8.572  1.663   0.059   1.00 25.84 ? 57  GLU A CB  1 
ATOM   478  C  CG  . GLU A 1 58  ? -8.520  1.853   -1.460  1.00 26.55 ? 57  GLU A CG  1 
ATOM   479  C  CD  . GLU A 1 58  ? -9.890  2.106   -2.023  1.00 26.71 ? 57  GLU A CD  1 
ATOM   480  O  OE1 . GLU A 1 58  ? -10.608 1.116   -2.237  1.00 25.94 ? 57  GLU A OE1 1 
ATOM   481  O  OE2 . GLU A 1 58  ? -10.241 3.288   -2.238  1.00 26.77 ? 57  GLU A OE2 1 
ATOM   482  N  N   . GLU A 1 59  ? -7.898  0.354   2.768   1.00 28.80 ? 58  GLU A N   1 
ATOM   483  C  CA  . GLU A 1 59  ? -8.109  0.291   4.235   1.00 28.81 ? 58  GLU A CA  1 
ATOM   484  C  C   . GLU A 1 59  ? -6.800  0.253   5.025   1.00 26.08 ? 58  GLU A C   1 
ATOM   485  O  O   . GLU A 1 59  ? -6.712  0.840   6.074   1.00 23.54 ? 58  GLU A O   1 
ATOM   486  C  CB  . GLU A 1 59  ? -8.962  -0.934  4.624   1.00 31.85 ? 58  GLU A CB  1 
ATOM   487  C  CG  . GLU A 1 59  ? -10.356 -0.915  4.078   1.00 33.27 ? 58  GLU A CG  1 
ATOM   488  C  CD  . GLU A 1 59  ? -11.256 0.166   4.692   1.00 36.48 ? 58  GLU A CD  1 
ATOM   489  O  OE1 . GLU A 1 59  ? -10.882 0.921   5.633   1.00 35.98 ? 58  GLU A OE1 1 
ATOM   490  O  OE2 . GLU A 1 59  ? -12.380 0.255   4.188   1.00 40.32 ? 58  GLU A OE2 1 
ATOM   491  N  N   . PHE A 1 60  ? -5.818  -0.466  4.489   1.00 24.40 ? 59  PHE A N   1 
ATOM   492  C  CA  . PHE A 1 60  ? -4.462  -0.578  5.021   1.00 24.10 ? 59  PHE A CA  1 
ATOM   493  C  C   . PHE A 1 60  ? -3.830  0.809   5.105   1.00 24.90 ? 59  PHE A C   1 
ATOM   494  O  O   . PHE A 1 60  ? -3.370  1.212   6.181   1.00 27.96 ? 59  PHE A O   1 
ATOM   495  C  CB  . PHE A 1 60  ? -3.678  -1.520  4.130   1.00 23.95 ? 59  PHE A CB  1 
ATOM   496  C  CG  . PHE A 1 60  ? -2.413  -2.046  4.725   1.00 23.10 ? 59  PHE A CG  1 
ATOM   497  C  CD1 . PHE A 1 60  ? -1.250  -1.334  4.599   1.00 23.03 ? 59  PHE A CD1 1 
ATOM   498  C  CD2 . PHE A 1 60  ? -2.384  -3.320  5.332   1.00 23.06 ? 59  PHE A CD2 1 
ATOM   499  C  CE1 . PHE A 1 60  ? -0.043  -1.846  5.080   1.00 24.73 ? 59  PHE A CE1 1 
ATOM   500  C  CE2 . PHE A 1 60  ? -1.239  -3.826  5.817   1.00 22.65 ? 59  PHE A CE2 1 
ATOM   501  C  CZ  . PHE A 1 60  ? -0.044  -3.102  5.708   1.00 23.53 ? 59  PHE A CZ  1 
ATOM   502  N  N   . GLY A 1 61  ? -3.958  1.557   4.015   1.00 28.35 ? 60  GLY A N   1 
ATOM   503  C  CA  . GLY A 1 61  ? -3.489  2.942   3.901   1.00 27.49 ? 60  GLY A CA  1 
ATOM   504  C  C   . GLY A 1 61  ? -4.081  3.859   4.935   1.00 27.33 ? 60  GLY A C   1 
ATOM   505  O  O   . GLY A 1 61  ? -3.356  4.611   5.607   1.00 28.51 ? 60  GLY A O   1 
ATOM   506  N  N   A LYS A 1 62  ? -5.402  3.758   5.119   0.50 25.73 ? 61  LYS A N   1 
ATOM   507  N  N   B LYS A 1 62  ? -5.406  3.809   5.044   0.50 27.70 ? 61  LYS A N   1 
ATOM   508  C  CA  A LYS A 1 62  ? -6.115  4.478   6.182   0.50 25.22 ? 61  LYS A CA  1 
ATOM   509  C  CA  B LYS A 1 62  ? -6.164  4.609   5.998   0.50 28.67 ? 61  LYS A CA  1 
ATOM   510  C  C   A LYS A 1 62  ? -5.635  4.164   7.608   0.50 26.62 ? 61  LYS A C   1 
ATOM   511  C  C   B LYS A 1 62  ? -5.766  4.361   7.455   0.50 28.94 ? 61  LYS A C   1 
ATOM   512  O  O   A LYS A 1 62  ? -5.397  5.082   8.379   0.50 25.72 ? 61  LYS A O   1 
ATOM   513  O  O   B LYS A 1 62  ? -5.814  5.270   8.272   0.50 28.08 ? 61  LYS A O   1 
ATOM   514  C  CB  A LYS A 1 62  ? -7.635  4.258   6.076   0.50 24.10 ? 61  LYS A CB  1 
ATOM   515  C  CB  B LYS A 1 62  ? -7.663  4.361   5.786   0.50 29.26 ? 61  LYS A CB  1 
ATOM   516  C  CG  A LYS A 1 62  ? -8.305  4.761   4.768   0.50 22.03 ? 61  LYS A CG  1 
ATOM   517  C  CG  B LYS A 1 62  ? -8.589  4.948   6.847   0.50 28.85 ? 61  LYS A CG  1 
ATOM   518  C  CD  A LYS A 1 62  ? -7.798  6.117   4.387   0.50 22.11 ? 61  LYS A CD  1 
ATOM   519  C  CD  B LYS A 1 62  ? -10.014 4.526   6.594   0.50 29.10 ? 61  LYS A CD  1 
ATOM   520  C  CE  A LYS A 1 62  ? -8.661  6.853   3.427   0.50 21.33 ? 61  LYS A CE  1 
ATOM   521  C  CE  B LYS A 1 62  ? -10.828 4.584   7.870   0.50 28.09 ? 61  LYS A CE  1 
HETATM 522  N  N   A MSE A 1 63  ? -5.496  2.883   7.957   0.50 27.48 ? 62  MSE A N   1 
HETATM 523  N  N   B MSE A 1 63  ? -5.368  3.127   7.753   0.50 29.31 ? 62  MSE A N   1 
HETATM 524  C  CA  A MSE A 1 63  ? -4.858  2.501   9.213   0.50 29.04 ? 62  MSE A CA  1 
HETATM 525  C  CA  B MSE A 1 63  ? -4.917  2.722   9.070   0.50 29.13 ? 62  MSE A CA  1 
HETATM 526  C  C   A MSE A 1 63  ? -3.468  3.145   9.401   0.50 28.43 ? 62  MSE A C   1 
HETATM 527  C  C   B MSE A 1 63  ? -3.485  3.157   9.377   0.50 28.55 ? 62  MSE A C   1 
HETATM 528  O  O   A MSE A 1 63  ? -3.149  3.604   10.505  0.50 28.40 ? 62  MSE A O   1 
HETATM 529  O  O   B MSE A 1 63  ? -3.152  3.450   10.529  0.50 28.44 ? 62  MSE A O   1 
HETATM 530  C  CB  A MSE A 1 63  ? -4.722  0.964   9.340   0.50 30.98 ? 62  MSE A CB  1 
HETATM 531  C  CB  B MSE A 1 63  ? -5.012  1.202   9.176   0.50 30.26 ? 62  MSE A CB  1 
HETATM 532  C  CG  A MSE A 1 63  ? -5.830  0.222   10.125  0.50 33.07 ? 62  MSE A CG  1 
HETATM 533  C  CG  B MSE A 1 63  ? -6.421  0.720   9.037   0.50 31.22 ? 62  MSE A CG  1 
HETATM 534  SE SE  A MSE A 1 63  ? -6.297  0.910   11.895  0.37 36.47 ? 62  MSE A SE  1 
HETATM 535  SE SE  B MSE A 1 63  ? -7.313  0.904   10.729  0.38 34.23 ? 62  MSE A SE  1 
HETATM 536  C  CE  A MSE A 1 63  ? -4.619  1.757   12.427  0.50 36.78 ? 62  MSE A CE  1 
HETATM 537  C  CE  B MSE A 1 63  ? -6.581  -0.755  11.365  0.50 31.76 ? 62  MSE A CE  1 
ATOM   538  N  N   . LEU A 1 64  ? -2.644  3.163   8.354   1.00 27.93 ? 63  LEU A N   1 
ATOM   539  C  CA  . LEU A 1 64  ? -1.278  3.666   8.452   1.00 28.88 ? 63  LEU A CA  1 
ATOM   540  C  C   . LEU A 1 64  ? -1.311  5.169   8.716   1.00 28.89 ? 63  LEU A C   1 
ATOM   541  O  O   . LEU A 1 64  ? -0.541  5.703   9.520   1.00 28.96 ? 63  LEU A O   1 
ATOM   542  C  CB  . LEU A 1 64  ? -0.481  3.386   7.163   1.00 28.92 ? 63  LEU A CB  1 
ATOM   543  C  CG  . LEU A 1 64  ? -0.099  1.961   6.780   1.00 31.06 ? 63  LEU A CG  1 
ATOM   544  C  CD1 . LEU A 1 64  ? 0.463   1.979   5.353   1.00 29.50 ? 63  LEU A CD1 1 
ATOM   545  C  CD2 . LEU A 1 64  ? 0.866   1.354   7.758   1.00 31.37 ? 63  LEU A CD2 1 
ATOM   546  N  N   . SER A 1 65  ? -2.252  5.842   8.056   1.00 28.63 ? 64  SER A N   1 
ATOM   547  C  CA  . SER A 1 65  ? -2.561  7.274   8.362   1.00 28.73 ? 64  SER A CA  1 
ATOM   548  C  C   . SER A 1 65  ? -1.318  8.192   8.493   1.00 27.88 ? 64  SER A C   1 
ATOM   549  O  O   . SER A 1 65  ? -1.108  8.846   9.496   1.00 30.14 ? 64  SER A O   1 
ATOM   550  C  CB  . SER A 1 65  ? -3.453  7.375   9.613   1.00 29.23 ? 64  SER A CB  1 
ATOM   551  O  OG  . SER A 1 65  ? -4.174  8.583   9.599   1.00 28.18 ? 64  SER A OG  1 
ATOM   552  N  N   . PRO A 1 66  ? -0.509  8.287   7.428   1.00 28.55 ? 65  PRO A N   1 
ATOM   553  C  CA  . PRO A 1 66  ? 0.653   9.172   7.382   1.00 28.59 ? 65  PRO A CA  1 
ATOM   554  C  C   . PRO A 1 66  ? 0.155   10.621  7.369   1.00 29.44 ? 65  PRO A C   1 
ATOM   555  O  O   . PRO A 1 66  ? -0.894  10.910  6.795   1.00 29.09 ? 65  PRO A O   1 
ATOM   556  C  CB  . PRO A 1 66  ? 1.336   8.814   6.034   1.00 28.57 ? 65  PRO A CB  1 
ATOM   557  C  CG  . PRO A 1 66  ? 0.259   8.228   5.220   1.00 28.19 ? 65  PRO A CG  1 
ATOM   558  C  CD  . PRO A 1 66  ? -0.711  7.571   6.169   1.00 27.89 ? 65  PRO A CD  1 
ATOM   559  N  N   . LYS A 1 67  ? 0.871   11.506  8.037   1.00 31.08 ? 66  LYS A N   1 
ATOM   560  C  CA  . LYS A 1 67  ? 0.445   12.903  8.143   1.00 31.51 ? 66  LYS A CA  1 
ATOM   561  C  C   . LYS A 1 67  ? 0.893   13.747  6.942   1.00 30.87 ? 66  LYS A C   1 
ATOM   562  O  O   . LYS A 1 67  ? 0.408   14.876  6.720   1.00 30.86 ? 66  LYS A O   1 
ATOM   563  C  CB  . LYS A 1 67  ? 0.937   13.492  9.451   1.00 33.10 ? 66  LYS A CB  1 
ATOM   564  C  CG  . LYS A 1 67  ? 0.303   12.802  10.696  1.00 34.75 ? 66  LYS A CG  1 
ATOM   565  N  N   . ASN A 1 68  ? 1.824   13.220  6.158   1.00 28.74 ? 67  ASN A N   1 
ATOM   566  C  CA  . ASN A 1 68  ? 2.358   13.997  5.049   1.00 26.86 ? 67  ASN A CA  1 
ATOM   567  C  C   . ASN A 1 68  ? 3.082   13.093  4.077   1.00 26.52 ? 67  ASN A C   1 
ATOM   568  O  O   . ASN A 1 68  ? 3.169   11.869  4.282   1.00 24.59 ? 67  ASN A O   1 
ATOM   569  C  CB  . ASN A 1 68  ? 3.235   15.186  5.560   1.00 26.00 ? 67  ASN A CB  1 
ATOM   570  C  CG  . ASN A 1 68  ? 4.415   14.764  6.441   1.00 26.72 ? 67  ASN A CG  1 
ATOM   571  O  OD1 . ASN A 1 68  ? 5.162   13.840  6.121   1.00 27.79 ? 67  ASN A OD1 1 
ATOM   572  N  ND2 . ASN A 1 68  ? 4.628   15.514  7.546   1.00 24.91 ? 67  ASN A ND2 1 
ATOM   573  N  N   . ILE A 1 69  ? 3.500   13.663  2.968   1.00 26.31 ? 68  ILE A N   1 
ATOM   574  C  CA  . ILE A 1 69  ? 4.176   12.899  1.927   1.00 25.27 ? 68  ILE A CA  1 
ATOM   575  C  C   . ILE A 1 69  ? 5.494   12.359  2.457   1.00 26.16 ? 68  ILE A C   1 
ATOM   576  O  O   . ILE A 1 69  ? 5.846   11.236  2.159   1.00 27.10 ? 68  ILE A O   1 
ATOM   577  C  CB  . ILE A 1 69  ? 4.399   13.750  0.660   1.00 25.47 ? 68  ILE A CB  1 
ATOM   578  C  CG1 . ILE A 1 69  ? 3.069   14.130  0.003   1.00 26.09 ? 68  ILE A CG1 1 
ATOM   579  C  CG2 . ILE A 1 69  ? 5.303   13.060  -0.349  1.00 23.40 ? 68  ILE A CG2 1 
ATOM   580  C  CD1 . ILE A 1 69  ? 2.166   13.053  -0.357  1.00 25.94 ? 68  ILE A CD1 1 
ATOM   581  N  N   . GLU A 1 70  ? 6.206   13.097  3.322   1.00 27.81 ? 69  GLU A N   1 
ATOM   582  C  CA  . GLU A 1 70  ? 7.513   12.574  3.742   1.00 28.92 ? 69  GLU A CA  1 
ATOM   583  C  C   . GLU A 1 70  ? 7.310   11.278  4.545   1.00 27.95 ? 69  GLU A C   1 
ATOM   584  O  O   . GLU A 1 70  ? 8.029   10.300  4.366   1.00 25.43 ? 69  GLU A O   1 
ATOM   585  C  CB  . GLU A 1 70  ? 8.348   13.632  4.486   1.00 32.45 ? 69  GLU A CB  1 
ATOM   586  C  CG  . GLU A 1 70  ? 9.879   13.614  4.163   1.00 35.99 ? 69  GLU A CG  1 
ATOM   587  C  CD  . GLU A 1 70  ? 10.247  13.395  2.649   1.00 38.97 ? 69  GLU A CD  1 
ATOM   588  O  OE1 . GLU A 1 70  ? 9.684   14.072  1.737   1.00 41.47 ? 69  GLU A OE1 1 
ATOM   589  O  OE2 . GLU A 1 70  ? 11.125  12.528  2.379   1.00 41.15 ? 69  GLU A OE2 1 
ATOM   590  N  N   . GLU A 1 71  ? 6.288   11.268  5.402   1.00 28.73 ? 70  GLU A N   1 
ATOM   591  C  CA  . GLU A 1 71  ? 5.935   10.116  6.205   1.00 30.55 ? 70  GLU A CA  1 
ATOM   592  C  C   . GLU A 1 71  ? 5.459   8.939   5.333   1.00 28.50 ? 70  GLU A C   1 
ATOM   593  O  O   . GLU A 1 71  ? 5.793   7.784   5.607   1.00 27.52 ? 70  GLU A O   1 
ATOM   594  C  CB  . GLU A 1 71  ? 4.859   10.516  7.247   1.00 33.08 ? 70  GLU A CB  1 
ATOM   595  C  CG  . GLU A 1 71  ? 4.652   9.472   8.295   1.00 35.99 ? 70  GLU A CG  1 
ATOM   596  C  CD  . GLU A 1 71  ? 3.882   9.959   9.563   1.00 35.94 ? 70  GLU A CD  1 
ATOM   597  O  OE1 . GLU A 1 71  ? 3.321   11.069  9.613   1.00 38.10 ? 70  GLU A OE1 1 
ATOM   598  O  OE2 . GLU A 1 71  ? 3.834   9.172   10.519  1.00 40.43 ? 70  GLU A OE2 1 
ATOM   599  N  N   . LEU A 1 72  ? 4.708   9.237   4.282   1.00 27.18 ? 71  LEU A N   1 
ATOM   600  C  CA  . LEU A 1 72  ? 4.311   8.207   3.300   1.00 28.88 ? 71  LEU A CA  1 
ATOM   601  C  C   . LEU A 1 72  ? 5.538   7.505   2.692   1.00 30.33 ? 71  LEU A C   1 
ATOM   602  O  O   . LEU A 1 72  ? 5.584   6.260   2.548   1.00 31.20 ? 71  LEU A O   1 
ATOM   603  C  CB  . LEU A 1 72  ? 3.448   8.843   2.201   1.00 28.31 ? 71  LEU A CB  1 
ATOM   604  C  CG  . LEU A 1 72  ? 2.886   7.963   1.065   1.00 27.12 ? 71  LEU A CG  1 
ATOM   605  C  CD1 . LEU A 1 72  ? 2.399   6.598   1.526   1.00 26.64 ? 71  LEU A CD1 1 
ATOM   606  C  CD2 . LEU A 1 72  ? 1.787   8.703   0.354   1.00 27.98 ? 71  LEU A CD2 1 
ATOM   607  N  N   . LYS A 1 73  ? 6.524   8.319   2.308   1.00 30.27 ? 72  LYS A N   1 
ATOM   608  C  CA  . LYS A 1 73  ? 7.762   7.814   1.728   1.00 28.78 ? 72  LYS A CA  1 
ATOM   609  C  C   . LYS A 1 73  ? 8.513   6.909   2.716   1.00 29.30 ? 72  LYS A C   1 
ATOM   610  O  O   . LYS A 1 73  ? 9.082   5.858   2.315   1.00 26.63 ? 72  LYS A O   1 
ATOM   611  C  CB  . LYS A 1 73  ? 8.651   8.970   1.253   1.00 29.46 ? 72  LYS A CB  1 
ATOM   612  C  CG  . LYS A 1 73  ? 8.080   9.781   0.049   1.00 29.57 ? 72  LYS A CG  1 
ATOM   613  C  CD  . LYS A 1 73  ? 8.985   10.982  -0.288  1.00 29.81 ? 72  LYS A CD  1 
ATOM   614  C  CE  . LYS A 1 73  ? 8.547   11.692  -1.557  1.00 30.82 ? 72  LYS A CE  1 
ATOM   615  N  NZ  . LYS A 1 73  ? 9.205   13.041  -1.807  1.00 29.95 ? 72  LYS A NZ  1 
ATOM   616  N  N   . LYS A 1 74  ? 8.527   7.329   3.992   1.00 29.60 ? 73  LYS A N   1 
ATOM   617  C  CA  . LYS A 1 74  ? 9.189   6.590   5.038   1.00 31.05 ? 73  LYS A CA  1 
ATOM   618  C  C   . LYS A 1 74  ? 8.551   5.228   5.299   1.00 29.81 ? 73  LYS A C   1 
ATOM   619  O  O   . LYS A 1 74  ? 9.238   4.244   5.442   1.00 28.88 ? 73  LYS A O   1 
ATOM   620  C  CB  . LYS A 1 74  ? 9.205   7.391   6.324   1.00 31.21 ? 73  LYS A CB  1 
ATOM   621  C  CG  . LYS A 1 74  ? 10.210  6.891   7.344   1.00 32.66 ? 73  LYS A CG  1 
ATOM   622  C  CD  . LYS A 1 74  ? 9.882   7.460   8.715   1.00 33.30 ? 73  LYS A CD  1 
ATOM   623  C  CE  . LYS A 1 74  ? 11.149  7.772   9.556   1.00 35.84 ? 73  LYS A CE  1 
ATOM   624  N  N   . ILE A 1 75  ? 7.233   5.199   5.413   1.00 30.95 ? 74  ILE A N   1 
ATOM   625  C  CA  . ILE A 1 75  ? 6.488   3.937   5.554   1.00 30.28 ? 74  ILE A CA  1 
ATOM   626  C  C   . ILE A 1 75  ? 6.822   2.954   4.438   1.00 27.09 ? 74  ILE A C   1 
ATOM   627  O  O   . ILE A 1 75  ? 7.004   1.772   4.694   1.00 25.40 ? 74  ILE A O   1 
ATOM   628  C  CB  . ILE A 1 75  ? 4.973   4.168   5.566   1.00 32.26 ? 74  ILE A CB  1 
ATOM   629  C  CG1 . ILE A 1 75  ? 4.579   4.884   6.866   1.00 33.34 ? 74  ILE A CG1 1 
ATOM   630  C  CG2 . ILE A 1 75  ? 4.236   2.825   5.421   1.00 34.06 ? 74  ILE A CG2 1 
ATOM   631  C  CD1 . ILE A 1 75  ? 3.183   5.511   6.875   1.00 33.19 ? 74  ILE A CD1 1 
ATOM   632  N  N   . PHE A 1 76  ? 6.934   3.416   3.201   1.00 26.77 ? 75  PHE A N   1 
ATOM   633  C  CA  . PHE A 1 76  ? 7.293   2.499   2.095   1.00 26.32 ? 75  PHE A CA  1 
ATOM   634  C  C   . PHE A 1 76  ? 8.711   1.908   2.262   1.00 27.54 ? 75  PHE A C   1 
ATOM   635  O  O   . PHE A 1 76  ? 8.926   0.724   2.002   1.00 26.83 ? 75  PHE A O   1 
ATOM   636  C  CB  . PHE A 1 76  ? 7.086   3.138   0.732   1.00 25.66 ? 75  PHE A CB  1 
ATOM   637  C  CG  . PHE A 1 76  ? 5.715   2.870   0.147   1.00 23.82 ? 75  PHE A CG  1 
ATOM   638  C  CD1 . PHE A 1 76  ? 4.588   3.310   0.805   1.00 25.95 ? 75  PHE A CD1 1 
ATOM   639  C  CD2 . PHE A 1 76  ? 5.572   2.188   -1.035  1.00 26.11 ? 75  PHE A CD2 1 
ATOM   640  C  CE1 . PHE A 1 76  ? 3.327   3.030   0.342   1.00 26.75 ? 75  PHE A CE1 1 
ATOM   641  C  CE2 . PHE A 1 76  ? 4.312   1.907   -1.530  1.00 25.96 ? 75  PHE A CE2 1 
ATOM   642  C  CZ  . PHE A 1 76  ? 3.192   2.357   -0.857  1.00 24.75 ? 75  PHE A CZ  1 
ATOM   643  N  N   . LYS A 1 77  ? 9.657   2.700   2.755   1.00 27.83 ? 76  LYS A N   1 
ATOM   644  C  CA  . LYS A 1 77  ? 10.991  2.139   3.048   1.00 30.09 ? 76  LYS A CA  1 
ATOM   645  C  C   . LYS A 1 77  ? 10.952  1.136   4.203   1.00 27.53 ? 76  LYS A C   1 
ATOM   646  O  O   . LYS A 1 77  ? 11.637  0.121   4.155   1.00 26.01 ? 76  LYS A O   1 
ATOM   647  C  CB  . LYS A 1 77  ? 12.015  3.228   3.366   1.00 32.25 ? 76  LYS A CB  1 
ATOM   648  C  CG  . LYS A 1 77  ? 12.405  4.087   2.187   1.00 36.25 ? 76  LYS A CG  1 
ATOM   649  C  CD  . LYS A 1 77  ? 13.130  3.296   1.081   1.00 38.52 ? 76  LYS A CD  1 
ATOM   650  C  CE  . LYS A 1 77  ? 14.434  2.656   1.578   1.00 40.32 ? 76  LYS A CE  1 
ATOM   651  N  NZ  . LYS A 1 77  ? 15.402  2.268   0.448   1.00 39.98 ? 76  LYS A NZ  1 
ATOM   652  N  N   . LEU A 1 78  ? 10.213  1.465   5.264   1.00 26.83 ? 77  LEU A N   1 
ATOM   653  C  CA  . LEU A 1 78  ? 10.066  0.549   6.412   1.00 28.05 ? 77  LEU A CA  1 
ATOM   654  C  C   . LEU A 1 78  ? 9.405   -0.779  6.053   1.00 29.07 ? 77  LEU A C   1 
ATOM   655  O  O   . LEU A 1 78  ? 9.792   -1.842  6.567   1.00 31.21 ? 77  LEU A O   1 
ATOM   656  C  CB  . LEU A 1 78  ? 9.261   1.229   7.502   1.00 28.52 ? 77  LEU A CB  1 
ATOM   657  C  CG  . LEU A 1 78  ? 9.955   2.356   8.239   1.00 29.24 ? 77  LEU A CG  1 
ATOM   658  C  CD1 . LEU A 1 78  ? 8.987   2.995   9.244   1.00 27.67 ? 77  LEU A CD1 1 
ATOM   659  C  CD2 . LEU A 1 78  ? 11.245  1.857   8.914   1.00 30.06 ? 77  LEU A CD2 1 
HETATM 660  N  N   . MSE A 1 79  ? 8.420   -0.725  5.159   1.00 26.71 ? 78  MSE A N   1 
HETATM 661  C  CA  . MSE A 1 79  ? 7.736   -1.912  4.688   1.00 27.73 ? 78  MSE A CA  1 
HETATM 662  C  C   . MSE A 1 79  ? 8.608   -2.726  3.715   1.00 28.38 ? 78  MSE A C   1 
HETATM 663  O  O   . MSE A 1 79  ? 8.304   -3.888  3.427   1.00 27.72 ? 78  MSE A O   1 
HETATM 664  C  CB  . MSE A 1 79  ? 6.443   -1.502  4.012   1.00 26.93 ? 78  MSE A CB  1 
HETATM 665  C  CG  . MSE A 1 79  ? 5.396   -0.912  4.870   1.00 29.81 ? 78  MSE A CG  1 
HETATM 666  SE SE  . MSE A 1 79  ? 3.706   -0.656  3.837   0.75 28.43 ? 78  MSE A SE  1 
HETATM 667  C  CE  . MSE A 1 79  ? 3.072   -2.487  3.840   1.00 30.27 ? 78  MSE A CE  1 
ATOM   668  N  N   . ASN A 1 80  ? 9.697   -2.121  3.225   1.00 27.86 ? 79  ASN A N   1 
ATOM   669  C  CA  . ASN A 1 80  ? 10.540  -2.701  2.197   1.00 28.52 ? 79  ASN A CA  1 
ATOM   670  C  C   . ASN A 1 80  ? 9.775   -2.826  0.885   1.00 27.81 ? 79  ASN A C   1 
ATOM   671  O  O   . ASN A 1 80  ? 10.023  -3.719  0.015   1.00 28.96 ? 79  ASN A O   1 
ATOM   672  C  CB  . ASN A 1 80  ? 11.185  -4.026  2.656   1.00 29.58 ? 79  ASN A CB  1 
ATOM   673  C  CG  . ASN A 1 80  ? 12.445  -4.330  1.899   1.00 31.87 ? 79  ASN A CG  1 
ATOM   674  O  OD1 . ASN A 1 80  ? 13.092  -3.410  1.409   1.00 33.57 ? 79  ASN A OD1 1 
ATOM   675  N  ND2 . ASN A 1 80  ? 12.799  -5.616  1.768   1.00 31.98 ? 79  ASN A ND2 1 
ATOM   676  N  N   . PHE A 1 81  ? 8.891   -1.854  0.667   1.00 26.54 ? 80  PHE A N   1 
ATOM   677  C  CA  . PHE A 1 81  ? 8.068   -1.806  -0.561  1.00 26.51 ? 80  PHE A CA  1 
ATOM   678  C  C   . PHE A 1 81  ? 8.689   -0.937  -1.665  1.00 27.48 ? 80  PHE A C   1 
ATOM   679  O  O   . PHE A 1 81  ? 8.167   -0.875  -2.765  1.00 28.34 ? 80  PHE A O   1 
ATOM   680  C  CB  . PHE A 1 81  ? 6.639   -1.324  -0.182  1.00 26.12 ? 80  PHE A CB  1 
ATOM   681  C  CG  . PHE A 1 81  ? 5.666   -2.445  0.109   1.00 24.22 ? 80  PHE A CG  1 
ATOM   682  C  CD1 . PHE A 1 81  ? 6.099   -3.667  0.593   1.00 23.58 ? 80  PHE A CD1 1 
ATOM   683  C  CD2 . PHE A 1 81  ? 4.313   -2.244  -0.082  1.00 23.39 ? 80  PHE A CD2 1 
ATOM   684  C  CE1 . PHE A 1 81  ? 5.223   -4.689  0.809   1.00 24.70 ? 80  PHE A CE1 1 
ATOM   685  C  CE2 . PHE A 1 81  ? 3.414   -3.227  0.127   1.00 24.87 ? 80  PHE A CE2 1 
ATOM   686  C  CZ  . PHE A 1 81  ? 3.855   -4.488  0.587   1.00 26.53 ? 80  PHE A CZ  1 
ATOM   687  N  N   . GLY A 1 82  ? 9.834   -0.308  -1.377  1.00 29.21 ? 81  GLY A N   1 
ATOM   688  C  CA  . GLY A 1 82  ? 10.565  0.495   -2.342  1.00 28.25 ? 81  GLY A CA  1 
ATOM   689  C  C   . GLY A 1 82  ? 10.617  1.990   -2.082  1.00 28.48 ? 81  GLY A C   1 
ATOM   690  O  O   . GLY A 1 82  ? 10.205  2.480   -1.026  1.00 23.66 ? 81  GLY A O   1 
ATOM   691  N  N   . ASP A 1 83  ? 11.162  2.692   -3.067  1.00 28.08 ? 82  ASP A N   1 
ATOM   692  C  CA  . ASP A 1 83  ? 11.402  4.142   -3.014  1.00 29.53 ? 82  ASP A CA  1 
ATOM   693  C  C   . ASP A 1 83  ? 10.333  4.852   -3.818  1.00 27.82 ? 82  ASP A C   1 
ATOM   694  O  O   . ASP A 1 83  ? 10.325  4.821   -5.054  1.00 25.75 ? 82  ASP A O   1 
ATOM   695  C  CB  . ASP A 1 83  ? 12.772  4.495   -3.580  1.00 29.96 ? 82  ASP A CB  1 
ATOM   696  C  CG  . ASP A 1 83  ? 13.877  3.660   -2.977  1.00 32.36 ? 82  ASP A CG  1 
ATOM   697  O  OD1 . ASP A 1 83  ? 14.284  3.903   -1.820  1.00 33.01 ? 82  ASP A OD1 1 
ATOM   698  O  OD2 . ASP A 1 83  ? 14.325  2.736   -3.659  1.00 34.79 ? 82  ASP A OD2 1 
ATOM   699  N  N   . LEU A 1 84  ? 9.454   5.510   -3.095  1.00 28.43 ? 83  LEU A N   1 
ATOM   700  C  CA  . LEU A 1 84  ? 8.316   6.193   -3.641  1.00 29.38 ? 83  LEU A CA  1 
ATOM   701  C  C   . LEU A 1 84  ? 8.783   7.594   -4.094  1.00 30.45 ? 83  LEU A C   1 
ATOM   702  O  O   . LEU A 1 84  ? 9.392   8.323   -3.336  1.00 29.72 ? 83  LEU A O   1 
ATOM   703  C  CB  . LEU A 1 84  ? 7.247   6.282   -2.536  1.00 30.83 ? 83  LEU A CB  1 
ATOM   704  C  CG  . LEU A 1 84  ? 5.768   6.421   -2.834  1.00 32.29 ? 83  LEU A CG  1 
ATOM   705  C  CD1 . LEU A 1 84  ? 5.321   5.443   -3.908  1.00 31.71 ? 83  LEU A CD1 1 
ATOM   706  C  CD2 . LEU A 1 84  ? 4.914   6.289   -1.501  1.00 30.40 ? 83  LEU A CD2 1 
ATOM   707  N  N   . GLU A 1 85  ? 8.527   7.922   -5.354  1.00 31.56 ? 84  GLU A N   1 
ATOM   708  C  CA  . GLU A 1 85  ? 8.887   9.210   -5.935  1.00 33.00 ? 84  GLU A CA  1 
ATOM   709  C  C   . GLU A 1 85  ? 7.627   10.063  -6.051  1.00 31.87 ? 84  GLU A C   1 
ATOM   710  O  O   . GLU A 1 85  ? 6.745   9.777   -6.856  1.00 29.52 ? 84  GLU A O   1 
ATOM   711  C  CB  . GLU A 1 85  ? 9.568   9.012   -7.297  1.00 34.26 ? 84  GLU A CB  1 
ATOM   712  C  CG  . GLU A 1 85  ? 10.824  8.163   -7.209  1.00 35.48 ? 84  GLU A CG  1 
ATOM   713  C  CD  . GLU A 1 85  ? 11.531  7.885   -8.546  1.00 37.05 ? 84  GLU A CD  1 
ATOM   714  O  OE1 . GLU A 1 85  ? 11.147  8.423   -9.617  1.00 38.78 ? 84  GLU A OE1 1 
ATOM   715  O  OE2 . GLU A 1 85  ? 12.496  7.093   -8.496  1.00 40.70 ? 84  GLU A OE2 1 
ATOM   716  N  N   . ILE A 1 86  ? 7.558   11.106  -5.230  1.00 31.88 ? 85  ILE A N   1 
ATOM   717  C  CA  . ILE A 1 86  ? 6.416   12.048  -5.187  1.00 32.41 ? 85  ILE A CA  1 
ATOM   718  C  C   . ILE A 1 86  ? 6.978   13.449  -5.022  1.00 32.37 ? 85  ILE A C   1 
ATOM   719  O  O   . ILE A 1 86  ? 7.709   13.707  -4.064  1.00 32.85 ? 85  ILE A O   1 
ATOM   720  C  CB  . ILE A 1 86  ? 5.458   11.793  -3.969  1.00 33.25 ? 85  ILE A CB  1 
ATOM   721  C  CG1 . ILE A 1 86  ? 5.253   10.285  -3.715  1.00 34.36 ? 85  ILE A CG1 1 
ATOM   722  C  CG2 . ILE A 1 86  ? 4.144   12.555  -4.146  1.00 33.19 ? 85  ILE A CG2 1 
ATOM   723  C  CD1 . ILE A 1 86  ? 4.078   9.926   -2.743  1.00 33.44 ? 85  ILE A CD1 1 
ATOM   724  N  N   . ASP A 1 87  ? 6.646   14.337  -5.955  1.00 31.93 ? 86  ASP A N   1 
ATOM   725  C  CA  . ASP A 1 87  ? 6.971   15.756  -5.860  1.00 31.20 ? 86  ASP A CA  1 
ATOM   726  C  C   . ASP A 1 87  ? 5.810   16.478  -5.180  1.00 31.10 ? 86  ASP A C   1 
ATOM   727  O  O   . ASP A 1 87  ? 4.842   16.856  -5.829  1.00 30.90 ? 86  ASP A O   1 
ATOM   728  C  CB  . ASP A 1 87  ? 7.197   16.308  -7.262  1.00 31.23 ? 86  ASP A CB  1 
ATOM   729  C  CG  . ASP A 1 87  ? 7.760   17.756  -7.263  1.00 31.37 ? 86  ASP A CG  1 
ATOM   730  O  OD1 . ASP A 1 87  ? 7.628   18.451  -6.233  1.00 31.12 ? 86  ASP A OD1 1 
ATOM   731  O  OD2 . ASP A 1 87  ? 8.332   18.180  -8.307  1.00 31.40 ? 86  ASP A OD2 1 
ATOM   732  N  N   . GLU A 1 88  ? 5.935   16.700  -3.878  1.00 30.08 ? 87  GLU A N   1 
ATOM   733  C  CA  . GLU A 1 88  ? 4.883   17.309  -3.073  1.00 31.26 ? 87  GLU A CA  1 
ATOM   734  C  C   . GLU A 1 88  ? 4.563   18.773  -3.417  1.00 31.77 ? 87  GLU A C   1 
ATOM   735  O  O   . GLU A 1 88  ? 3.405   19.189  -3.432  1.00 32.26 ? 87  GLU A O   1 
ATOM   736  C  CB  . GLU A 1 88  ? 5.331   17.239  -1.627  1.00 32.10 ? 87  GLU A CB  1 
ATOM   737  C  CG  . GLU A 1 88  ? 4.516   18.015  -0.662  1.00 33.15 ? 87  GLU A CG  1 
ATOM   738  C  CD  . GLU A 1 88  ? 4.962   17.748  0.752   1.00 33.48 ? 87  GLU A CD  1 
ATOM   739  O  OE1 . GLU A 1 88  ? 5.948   16.991  0.935   1.00 36.00 ? 87  GLU A OE1 1 
ATOM   740  O  OE2 . GLU A 1 88  ? 4.324   18.282  1.661   1.00 33.78 ? 87  GLU A OE2 1 
ATOM   741  N  N   . ASN A 1 89  ? 5.595   19.561  -3.653  1.00 32.13 ? 88  ASN A N   1 
ATOM   742  C  CA  . ASN A 1 89  ? 5.384   20.959  -4.022  1.00 33.14 ? 88  ASN A CA  1 
ATOM   743  C  C   . ASN A 1 89  ? 4.648   21.110  -5.370  1.00 31.37 ? 88  ASN A C   1 
ATOM   744  O  O   . ASN A 1 89  ? 3.831   22.020  -5.550  1.00 30.14 ? 88  ASN A O   1 
ATOM   745  C  CB  . ASN A 1 89  ? 6.715   21.713  -3.970  1.00 35.59 ? 88  ASN A CB  1 
ATOM   746  C  CG  . ASN A 1 89  ? 7.102   22.106  -2.530  1.00 38.06 ? 88  ASN A CG  1 
ATOM   747  O  OD1 . ASN A 1 89  ? 6.373   21.802  -1.565  1.00 38.82 ? 88  ASN A OD1 1 
ATOM   748  N  ND2 . ASN A 1 89  ? 8.235   22.808  -2.388  1.00 38.91 ? 88  ASN A ND2 1 
ATOM   749  N  N   . LYS A 1 90  ? 4.853   20.168  -6.281  1.00 29.28 ? 89  LYS A N   1 
ATOM   750  C  CA  . LYS A 1 90  ? 4.112   20.175  -7.535  1.00 28.52 ? 89  LYS A CA  1 
ATOM   751  C  C   . LYS A 1 90  ? 2.650   19.732  -7.366  1.00 28.63 ? 89  LYS A C   1 
ATOM   752  O  O   . LYS A 1 90  ? 1.754   20.268  -8.021  1.00 28.06 ? 89  LYS A O   1 
ATOM   753  C  CB  . LYS A 1 90  ? 4.837   19.303  -8.560  1.00 28.08 ? 89  LYS A CB  1 
ATOM   754  C  CG  . LYS A 1 90  ? 4.220   19.254  -9.950  1.00 28.11 ? 89  LYS A CG  1 
ATOM   755  C  CD  . LYS A 1 90  ? 5.143   18.417  -10.868 1.00 27.51 ? 89  LYS A CD  1 
ATOM   756  C  CE  . LYS A 1 90  ? 4.691   18.368  -12.301 1.00 26.74 ? 89  LYS A CE  1 
ATOM   757  N  NZ  . LYS A 1 90  ? 5.808   17.981  -13.189 1.00 25.12 ? 89  LYS A NZ  1 
ATOM   758  N  N   . ILE A 1 91  ? 2.400   18.744  -6.513  1.00 29.06 ? 90  ILE A N   1 
ATOM   759  C  CA  . ILE A 1 91  ? 1.013   18.329  -6.184  1.00 29.89 ? 90  ILE A CA  1 
ATOM   760  C  C   . ILE A 1 91  ? 0.220   19.514  -5.629  1.00 29.63 ? 90  ILE A C   1 
ATOM   761  O  O   . ILE A 1 91  ? -0.922  19.776  -6.011  1.00 30.11 ? 90  ILE A O   1 
ATOM   762  C  CB  . ILE A 1 91  ? 1.003   17.126  -5.150  1.00 30.43 ? 90  ILE A CB  1 
ATOM   763  C  CG1 . ILE A 1 91  ? 1.270   15.829  -5.873  1.00 30.06 ? 90  ILE A CG1 1 
ATOM   764  C  CG2 . ILE A 1 91  ? -0.339  17.006  -4.420  1.00 30.44 ? 90  ILE A CG2 1 
ATOM   765  C  CD1 . ILE A 1 91  ? 1.585   14.650  -4.904  1.00 30.07 ? 90  ILE A CD1 1 
ATOM   766  N  N   . LEU A 1 92  ? 0.857   20.248  -4.741  1.00 30.35 ? 91  LEU A N   1 
ATOM   767  C  CA  . LEU A 1 92  ? 0.270   21.455  -4.185  1.00 31.28 ? 91  LEU A CA  1 
ATOM   768  C  C   . LEU A 1 92  ? -0.007  22.540  -5.239  1.00 30.76 ? 91  LEU A C   1 
ATOM   769  O  O   . LEU A 1 92  ? -1.055  23.186  -5.189  1.00 28.59 ? 91  LEU A O   1 
ATOM   770  C  CB  . LEU A 1 92  ? 1.165   21.994  -3.067  1.00 32.69 ? 91  LEU A CB  1 
ATOM   771  C  CG  . LEU A 1 92  ? 1.236   21.066  -1.848  1.00 34.51 ? 91  LEU A CG  1 
ATOM   772  C  CD1 . LEU A 1 92  ? 2.228   21.625  -0.803  1.00 35.33 ? 91  LEU A CD1 1 
ATOM   773  C  CD2 . LEU A 1 92  ? -0.163  20.778  -1.208  1.00 34.06 ? 91  LEU A CD2 1 
ATOM   774  N  N   . LEU A 1 93  ? 0.885   22.690  -6.226  1.00 29.34 ? 92  LEU A N   1 
ATOM   775  C  CA  . LEU A 1 93  ? 0.786   23.783  -7.188  1.00 30.52 ? 92  LEU A CA  1 
ATOM   776  C  C   . LEU A 1 93  ? -0.121  23.457  -8.377  1.00 31.08 ? 92  LEU A C   1 
ATOM   777  O  O   . LEU A 1 93  ? -0.712  24.353  -8.971  1.00 29.61 ? 92  LEU A O   1 
ATOM   778  C  CB  . LEU A 1 93  ? 2.174   24.179  -7.735  1.00 30.92 ? 92  LEU A CB  1 
ATOM   779  C  CG  . LEU A 1 93  ? 3.197   24.878  -6.829  1.00 31.81 ? 92  LEU A CG  1 
ATOM   780  C  CD1 . LEU A 1 93  ? 4.531   25.030  -7.553  1.00 32.03 ? 92  LEU A CD1 1 
ATOM   781  C  CD2 . LEU A 1 93  ? 2.739   26.245  -6.443  1.00 32.57 ? 92  LEU A CD2 1 
ATOM   782  N  N   . LYS A 1 94  ? -0.196  22.183  -8.749  1.00 29.76 ? 93  LYS A N   1 
ATOM   783  C  CA  . LYS A 1 94  ? -0.860  21.789  -9.975  1.00 30.78 ? 93  LYS A CA  1 
ATOM   784  C  C   . LYS A 1 94  ? -2.236  21.221  -9.714  1.00 30.63 ? 93  LYS A C   1 
ATOM   785  O  O   . LYS A 1 94  ? -2.528  20.773  -8.621  1.00 29.58 ? 93  LYS A O   1 
ATOM   786  C  CB  . LYS A 1 94  ? 0.008   20.754  -10.720 1.00 30.99 ? 93  LYS A CB  1 
ATOM   787  C  CG  . LYS A 1 94  ? 1.262   21.374  -11.311 1.00 32.99 ? 93  LYS A CG  1 
ATOM   788  C  CD  . LYS A 1 94  ? 1.998   20.464  -12.287 1.00 33.86 ? 93  LYS A CD  1 
ATOM   789  C  CE  . LYS A 1 94  ? 1.444   20.505  -13.747 1.00 35.93 ? 93  LYS A CE  1 
ATOM   790  N  NZ  . LYS A 1 94  ? 2.074   19.465  -14.629 1.00 34.50 ? 93  LYS A NZ  1 
ATOM   791  N  N   . ASN A 1 95  ? -3.070  21.204  -10.742 1.00 31.23 ? 94  ASN A N   1 
ATOM   792  C  CA  . ASN A 1 95  ? -4.323  20.428  -10.687 1.00 31.76 ? 94  ASN A CA  1 
ATOM   793  C  C   . ASN A 1 95  ? -4.077  18.941  -10.934 1.00 31.85 ? 94  ASN A C   1 
ATOM   794  O  O   . ASN A 1 95  ? -3.123  18.576  -11.650 1.00 30.88 ? 94  ASN A O   1 
ATOM   795  C  CB  . ASN A 1 95  ? -5.288  20.928  -11.746 1.00 31.27 ? 94  ASN A CB  1 
ATOM   796  C  CG  . ASN A 1 95  ? -5.684  22.335  -11.524 1.00 30.51 ? 94  ASN A CG  1 
ATOM   797  O  OD1 . ASN A 1 95  ? -5.978  22.716  -10.416 1.00 32.08 ? 94  ASN A OD1 1 
ATOM   798  N  ND2 . ASN A 1 95  ? -5.671  23.131  -12.571 1.00 31.16 ? 94  ASN A ND2 1 
ATOM   799  N  N   . PRO A 1 96  ? -4.969  18.076  -10.399 1.00 33.00 ? 95  PRO A N   1 
ATOM   800  C  CA  . PRO A 1 96  ? -4.882  16.645  -10.694 1.00 33.60 ? 95  PRO A CA  1 
ATOM   801  C  C   . PRO A 1 96  ? -5.348  16.416  -12.122 1.00 34.42 ? 95  PRO A C   1 
ATOM   802  O  O   . PRO A 1 96  ? -5.943  17.317  -12.717 1.00 36.37 ? 95  PRO A O   1 
ATOM   803  C  CB  . PRO A 1 96  ? -5.849  16.020  -9.680  1.00 33.35 ? 95  PRO A CB  1 
ATOM   804  C  CG  . PRO A 1 96  ? -6.844  17.083  -9.430  1.00 32.90 ? 95  PRO A CG  1 
ATOM   805  C  CD  . PRO A 1 96  ? -6.103  18.380  -9.504  1.00 32.95 ? 95  PRO A CD  1 
ATOM   806  N  N   . PRO A 1 97  ? -5.098  15.233  -12.683 1.00 34.01 ? 96  PRO A N   1 
ATOM   807  C  CA  . PRO A 1 97  ? -4.435  14.072  -12.073 1.00 32.69 ? 96  PRO A CA  1 
ATOM   808  C  C   . PRO A 1 97  ? -2.910  14.230  -11.958 1.00 31.65 ? 96  PRO A C   1 
ATOM   809  O  O   . PRO A 1 97  ? -2.298  14.978  -12.734 1.00 31.95 ? 96  PRO A O   1 
ATOM   810  C  CB  . PRO A 1 97  ? -4.797  12.942  -13.041 1.00 33.40 ? 96  PRO A CB  1 
ATOM   811  C  CG  . PRO A 1 97  ? -5.021  13.606  -14.334 1.00 33.64 ? 96  PRO A CG  1 
ATOM   812  C  CD  . PRO A 1 97  ? -5.567  14.946  -14.051 1.00 32.94 ? 96  PRO A CD  1 
ATOM   813  N  N   . TYR A 1 98  ? -2.320  13.536  -10.993 1.00 28.33 ? 97  TYR A N   1 
ATOM   814  C  CA  . TYR A 1 98  ? -0.888  13.546  -10.760 1.00 27.95 ? 97  TYR A CA  1 
ATOM   815  C  C   . TYR A 1 98  ? -0.298  12.205  -11.138 1.00 28.18 ? 97  TYR A C   1 
ATOM   816  O  O   . TYR A 1 98  ? -1.016  11.256  -11.462 1.00 28.92 ? 97  TYR A O   1 
ATOM   817  C  CB  . TYR A 1 98  ? -0.595  13.809  -9.257  1.00 26.49 ? 97  TYR A CB  1 
ATOM   818  C  CG  . TYR A 1 98  ? -1.457  14.886  -8.625  1.00 26.67 ? 97  TYR A CG  1 
ATOM   819  C  CD1 . TYR A 1 98  ? -1.260  16.225  -8.928  1.00 26.28 ? 97  TYR A CD1 1 
ATOM   820  C  CD2 . TYR A 1 98  ? -2.450  14.564  -7.699  1.00 25.99 ? 97  TYR A CD2 1 
ATOM   821  C  CE1 . TYR A 1 98  ? -2.032  17.198  -8.397  1.00 25.56 ? 97  TYR A CE1 1 
ATOM   822  C  CE2 . TYR A 1 98  ? -3.244  15.552  -7.119  1.00 26.99 ? 97  TYR A CE2 1 
ATOM   823  C  CZ  . TYR A 1 98  ? -3.028  16.892  -7.477  1.00 27.69 ? 97  TYR A CZ  1 
ATOM   824  O  OH  . TYR A 1 98  ? -3.758  17.928  -6.938  1.00 25.08 ? 97  TYR A OH  1 
ATOM   825  N  N   . LYS A 1 99  ? 1.020   12.122  -11.078 1.00 28.00 ? 98  LYS A N   1 
ATOM   826  C  CA  . LYS A 1 99  ? 1.716   10.884  -11.323 1.00 29.51 ? 98  LYS A CA  1 
ATOM   827  C  C   . LYS A 1 99  ? 2.718   10.726  -10.233 1.00 29.14 ? 98  LYS A C   1 
ATOM   828  O  O   . LYS A 1 99  ? 3.371   11.686  -9.850  1.00 29.58 ? 98  LYS A O   1 
ATOM   829  C  CB  . LYS A 1 99  ? 2.422   10.881  -12.679 1.00 29.38 ? 98  LYS A CB  1 
ATOM   830  C  CG  . LYS A 1 99  ? 1.446   10.803  -13.848 1.00 32.19 ? 98  LYS A CG  1 
ATOM   831  C  CD  . LYS A 1 99  ? 2.118   10.238  -15.066 1.00 33.98 ? 98  LYS A CD  1 
ATOM   832  C  CE  . LYS A 1 99  ? 1.433   10.645  -16.375 1.00 36.57 ? 98  LYS A CE  1 
ATOM   833  N  NZ  . LYS A 1 99  ? 0.169   9.917   -16.615 1.00 38.46 ? 98  LYS A NZ  1 
ATOM   834  N  N   . ILE A 1 100 ? 2.821   9.508   -9.731  1.00 29.11 ? 99  ILE A N   1 
ATOM   835  C  CA  . ILE A 1 100 ? 3.842   9.143   -8.770  1.00 31.07 ? 99  ILE A CA  1 
ATOM   836  C  C   . ILE A 1 100 ? 4.471   7.812   -9.194  1.00 29.09 ? 99  ILE A C   1 
ATOM   837  O  O   . ILE A 1 100 ? 3.862   7.002   -9.887  1.00 28.43 ? 99  ILE A O   1 
ATOM   838  C  CB  . ILE A 1 100 ? 3.271   9.098   -7.311  1.00 32.61 ? 99  ILE A CB  1 
ATOM   839  C  CG1 . ILE A 1 100 ? 2.284   7.996   -7.100  1.00 33.64 ? 99  ILE A CG1 1 
ATOM   840  C  CG2 . ILE A 1 100 ? 2.515   10.361  -6.987  1.00 33.32 ? 99  ILE A CG2 1 
ATOM   841  C  CD1 . ILE A 1 100 ? 1.490   8.218   -5.741  1.00 34.45 ? 99  ILE A CD1 1 
ATOM   842  N  N   . LYS A 1 101 ? 5.711   7.596   -8.790  1.00 27.80 ? 100 LYS A N   1 
ATOM   843  C  CA  . LYS A 1 101 ? 6.431   6.427   -9.249  1.00 26.53 ? 100 LYS A CA  1 
ATOM   844  C  C   . LYS A 1 101 ? 6.928   5.618   -8.061  1.00 26.41 ? 100 LYS A C   1 
ATOM   845  O  O   . LYS A 1 101 ? 7.187   6.146   -6.979  1.00 24.50 ? 100 LYS A O   1 
ATOM   846  C  CB  . LYS A 1 101 ? 7.580   6.823   -10.162 1.00 25.33 ? 100 LYS A CB  1 
ATOM   847  C  CG  . LYS A 1 101 ? 7.204   7.692   -11.419 1.00 25.53 ? 100 LYS A CG  1 
ATOM   848  C  CD  . LYS A 1 101 ? 8.328   7.554   -12.495 1.00 25.65 ? 100 LYS A CD  1 
ATOM   849  C  CE  . LYS A 1 101 ? 8.251   8.550   -13.696 1.00 24.15 ? 100 LYS A CE  1 
ATOM   850  N  NZ  . LYS A 1 101 ? 9.514   8.523   -14.571 1.00 22.49 ? 100 LYS A NZ  1 
ATOM   851  N  N   . LEU A 1 102 ? 7.064   4.322   -8.274  1.00 27.81 ? 101 LEU A N   1 
ATOM   852  C  CA  . LEU A 1 102 ? 7.747   3.460   -7.334  1.00 28.11 ? 101 LEU A CA  1 
ATOM   853  C  C   . LEU A 1 102 ? 8.987   2.700   -7.932  1.00 27.36 ? 101 LEU A C   1 
ATOM   854  O  O   . LEU A 1 102 ? 8.941   2.049   -8.999  1.00 27.63 ? 101 LEU A O   1 
ATOM   855  C  CB  . LEU A 1 102 ? 6.728   2.534   -6.669  1.00 28.23 ? 101 LEU A CB  1 
ATOM   856  C  CG  . LEU A 1 102 ? 7.214   1.593   -5.562  1.00 26.91 ? 101 LEU A CG  1 
ATOM   857  C  CD1 . LEU A 1 102 ? 7.573   2.290   -4.231  1.00 28.31 ? 101 LEU A CD1 1 
ATOM   858  C  CD2 . LEU A 1 102 ? 6.100   0.545   -5.361  1.00 28.84 ? 101 LEU A CD2 1 
ATOM   859  N  N   . SER A 1 103 ? 10.128  2.900   -7.273  1.00 28.99 ? 102 SER A N   1 
ATOM   860  C  CA  . SER A 1 103 ? 11.392  2.209   -7.588  1.00 29.74 ? 102 SER A CA  1 
ATOM   861  C  C   . SER A 1 103 ? 11.633  1.053   -6.611  1.00 29.30 ? 102 SER A C   1 
ATOM   862  O  O   . SER A 1 103 ? 11.344  1.180   -5.432  1.00 29.09 ? 102 SER A O   1 
ATOM   863  C  CB  . SER A 1 103 ? 12.577  3.162   -7.421  1.00 32.02 ? 102 SER A CB  1 
ATOM   864  O  OG  . SER A 1 103 ? 12.871  3.779   -8.644  1.00 36.96 ? 102 SER A OG  1 
ATOM   865  N  N   . ASN A 1 104 ? 12.228  -0.032  -7.102  1.00 29.82 ? 103 ASN A N   1 
ATOM   866  C  CA  . ASN A 1 104 ? 12.540  -1.242  -6.279  1.00 28.64 ? 103 ASN A CA  1 
ATOM   867  C  C   . ASN A 1 104 ? 11.321  -1.834  -5.528  1.00 27.44 ? 103 ASN A C   1 
ATOM   868  O  O   . ASN A 1 104 ? 11.374  -2.059  -4.296  1.00 25.29 ? 103 ASN A O   1 
ATOM   869  C  CB  . ASN A 1 104 ? 13.712  -0.921  -5.323  1.00 30.16 ? 103 ASN A CB  1 
ATOM   870  C  CG  . ASN A 1 104 ? 14.417  -2.165  -4.783  1.00 32.84 ? 103 ASN A CG  1 
ATOM   871  O  OD1 . ASN A 1 104 ? 14.483  -3.210  -5.436  1.00 34.64 ? 103 ASN A OD1 1 
ATOM   872  N  ND2 . ASN A 1 104 ? 14.930  -2.056  -3.568  1.00 33.77 ? 103 ASN A ND2 1 
ATOM   873  N  N   . PRO A 1 105 ? 10.217  -2.097  -6.259  1.00 25.38 ? 104 PRO A N   1 
ATOM   874  C  CA  . PRO A 1 105 ? 8.976   -2.596  -5.669  1.00 25.64 ? 104 PRO A CA  1 
ATOM   875  C  C   . PRO A 1 105 ? 9.096   -4.108  -5.378  1.00 25.77 ? 104 PRO A C   1 
ATOM   876  O  O   . PRO A 1 105 ? 10.095  -4.712  -5.735  1.00 25.78 ? 104 PRO A O   1 
ATOM   877  C  CB  . PRO A 1 105 ? 7.954   -2.352  -6.753  1.00 25.07 ? 104 PRO A CB  1 
ATOM   878  C  CG  . PRO A 1 105 ? 8.776   -2.649  -8.025  1.00 25.11 ? 104 PRO A CG  1 
ATOM   879  C  CD  . PRO A 1 105 ? 10.132  -2.056  -7.731  1.00 25.63 ? 104 PRO A CD  1 
ATOM   880  N  N   . PRO A 1 106 ? 8.121   -4.695  -4.679  1.00 25.82 ? 105 PRO A N   1 
ATOM   881  C  CA  . PRO A 1 106 ? 8.138   -6.153  -4.563  1.00 26.71 ? 105 PRO A CA  1 
ATOM   882  C  C   . PRO A 1 106 ? 7.771   -6.840  -5.883  1.00 26.88 ? 105 PRO A C   1 
ATOM   883  O  O   . PRO A 1 106 ? 7.355   -6.182  -6.848  1.00 24.41 ? 105 PRO A O   1 
ATOM   884  C  CB  . PRO A 1 106 ? 7.088   -6.447  -3.460  1.00 27.37 ? 105 PRO A CB  1 
ATOM   885  C  CG  . PRO A 1 106 ? 6.607   -5.178  -2.990  1.00 28.53 ? 105 PRO A CG  1 
ATOM   886  C  CD  . PRO A 1 106 ? 7.046   -4.079  -3.872  1.00 27.41 ? 105 PRO A CD  1 
ATOM   887  N  N   . TYR A 1 107 ? 7.946   -8.159  -5.902  1.00 28.17 ? 106 TYR A N   1 
ATOM   888  C  CA  . TYR A 1 107 ? 7.520   -9.013  -6.986  1.00 29.71 ? 106 TYR A CA  1 
ATOM   889  C  C   . TYR A 1 107 ? 8.249   -8.758  -8.291  1.00 28.18 ? 106 TYR A C   1 
ATOM   890  O  O   . TYR A 1 107 ? 7.636   -8.876  -9.322  1.00 26.19 ? 106 TYR A O   1 
ATOM   891  C  CB  . TYR A 1 107 ? 6.024   -8.859  -7.253  1.00 33.89 ? 106 TYR A CB  1 
ATOM   892  C  CG  . TYR A 1 107 ? 5.172   -9.222  -6.083  1.00 35.24 ? 106 TYR A CG  1 
ATOM   893  C  CD1 . TYR A 1 107 ? 5.260   -10.490 -5.530  1.00 36.60 ? 106 TYR A CD1 1 
ATOM   894  C  CD2 . TYR A 1 107 ? 4.243   -8.342  -5.572  1.00 36.01 ? 106 TYR A CD2 1 
ATOM   895  C  CE1 . TYR A 1 107 ? 4.486   -10.856 -4.482  1.00 36.66 ? 106 TYR A CE1 1 
ATOM   896  C  CE2 . TYR A 1 107 ? 3.431   -8.700  -4.511  1.00 36.20 ? 106 TYR A CE2 1 
ATOM   897  C  CZ  . TYR A 1 107 ? 3.566   -9.982  -3.972  1.00 35.99 ? 106 TYR A CZ  1 
ATOM   898  O  OH  . TYR A 1 107 ? 2.816   -10.414 -2.888  1.00 37.51 ? 106 TYR A OH  1 
ATOM   899  N  N   . GLN A 1 108 ? 9.529   -8.400  -8.233  1.00 27.90 ? 107 GLN A N   1 
ATOM   900  C  CA  . GLN A 1 108 ? 10.345  -8.223  -9.468  1.00 28.97 ? 107 GLN A CA  1 
ATOM   901  C  C   . GLN A 1 108 ? 10.682  -9.542  -10.202 1.00 28.93 ? 107 GLN A C   1 
ATOM   902  O  O   . GLN A 1 108 ? 11.083  -9.549  -11.392 1.00 30.57 ? 107 GLN A O   1 
ATOM   903  C  CB  . GLN A 1 108 ? 11.618  -7.448  -9.131  1.00 29.14 ? 107 GLN A CB  1 
ATOM   904  C  CG  . GLN A 1 108 ? 11.409  -6.011  -8.690  1.00 29.88 ? 107 GLN A CG  1 
ATOM   905  C  CD  . GLN A 1 108 ? 12.701  -5.397  -8.167  1.00 30.31 ? 107 GLN A CD  1 
ATOM   906  O  OE1 . GLN A 1 108 ? 13.749  -5.576  -8.775  1.00 32.28 ? 107 GLN A OE1 1 
ATOM   907  N  NE2 . GLN A 1 108 ? 12.655  -4.759  -6.998  1.00 28.00 ? 107 GLN A NE2 1 
ATOM   908  N  N   . TRP A 1 109 ? 10.534  -10.655 -9.499  1.00 30.10 ? 108 TRP A N   1 
ATOM   909  C  CA  . TRP A 1 109 ? 10.622  -12.005 -10.082 1.00 28.68 ? 108 TRP A CA  1 
ATOM   910  C  C   . TRP A 1 109 ? 9.357   -12.358 -10.893 1.00 29.63 ? 108 TRP A C   1 
ATOM   911  O  O   . TRP A 1 109 ? 9.279   -13.439 -11.485 1.00 28.61 ? 108 TRP A O   1 
ATOM   912  C  CB  . TRP A 1 109 ? 10.861  -13.052 -8.992  1.00 28.10 ? 108 TRP A CB  1 
ATOM   913  C  CG  . TRP A 1 109 ? 9.961   -12.926 -7.774  1.00 27.53 ? 108 TRP A CG  1 
ATOM   914  C  CD1 . TRP A 1 109 ? 10.219  -12.232 -6.616  1.00 28.23 ? 108 TRP A CD1 1 
ATOM   915  C  CD2 . TRP A 1 109 ? 8.665   -13.507 -7.602  1.00 25.95 ? 108 TRP A CD2 1 
ATOM   916  N  NE1 . TRP A 1 109 ? 9.156   -12.322 -5.769  1.00 28.15 ? 108 TRP A NE1 1 
ATOM   917  C  CE2 . TRP A 1 109 ? 8.188   -13.100 -6.345  1.00 28.53 ? 108 TRP A CE2 1 
ATOM   918  C  CE3 . TRP A 1 109 ? 7.856   -14.317 -8.391  1.00 28.33 ? 108 TRP A CE3 1 
ATOM   919  C  CZ2 . TRP A 1 109 ? 6.940   -13.482 -5.876  1.00 29.00 ? 108 TRP A CZ2 1 
ATOM   920  C  CZ3 . TRP A 1 109 ? 6.620   -14.683 -7.935  1.00 27.68 ? 108 TRP A CZ3 1 
ATOM   921  C  CH2 . TRP A 1 109 ? 6.173   -14.277 -6.706  1.00 28.21 ? 108 TRP A CH2 1 
ATOM   922  N  N   . VAL A 1 110 ? 8.355   -11.459 -10.901 1.00 28.44 ? 109 VAL A N   1 
ATOM   923  C  CA  . VAL A 1 110 ? 7.146   -11.654 -11.708 1.00 27.02 ? 109 VAL A CA  1 
ATOM   924  C  C   . VAL A 1 110 ? 7.175   -10.935 -13.060 1.00 26.20 ? 109 VAL A C   1 
ATOM   925  O  O   . VAL A 1 110 ? 7.445   -9.745  -13.156 1.00 24.62 ? 109 VAL A O   1 
ATOM   926  C  CB  . VAL A 1 110 ? 5.867   -11.198 -10.939 1.00 26.97 ? 109 VAL A CB  1 
ATOM   927  C  CG1 . VAL A 1 110 ? 4.651   -11.346 -11.808 1.00 26.35 ? 109 VAL A CG1 1 
ATOM   928  C  CG2 . VAL A 1 110 ? 5.685   -11.981 -9.684  1.00 28.23 ? 109 VAL A CG2 1 
ATOM   929  N  N   . SER A 1 111 ? 6.869   -11.662 -14.118 1.00 26.15 ? 110 SER A N   1 
ATOM   930  C  CA  . SER A 1 111 ? 6.595   -11.054 -15.385 1.00 28.89 ? 110 SER A CA  1 
ATOM   931  C  C   . SER A 1 111 ? 5.103   -11.170 -15.798 1.00 28.47 ? 110 SER A C   1 
ATOM   932  O  O   . SER A 1 111 ? 4.547   -12.259 -15.834 1.00 27.65 ? 110 SER A O   1 
ATOM   933  C  CB  . SER A 1 111 ? 7.502   -11.668 -16.442 1.00 29.05 ? 110 SER A CB  1 
ATOM   934  O  OG  . SER A 1 111 ? 7.049   -11.283 -17.710 1.00 32.03 ? 110 SER A OG  1 
ATOM   935  N  N   . LYS A 1 112 ? 4.490   -10.039 -16.160 1.00 29.73 ? 111 LYS A N   1 
ATOM   936  C  CA  . LYS A 1 112 ? 3.074   -9.978  -16.517 1.00 31.28 ? 111 LYS A CA  1 
ATOM   937  C  C   . LYS A 1 112 ? 2.841   -8.811  -17.520 1.00 31.86 ? 111 LYS A C   1 
ATOM   938  O  O   . LYS A 1 112 ? 3.456   -7.750  -17.375 1.00 30.44 ? 111 LYS A O   1 
ATOM   939  C  CB  . LYS A 1 112 ? 2.279   -9.769  -15.208 1.00 34.98 ? 111 LYS A CB  1 
ATOM   940  C  CG  . LYS A 1 112 ? 0.787   -10.055 -15.320 1.00 37.34 ? 111 LYS A CG  1 
ATOM   941  C  CD  . LYS A 1 112 ? 0.246   -10.858 -14.112 1.00 38.45 ? 111 LYS A CD  1 
ATOM   942  C  CE  . LYS A 1 112 ? 0.470   -12.326 -14.299 1.00 38.82 ? 111 LYS A CE  1 
ATOM   943  N  NZ  . LYS A 1 112 ? -0.022  -13.172 -13.177 1.00 38.34 ? 111 LYS A NZ  1 
ATOM   944  N  N   . GLU A 1 113 ? 1.959   -8.991  -18.507 1.00 31.63 ? 112 GLU A N   1 
ATOM   945  C  CA  . GLU A 1 113 ? 1.624   -7.914  -19.457 1.00 32.94 ? 112 GLU A CA  1 
ATOM   946  C  C   . GLU A 1 113 ? 0.876   -6.727  -18.856 1.00 31.42 ? 112 GLU A C   1 
ATOM   947  O  O   . GLU A 1 113 ? 0.920   -5.615  -19.391 1.00 31.99 ? 112 GLU A O   1 
ATOM   948  C  CB  . GLU A 1 113 ? 0.783   -8.438  -20.634 1.00 34.70 ? 112 GLU A CB  1 
ATOM   949  C  CG  . GLU A 1 113 ? 1.424   -9.525  -21.455 1.00 35.84 ? 112 GLU A CG  1 
ATOM   950  C  CD  . GLU A 1 113 ? 0.683   -9.771  -22.760 1.00 37.81 ? 112 GLU A CD  1 
ATOM   951  O  OE1 . GLU A 1 113 ? -0.255  -8.980  -23.113 1.00 40.55 ? 112 GLU A OE1 1 
ATOM   952  O  OE2 . GLU A 1 113 ? 1.052   -10.739 -23.458 1.00 40.24 ? 112 GLU A OE2 1 
ATOM   953  N  N   . GLU A 1 114 ? 0.171   -6.971  -17.760 1.00 30.76 ? 113 GLU A N   1 
ATOM   954  C  CA  . GLU A 1 114 ? -0.654  -5.987  -17.131 1.00 29.13 ? 113 GLU A CA  1 
ATOM   955  C  C   . GLU A 1 114 ? 0.017   -5.629  -15.785 1.00 27.03 ? 113 GLU A C   1 
ATOM   956  O  O   . GLU A 1 114 ? 0.735   -6.472  -15.201 1.00 27.00 ? 113 GLU A O   1 
ATOM   957  C  CB  . GLU A 1 114 ? -2.058  -6.551  -16.914 1.00 31.40 ? 113 GLU A CB  1 
ATOM   958  C  CG  . GLU A 1 114 ? -3.173  -5.558  -17.117 1.00 33.86 ? 113 GLU A CG  1 
ATOM   959  C  CD  . GLU A 1 114 ? -4.252  -6.080  -18.052 1.00 35.82 ? 113 GLU A CD  1 
ATOM   960  N  N   . PRO A 1 115 ? -0.149  -4.385  -15.346 1.00 24.89 ? 114 PRO A N   1 
ATOM   961  C  CA  . PRO A 1 115 ? 0.414   -3.948  -14.045 1.00 24.69 ? 114 PRO A CA  1 
ATOM   962  C  C   . PRO A 1 115 ? -0.081  -4.803  -12.889 1.00 25.64 ? 114 PRO A C   1 
ATOM   963  O  O   . PRO A 1 115 ? -1.278  -5.202  -12.914 1.00 25.91 ? 114 PRO A O   1 
ATOM   964  C  CB  . PRO A 1 115 ? -0.072  -2.482  -13.946 1.00 24.28 ? 114 PRO A CB  1 
ATOM   965  C  CG  . PRO A 1 115 ? -0.277  -2.045  -15.239 1.00 24.44 ? 114 PRO A CG  1 
ATOM   966  C  CD  . PRO A 1 115 ? -0.805  -3.243  -16.021 1.00 23.81 ? 114 PRO A CD  1 
ATOM   967  N  N   . ILE A 1 116 ? 0.759   -5.037  -11.848 1.00 23.94 ? 115 ILE A N   1 
ATOM   968  C  CA  . ILE A 1 116 ? 0.439   -6.050  -10.818 1.00 22.19 ? 115 ILE A CA  1 
ATOM   969  C  C   . ILE A 1 116 ? 0.202   -5.518  -9.405  1.00 21.49 ? 115 ILE A C   1 
ATOM   970  O  O   . ILE A 1 116 ? -0.202  -6.265  -8.592  1.00 23.55 ? 115 ILE A O   1 
ATOM   971  C  CB  . ILE A 1 116 ? 1.444   -7.253  -10.763 1.00 20.47 ? 115 ILE A CB  1 
ATOM   972  C  CG1 . ILE A 1 116 ? 2.896   -6.819  -10.424 1.00 21.58 ? 115 ILE A CG1 1 
ATOM   973  C  CG2 . ILE A 1 116 ? 1.459   -8.016  -12.192 1.00 18.80 ? 115 ILE A CG2 1 
ATOM   974  C  CD1 . ILE A 1 116 ? 3.813   -7.934  -10.039 1.00 21.04 ? 115 ILE A CD1 1 
ATOM   975  N  N   . HIS A 1 117 ? 0.490   -4.258  -9.145  1.00 20.38 ? 116 HIS A N   1 
ATOM   976  C  CA  . HIS A 1 117 ? 0.676   -3.787  -7.789  1.00 22.38 ? 116 HIS A CA  1 
ATOM   977  C  C   . HIS A 1 117 ? -0.637  -3.118  -7.341  1.00 22.21 ? 116 HIS A C   1 
ATOM   978  O  O   . HIS A 1 117 ? -0.645  -1.961  -6.927  1.00 22.15 ? 116 HIS A O   1 
ATOM   979  C  CB  . HIS A 1 117 ? 1.879   -2.874  -7.693  1.00 20.57 ? 116 HIS A CB  1 
ATOM   980  C  CG  . HIS A 1 117 ? 3.192   -3.581  -7.777  1.00 22.20 ? 116 HIS A CG  1 
ATOM   981  N  ND1 . HIS A 1 117 ? 4.000   -3.542  -8.897  1.00 26.29 ? 116 HIS A ND1 1 
ATOM   982  C  CD2 . HIS A 1 117 ? 3.764   -4.480  -6.945  1.00 21.74 ? 116 HIS A CD2 1 
ATOM   983  C  CE1 . HIS A 1 117 ? 5.078   -4.282  -8.692  1.00 25.80 ? 116 HIS A CE1 1 
ATOM   984  N  NE2 . HIS A 1 117 ? 4.952   -4.872  -7.516  1.00 23.71 ? 116 HIS A NE2 1 
ATOM   985  N  N   . ASP A 1 118 ? -1.725  -3.905  -7.388  1.00 22.51 ? 117 ASP A N   1 
ATOM   986  C  CA  . ASP A 1 118 ? -3.073  -3.461  -6.987  1.00 21.87 ? 117 ASP A CA  1 
ATOM   987  C  C   . ASP A 1 118 ? -3.170  -3.108  -5.485  1.00 23.10 ? 117 ASP A C   1 
ATOM   988  O  O   . ASP A 1 118 ? -3.853  -2.141  -5.147  1.00 22.34 ? 117 ASP A O   1 
ATOM   989  C  CB  . ASP A 1 118 ? -4.129  -4.529  -7.211  1.00 23.02 ? 117 ASP A CB  1 
ATOM   990  C  CG  . ASP A 1 118 ? -4.461  -4.760  -8.648  1.00 26.52 ? 117 ASP A CG  1 
ATOM   991  O  OD1 . ASP A 1 118 ? -3.730  -4.293  -9.543  1.00 28.56 ? 117 ASP A OD1 1 
ATOM   992  O  OD2 . ASP A 1 118 ? -5.466  -5.462  -8.849  1.00 28.30 ? 117 ASP A OD2 1 
ATOM   993  N  N   . PHE A 1 119 ? -2.586  -3.950  -4.632  1.00 22.99 ? 118 PHE A N   1 
ATOM   994  C  CA  . PHE A 1 119 ? -2.502  -3.673  -3.168  1.00 22.68 ? 118 PHE A CA  1 
ATOM   995  C  C   . PHE A 1 119 ? -1.776  -2.353  -2.897  1.00 24.14 ? 118 PHE A C   1 
ATOM   996  O  O   . PHE A 1 119 ? -2.301  -1.490  -2.188  1.00 26.99 ? 118 PHE A O   1 
ATOM   997  C  CB  . PHE A 1 119 ? -1.858  -4.867  -2.431  1.00 22.62 ? 118 PHE A CB  1 
ATOM   998  C  CG  . PHE A 1 119 ? -1.678  -4.662  -0.967  1.00 23.13 ? 118 PHE A CG  1 
ATOM   999  C  CD1 . PHE A 1 119 ? -2.784  -4.477  -0.144  1.00 21.74 ? 118 PHE A CD1 1 
ATOM   1000 C  CD2 . PHE A 1 119 ? -0.429  -4.749  -0.382  1.00 21.74 ? 118 PHE A CD2 1 
ATOM   1001 C  CE1 . PHE A 1 119 ? -2.606  -4.272  1.216   1.00 23.22 ? 118 PHE A CE1 1 
ATOM   1002 C  CE2 . PHE A 1 119 ? -0.288  -4.576  0.991   1.00 23.66 ? 118 PHE A CE2 1 
ATOM   1003 C  CZ  . PHE A 1 119 ? -1.394  -4.374  1.775   1.00 23.85 ? 118 PHE A CZ  1 
ATOM   1004 N  N   . ILE A 1 120 ? -0.609  -2.141  -3.507  1.00 23.14 ? 119 ILE A N   1 
ATOM   1005 C  CA  . ILE A 1 120 ? 0.138   -0.871  -3.345  1.00 23.06 ? 119 ILE A CA  1 
ATOM   1006 C  C   . ILE A 1 120 ? -0.690  0.358   -3.843  1.00 23.23 ? 119 ILE A C   1 
ATOM   1007 O  O   . ILE A 1 120 ? -0.739  1.420   -3.207  1.00 23.76 ? 119 ILE A O   1 
ATOM   1008 C  CB  . ILE A 1 120 ? 1.558   -0.931  -4.055  1.00 22.41 ? 119 ILE A CB  1 
ATOM   1009 C  CG1 . ILE A 1 120 ? 2.555   -1.799  -3.244  1.00 23.88 ? 119 ILE A CG1 1 
ATOM   1010 C  CG2 . ILE A 1 120 ? 2.058   0.514   -4.326  1.00 22.62 ? 119 ILE A CG2 1 
ATOM   1011 C  CD1 . ILE A 1 120 ? 3.921   -2.077  -3.910  1.00 21.72 ? 119 ILE A CD1 1 
ATOM   1012 N  N   . ALA A 1 121 ? -1.406  0.189   -4.942  1.00 22.25 ? 120 ALA A N   1 
ATOM   1013 C  CA  . ALA A 1 121 ? -2.209  1.258   -5.539  1.00 21.60 ? 120 ALA A CA  1 
ATOM   1014 C  C   . ALA A 1 121 ? -3.332  1.652   -4.572  1.00 22.22 ? 120 ALA A C   1 
ATOM   1015 O  O   . ALA A 1 121 ? -3.582  2.835   -4.375  1.00 23.46 ? 120 ALA A O   1 
ATOM   1016 C  CB  . ALA A 1 121 ? -2.767  0.845   -6.963  1.00 20.46 ? 120 ALA A CB  1 
ATOM   1017 N  N   . GLY A 1 122 ? -3.937  0.661   -3.917  1.00 21.69 ? 121 GLY A N   1 
ATOM   1018 C  CA  . GLY A 1 122 ? -4.939  0.894   -2.877  1.00 23.05 ? 121 GLY A CA  1 
ATOM   1019 C  C   . GLY A 1 122 ? -4.337  1.615   -1.711  1.00 23.13 ? 121 GLY A C   1 
ATOM   1020 O  O   . GLY A 1 122 ? -4.942  2.575   -1.115  1.00 25.60 ? 121 GLY A O   1 
ATOM   1021 N  N   . ILE A 1 123 ? -3.181  1.126   -1.288  1.00 24.09 ? 122 ILE A N   1 
ATOM   1022 C  CA  . ILE A 1 123 ? -2.494  1.775   -0.140  1.00 23.29 ? 122 ILE A CA  1 
ATOM   1023 C  C   . ILE A 1 123 ? -2.315  3.280   -0.425  1.00 24.80 ? 122 ILE A C   1 
ATOM   1024 O  O   . ILE A 1 123 ? -2.594  4.127   0.411   1.00 22.85 ? 122 ILE A O   1 
ATOM   1025 C  CB  . ILE A 1 123 ? -1.153  1.185   0.149   1.00 22.74 ? 122 ILE A CB  1 
ATOM   1026 C  CG1 . ILE A 1 123 ? -1.315  -0.239  0.750   1.00 21.95 ? 122 ILE A CG1 1 
ATOM   1027 C  CG2 . ILE A 1 123 ? -0.423  2.074   1.197   1.00 21.91 ? 122 ILE A CG2 1 
ATOM   1028 C  CD1 . ILE A 1 123 ? 0.052   -0.962  0.888   1.00 23.17 ? 122 ILE A CD1 1 
ATOM   1029 N  N   . LEU A 1 124 ? -1.883  3.582   -1.623  1.00 22.87 ? 123 LEU A N   1 
ATOM   1030 C  CA  . LEU A 1 124 ? -1.584  4.963   -2.040  1.00 23.91 ? 123 LEU A CA  1 
ATOM   1031 C  C   . LEU A 1 124 ? -2.842  5.809   -2.045  1.00 23.37 ? 123 LEU A C   1 
ATOM   1032 O  O   . LEU A 1 124 ? -2.824  6.937   -1.581  1.00 26.08 ? 123 LEU A O   1 
ATOM   1033 C  CB  . LEU A 1 124 ? -0.913  4.970   -3.416  1.00 24.00 ? 123 LEU A CB  1 
ATOM   1034 C  CG  . LEU A 1 124 ? 0.560   4.569   -3.425  1.00 24.06 ? 123 LEU A CG  1 
ATOM   1035 C  CD1 . LEU A 1 124 ? 1.014   4.425   -4.878  1.00 22.86 ? 123 LEU A CD1 1 
ATOM   1036 C  CD2 . LEU A 1 124 ? 1.436   5.527   -2.636  1.00 24.34 ? 123 LEU A CD2 1 
ATOM   1037 N  N   . ALA A 1 125 ? -3.956  5.244   -2.494  1.00 23.64 ? 124 ALA A N   1 
ATOM   1038 C  CA  . ALA A 1 125 ? -5.220  5.960   -2.473  1.00 23.30 ? 124 ALA A CA  1 
ATOM   1039 C  C   . ALA A 1 125 ? -5.652  6.285   -1.060  1.00 25.66 ? 124 ALA A C   1 
ATOM   1040 O  O   . ALA A 1 125 ? -6.134  7.394   -0.787  1.00 22.10 ? 124 ALA A O   1 
ATOM   1041 C  CB  . ALA A 1 125 ? -6.334  5.146   -3.187  1.00 23.10 ? 124 ALA A CB  1 
ATOM   1042 N  N   . GLY A 1 126 ? -5.494  5.292   -0.170  1.00 24.73 ? 125 GLY A N   1 
ATOM   1043 C  CA  . GLY A 1 126 ? -5.894  5.442   1.200   1.00 25.58 ? 125 GLY A CA  1 
ATOM   1044 C  C   . GLY A 1 126 ? -5.042  6.438   1.946   1.00 24.22 ? 125 GLY A C   1 
ATOM   1045 O  O   . GLY A 1 126 ? -5.566  7.245   2.741   1.00 26.79 ? 125 GLY A O   1 
ATOM   1046 N  N   . CYS A 1 127 ? -3.722  6.365   1.746   1.00 22.94 ? 126 CYS A N   1 
ATOM   1047 C  CA  . CYS A 1 127 ? -2.784  7.285   2.387   1.00 23.28 ? 126 CYS A CA  1 
ATOM   1048 C  C   . CYS A 1 127 ? -2.951  8.742   1.937   1.00 23.50 ? 126 CYS A C   1 
ATOM   1049 O  O   . CYS A 1 127 ? -2.893  9.655   2.742   1.00 24.16 ? 126 CYS A O   1 
ATOM   1050 C  CB  . CYS A 1 127 ? -1.333  6.865   2.183   1.00 22.88 ? 126 CYS A CB  1 
ATOM   1051 S  SG  . CYS A 1 127 ? -0.880  5.374   3.064   1.00 26.74 ? 126 CYS A SG  1 
ATOM   1052 N  N   . LEU A 1 128 ? -3.158  8.933   0.649   1.00 22.06 ? 127 LEU A N   1 
ATOM   1053 C  CA  . LEU A 1 128 ? -3.369  10.266  0.068   1.00 22.00 ? 127 LEU A CA  1 
ATOM   1054 C  C   . LEU A 1 128 ? -4.659  10.909  0.537   1.00 21.83 ? 127 LEU A C   1 
ATOM   1055 O  O   . LEU A 1 128 ? -4.704  12.129  0.708   1.00 25.50 ? 127 LEU A O   1 
ATOM   1056 C  CB  . LEU A 1 128 ? -3.382  10.189  -1.447  1.00 19.44 ? 127 LEU A CB  1 
ATOM   1057 C  CG  . LEU A 1 128 ? -1.991  9.939   -2.055  1.00 21.27 ? 127 LEU A CG  1 
ATOM   1058 C  CD1 . LEU A 1 128 ? -2.155  9.589   -3.562  1.00 22.27 ? 127 LEU A CD1 1 
ATOM   1059 C  CD2 . LEU A 1 128 ? -1.076  11.123  -1.851  1.00 24.28 ? 127 LEU A CD2 1 
ATOM   1060 N  N   . GLU A 1 129 ? -5.705  10.119  0.726   1.00 23.10 ? 128 GLU A N   1 
ATOM   1061 C  CA  . GLU A 1 129 ? -6.902  10.626  1.440   1.00 23.36 ? 128 GLU A CA  1 
ATOM   1062 C  C   . GLU A 1 129 ? -6.654  11.059  2.908   1.00 24.80 ? 128 GLU A C   1 
ATOM   1063 O  O   . GLU A 1 129 ? -7.143  12.126  3.369   1.00 23.94 ? 128 GLU A O   1 
ATOM   1064 C  CB  . GLU A 1 129 ? -8.043  9.615   1.350   1.00 23.90 ? 128 GLU A CB  1 
ATOM   1065 C  CG  . GLU A 1 129 ? -9.310  10.066  2.096   1.00 25.38 ? 128 GLU A CG  1 
ATOM   1066 C  CD  . GLU A 1 129 ? -10.469 9.086   2.048   1.00 26.68 ? 128 GLU A CD  1 
ATOM   1067 O  OE1 . GLU A 1 129 ? -10.588 8.298   1.097   1.00 26.28 ? 128 GLU A OE1 1 
ATOM   1068 O  OE2 . GLU A 1 129 ? -11.291 9.122   3.009   1.00 27.80 ? 128 GLU A OE2 1 
ATOM   1069 N  N   . GLU A 1 130 ? -5.933  10.237  3.673   1.00 25.15 ? 129 GLU A N   1 
ATOM   1070 C  CA  . GLU A 1 130 ? -5.533  10.622  5.024   1.00 25.81 ? 129 GLU A CA  1 
ATOM   1071 C  C   . GLU A 1 130 ? -4.740  11.967  5.048   1.00 25.57 ? 129 GLU A C   1 
ATOM   1072 O  O   . GLU A 1 130 ? -4.912  12.794  5.943   1.00 25.02 ? 129 GLU A O   1 
ATOM   1073 C  CB  . GLU A 1 130 ? -4.744  9.488   5.701   1.00 27.24 ? 129 GLU A CB  1 
ATOM   1074 C  CG  . GLU A 1 130 ? -5.557  8.282   6.157   1.00 27.46 ? 129 GLU A CG  1 
ATOM   1075 C  CD  . GLU A 1 130 ? -6.753  8.611   7.043   1.00 30.11 ? 129 GLU A CD  1 
ATOM   1076 O  OE1 . GLU A 1 130 ? -6.585  9.096   8.198   1.00 30.51 ? 129 GLU A OE1 1 
ATOM   1077 O  OE2 . GLU A 1 130 ? -7.896  8.411   6.577   1.00 30.22 ? 129 GLU A OE2 1 
ATOM   1078 N  N   . ILE A 1 131 ? -3.866  12.161  4.074   1.00 24.23 ? 130 ILE A N   1 
ATOM   1079 C  CA  . ILE A 1 131 ? -3.036  13.348  4.004   1.00 23.93 ? 130 ILE A CA  1 
ATOM   1080 C  C   . ILE A 1 131 ? -3.802  14.564  3.507   1.00 22.53 ? 130 ILE A C   1 
ATOM   1081 O  O   . ILE A 1 131 ? -3.692  15.590  4.083   1.00 23.42 ? 130 ILE A O   1 
ATOM   1082 C  CB  . ILE A 1 131 ? -1.785  13.123  3.087   1.00 23.77 ? 130 ILE A CB  1 
ATOM   1083 C  CG1 . ILE A 1 131 ? -0.803  12.148  3.743   1.00 24.39 ? 130 ILE A CG1 1 
ATOM   1084 C  CG2 . ILE A 1 131 ? -1.079  14.461  2.846   1.00 22.69 ? 130 ILE A CG2 1 
ATOM   1085 C  CD1 . ILE A 1 131 ? 0.116   11.415  2.740   1.00 23.77 ? 130 ILE A CD1 1 
ATOM   1086 N  N   . PHE A 1 132 ? -4.576  14.423  2.437   1.00 23.97 ? 131 PHE A N   1 
ATOM   1087 C  CA  . PHE A 1 132 ? -5.182  15.559  1.734   1.00 24.13 ? 131 PHE A CA  1 
ATOM   1088 C  C   . PHE A 1 132 ? -6.733  15.675  1.848   1.00 21.90 ? 131 PHE A C   1 
ATOM   1089 O  O   . PHE A 1 132 ? -7.316  16.624  1.308   1.00 22.56 ? 131 PHE A O   1 
ATOM   1090 C  CB  . PHE A 1 132 ? -4.781  15.494  0.254   1.00 26.27 ? 131 PHE A CB  1 
ATOM   1091 C  CG  . PHE A 1 132 ? -3.280  15.707  0.001   1.00 26.44 ? 131 PHE A CG  1 
ATOM   1092 C  CD1 . PHE A 1 132 ? -2.645  16.889  0.437   1.00 26.78 ? 131 PHE A CD1 1 
ATOM   1093 C  CD2 . PHE A 1 132 ? -2.523  14.748  -0.646  1.00 27.16 ? 131 PHE A CD2 1 
ATOM   1094 C  CE1 . PHE A 1 132 ? -1.287  17.095  0.215   1.00 27.23 ? 131 PHE A CE1 1 
ATOM   1095 C  CE2 . PHE A 1 132 ? -1.167  14.929  -0.858  1.00 26.49 ? 131 PHE A CE2 1 
ATOM   1096 C  CZ  . PHE A 1 132 ? -0.544  16.128  -0.463  1.00 26.57 ? 131 PHE A CZ  1 
ATOM   1097 N  N   . TYR A 1 133 ? -7.386  14.699  2.452   1.00 21.10 ? 132 TYR A N   1 
ATOM   1098 C  CA  . TYR A 1 133 ? -8.814  14.726  2.737   1.00 24.16 ? 132 TYR A CA  1 
ATOM   1099 C  C   . TYR A 1 133 ? -9.688  14.226  1.605   1.00 23.63 ? 132 TYR A C   1 
ATOM   1100 O  O   . TYR A 1 133 ? -10.692 13.519  1.863   1.00 24.18 ? 132 TYR A O   1 
ATOM   1101 C  CB  . TYR A 1 133 ? -9.311  16.113  3.200   1.00 25.56 ? 132 TYR A CB  1 
ATOM   1102 C  CG  . TYR A 1 133 ? -10.744 16.103  3.687   1.00 25.12 ? 132 TYR A CG  1 
ATOM   1103 C  CD1 . TYR A 1 133 ? -11.053 15.592  4.938   1.00 26.95 ? 132 TYR A CD1 1 
ATOM   1104 C  CD2 . TYR A 1 133 ? -11.782 16.594  2.901   1.00 26.17 ? 132 TYR A CD2 1 
ATOM   1105 C  CE1 . TYR A 1 133 ? -12.347 15.538  5.401   1.00 27.30 ? 132 TYR A CE1 1 
ATOM   1106 C  CE2 . TYR A 1 133 ? -13.109 16.541  3.363   1.00 26.84 ? 132 TYR A CE2 1 
ATOM   1107 C  CZ  . TYR A 1 133 ? -13.378 16.011  4.611   1.00 26.00 ? 132 TYR A CZ  1 
ATOM   1108 O  OH  . TYR A 1 133 ? -14.665 15.965  5.139   1.00 26.86 ? 132 TYR A OH  1 
ATOM   1109 N  N   . TYR A 1 134 ? -9.346  14.607  0.384   1.00 23.16 ? 133 TYR A N   1 
ATOM   1110 C  CA  . TYR A 1 134 ? -10.109 14.197  -0.812  1.00 24.72 ? 133 TYR A CA  1 
ATOM   1111 C  C   . TYR A 1 134 ? -10.129 12.687  -0.992  1.00 24.53 ? 133 TYR A C   1 
ATOM   1112 O  O   . TYR A 1 134 ? -9.232  11.995  -0.506  1.00 24.29 ? 133 TYR A O   1 
ATOM   1113 C  CB  . TYR A 1 134 ? -9.532  14.822  -2.086  1.00 25.56 ? 133 TYR A CB  1 
ATOM   1114 C  CG  . TYR A 1 134 ? -9.365  16.314  -2.026  1.00 25.48 ? 133 TYR A CG  1 
ATOM   1115 C  CD1 . TYR A 1 134 ? -10.424 17.129  -1.657  1.00 25.50 ? 133 TYR A CD1 1 
ATOM   1116 C  CD2 . TYR A 1 134 ? -8.155  16.906  -2.349  1.00 25.67 ? 133 TYR A CD2 1 
ATOM   1117 C  CE1 . TYR A 1 134 ? -10.289 18.521  -1.601  1.00 26.23 ? 133 TYR A CE1 1 
ATOM   1118 C  CE2 . TYR A 1 134 ? -8.002  18.283  -2.307  1.00 26.88 ? 133 TYR A CE2 1 
ATOM   1119 C  CZ  . TYR A 1 134 ? -9.076  19.087  -1.942  1.00 26.37 ? 133 TYR A CZ  1 
ATOM   1120 O  OH  . TYR A 1 134 ? -8.933  20.457  -1.897  1.00 27.15 ? 133 TYR A OH  1 
ATOM   1121 N  N   . TYR A 1 135 ? -11.184 12.188  -1.653  1.00 26.06 ? 134 TYR A N   1 
ATOM   1122 C  CA  . TYR A 1 135 ? -11.232 10.809  -2.148  1.00 26.73 ? 134 TYR A CA  1 
ATOM   1123 C  C   . TYR A 1 135 ? -10.328 10.765  -3.347  1.00 26.42 ? 134 TYR A C   1 
ATOM   1124 O  O   . TYR A 1 135 ? -10.419 11.642  -4.213  1.00 28.77 ? 134 TYR A O   1 
ATOM   1125 C  CB  . TYR A 1 135 ? -12.621 10.395  -2.647  1.00 26.81 ? 134 TYR A CB  1 
ATOM   1126 C  CG  . TYR A 1 135 ? -13.689 10.372  -1.591  1.00 27.18 ? 134 TYR A CG  1 
ATOM   1127 C  CD1 . TYR A 1 135 ? -13.516 9.648   -0.401  1.00 26.90 ? 134 TYR A CD1 1 
ATOM   1128 C  CD2 . TYR A 1 135 ? -14.894 11.031  -1.793  1.00 27.00 ? 134 TYR A CD2 1 
ATOM   1129 C  CE1 . TYR A 1 135 ? -14.509 9.615   0.581   1.00 26.42 ? 134 TYR A CE1 1 
ATOM   1130 C  CE2 . TYR A 1 135 ? -15.899 11.008  -0.802  1.00 26.63 ? 134 TYR A CE2 1 
ATOM   1131 C  CZ  . TYR A 1 135 ? -15.697 10.280  0.369   1.00 26.11 ? 134 TYR A CZ  1 
ATOM   1132 O  OH  . TYR A 1 135 ? -16.699 10.236  1.338   1.00 27.64 ? 134 TYR A OH  1 
ATOM   1133 N  N   . PHE A 1 136 ? -9.461  9.753   -3.408  1.00 25.97 ? 135 PHE A N   1 
ATOM   1134 C  CA  . PHE A 1 136 ? -8.576  9.526   -4.556  1.00 24.82 ? 135 PHE A CA  1 
ATOM   1135 C  C   . PHE A 1 136 ? -8.811  8.173   -5.196  1.00 26.07 ? 135 PHE A C   1 
ATOM   1136 O  O   . PHE A 1 136 ? -9.098  7.177   -4.493  1.00 26.45 ? 135 PHE A O   1 
ATOM   1137 C  CB  . PHE A 1 136 ? -7.107  9.616   -4.152  1.00 25.14 ? 135 PHE A CB  1 
ATOM   1138 C  CG  . PHE A 1 136 ? -6.652  11.012  -3.786  1.00 25.65 ? 135 PHE A CG  1 
ATOM   1139 C  CD1 . PHE A 1 136 ? -6.168  11.883  -4.750  1.00 25.96 ? 135 PHE A CD1 1 
ATOM   1140 C  CD2 . PHE A 1 136 ? -6.753  11.467  -2.466  1.00 26.24 ? 135 PHE A CD2 1 
ATOM   1141 C  CE1 . PHE A 1 136 ? -5.763  13.166  -4.416  1.00 25.56 ? 135 PHE A CE1 1 
ATOM   1142 C  CE2 . PHE A 1 136 ? -6.341  12.772  -2.117  1.00 25.70 ? 135 PHE A CE2 1 
ATOM   1143 C  CZ  . PHE A 1 136 ? -5.847  13.606  -3.091  1.00 25.97 ? 135 PHE A CZ  1 
ATOM   1144 N  N   . VAL A 1 137 ? -8.678  8.121   -6.530  1.00 24.91 ? 136 VAL A N   1 
ATOM   1145 C  CA  . VAL A 1 137 ? -8.515  6.851   -7.231  1.00 25.60 ? 136 VAL A CA  1 
ATOM   1146 C  C   . VAL A 1 137 ? -7.118  6.760   -7.863  1.00 24.94 ? 136 VAL A C   1 
ATOM   1147 O  O   . VAL A 1 137 ? -6.688  7.666   -8.541  1.00 24.58 ? 136 VAL A O   1 
ATOM   1148 C  CB  . VAL A 1 137 ? -9.563  6.655   -8.338  1.00 26.81 ? 136 VAL A CB  1 
ATOM   1149 C  CG1 . VAL A 1 137 ? -9.234  5.458   -9.158  1.00 26.62 ? 136 VAL A CG1 1 
ATOM   1150 C  CG2 . VAL A 1 137 ? -10.988 6.526   -7.702  1.00 28.44 ? 136 VAL A CG2 1 
ATOM   1151 N  N   . VAL A 1 138 ? -6.424  5.652   -7.614  1.00 25.07 ? 137 VAL A N   1 
ATOM   1152 C  CA  . VAL A 1 138 ? -5.033  5.457   -8.058  1.00 26.70 ? 137 VAL A CA  1 
ATOM   1153 C  C   . VAL A 1 138 ? -4.992  4.241   -8.971  1.00 25.72 ? 137 VAL A C   1 
ATOM   1154 O  O   . VAL A 1 138 ? -5.454  3.138   -8.610  1.00 23.94 ? 137 VAL A O   1 
ATOM   1155 C  CB  . VAL A 1 138 ? -4.078  5.314   -6.844  1.00 26.29 ? 137 VAL A CB  1 
ATOM   1156 C  CG1 . VAL A 1 138 ? -2.560  5.101   -7.272  1.00 27.19 ? 137 VAL A CG1 1 
ATOM   1157 C  CG2 . VAL A 1 138 ? -4.228  6.539   -5.925  1.00 27.24 ? 137 VAL A CG2 1 
ATOM   1158 N  N   . ASN A 1 139 ? -4.480  4.452   -10.178 1.00 26.19 ? 138 ASN A N   1 
ATOM   1159 C  CA  . ASN A 1 139 ? -4.456  3.443   -11.188 1.00 27.18 ? 138 ASN A CA  1 
ATOM   1160 C  C   . ASN A 1 139 ? -3.020  3.266   -11.717 1.00 26.50 ? 138 ASN A C   1 
ATOM   1161 O  O   . ASN A 1 139 ? -2.394  4.207   -12.139 1.00 25.50 ? 138 ASN A O   1 
ATOM   1162 C  CB  . ASN A 1 139 ? -5.424  3.835   -12.298 1.00 29.05 ? 138 ASN A CB  1 
ATOM   1163 C  CG  . ASN A 1 139 ? -5.445  2.841   -13.442 1.00 31.46 ? 138 ASN A CG  1 
ATOM   1164 O  OD1 . ASN A 1 139 ? -5.510  1.613   -13.234 1.00 33.67 ? 138 ASN A OD1 1 
ATOM   1165 N  ND2 . ASN A 1 139 ? -5.441  3.359   -14.664 1.00 31.97 ? 138 ASN A ND2 1 
ATOM   1166 N  N   . GLU A 1 140 ? -2.509  2.046   -11.670 1.00 24.12 ? 139 GLU A N   1 
ATOM   1167 C  CA  . GLU A 1 140 ? -1.137  1.792   -12.038 1.00 23.80 ? 139 GLU A CA  1 
ATOM   1168 C  C   . GLU A 1 140 ? -1.179  1.623   -13.546 1.00 24.03 ? 139 GLU A C   1 
ATOM   1169 O  O   . GLU A 1 140 ? -1.919  0.785   -14.051 1.00 21.87 ? 139 GLU A O   1 
ATOM   1170 C  CB  . GLU A 1 140 ? -0.549  0.536   -11.332 1.00 23.88 ? 139 GLU A CB  1 
ATOM   1171 C  CG  . GLU A 1 140 ? 0.949   0.343   -11.616 1.00 23.91 ? 139 GLU A CG  1 
ATOM   1172 C  CD  . GLU A 1 140 ? 1.536   -0.874  -10.932 1.00 22.72 ? 139 GLU A CD  1 
ATOM   1173 O  OE1 . GLU A 1 140 ? 0.764   -1.778  -10.567 1.00 23.77 ? 139 GLU A OE1 1 
ATOM   1174 O  OE2 . GLU A 1 140 ? 2.778   -0.945  -10.783 1.00 24.65 ? 139 GLU A OE2 1 
ATOM   1175 N  N   . VAL A 1 141 ? -0.388  2.434   -14.244 1.00 24.73 ? 140 VAL A N   1 
ATOM   1176 C  CA  . VAL A 1 141 ? -0.393  2.474   -15.702 1.00 23.65 ? 140 VAL A CA  1 
ATOM   1177 C  C   . VAL A 1 141 ? 0.901   1.937   -16.288 1.00 24.91 ? 140 VAL A C   1 
ATOM   1178 O  O   . VAL A 1 141 ? 0.937   1.611   -17.464 1.00 23.99 ? 140 VAL A O   1 
ATOM   1179 C  CB  . VAL A 1 141 ? -0.681  3.944   -16.191 1.00 24.54 ? 140 VAL A CB  1 
ATOM   1180 C  CG1 . VAL A 1 141 ? -2.079  4.477   -15.660 1.00 23.44 ? 140 VAL A CG1 1 
ATOM   1181 C  CG2 . VAL A 1 141 ? 0.465   4.906   -15.747 1.00 23.04 ? 140 VAL A CG2 1 
ATOM   1182 N  N   . GLU A 1 142 ? 1.985   1.889   -15.517 1.00 25.35 ? 141 GLU A N   1 
ATOM   1183 C  CA  . GLU A 1 142 ? 3.208   1.168   -15.960 1.00 26.11 ? 141 GLU A CA  1 
ATOM   1184 C  C   . GLU A 1 142 ? 3.774   0.389   -14.771 1.00 25.49 ? 141 GLU A C   1 
ATOM   1185 O  O   . GLU A 1 142 ? 3.625   0.812   -13.620 1.00 22.38 ? 141 GLU A O   1 
ATOM   1186 C  CB  . GLU A 1 142 ? 4.313   2.108   -16.493 1.00 26.34 ? 141 GLU A CB  1 
ATOM   1187 C  CG  . GLU A 1 142 ? 3.908   3.166   -17.464 1.00 26.58 ? 141 GLU A CG  1 
ATOM   1188 C  CD  . GLU A 1 142 ? 5.089   4.076   -17.891 1.00 28.76 ? 141 GLU A CD  1 
ATOM   1189 O  OE1 . GLU A 1 142 ? 6.270   3.776   -17.607 1.00 30.13 ? 141 GLU A OE1 1 
ATOM   1190 O  OE2 . GLU A 1 142 ? 4.822   5.119   -18.502 1.00 31.63 ? 141 GLU A OE2 1 
ATOM   1191 N  N   . CYS A 1 143 ? 4.474   -0.706  -15.031 1.00 26.52 ? 142 CYS A N   1 
ATOM   1192 C  CA  . CYS A 1 143 ? 4.905   -1.592  -13.905 1.00 26.76 ? 142 CYS A CA  1 
ATOM   1193 C  C   . CYS A 1 143 ? 6.236   -2.292  -14.254 1.00 27.40 ? 142 CYS A C   1 
ATOM   1194 O  O   . CYS A 1 143 ? 6.479   -2.613  -15.406 1.00 29.77 ? 142 CYS A O   1 
ATOM   1195 C  CB  . CYS A 1 143 ? 3.782   -2.586  -13.632 1.00 26.38 ? 142 CYS A CB  1 
ATOM   1196 S  SG  . CYS A 1 143 ? 4.020   -3.783  -12.313 1.00 24.29 ? 142 CYS A SG  1 
ATOM   1197 N  N   . VAL A 1 144 ? 7.082   -2.473  -13.243 1.00 29.42 ? 143 VAL A N   1 
ATOM   1198 C  CA  . VAL A 1 144 ? 8.377   -3.159  -13.352 1.00 29.28 ? 143 VAL A CA  1 
ATOM   1199 C  C   . VAL A 1 144 ? 8.182   -4.567  -13.930 1.00 31.24 ? 143 VAL A C   1 
ATOM   1200 O  O   . VAL A 1 144 ? 9.005   -5.070  -14.710 1.00 29.79 ? 143 VAL A O   1 
ATOM   1201 C  CB  . VAL A 1 144 ? 9.096   -3.177  -11.955 1.00 29.86 ? 143 VAL A CB  1 
ATOM   1202 C  CG1 . VAL A 1 144 ? 10.360  -4.075  -11.956 1.00 29.30 ? 143 VAL A CG1 1 
ATOM   1203 C  CG2 . VAL A 1 144 ? 9.430   -1.762  -11.540 1.00 29.57 ? 143 VAL A CG2 1 
ATOM   1204 N  N   . SER A 1 145 ? 7.044   -5.177  -13.606 1.00 31.01 ? 144 SER A N   1 
ATOM   1205 C  CA  . SER A 1 145 ? 6.795   -6.538  -14.069 1.00 31.74 ? 144 SER A CA  1 
ATOM   1206 C  C   . SER A 1 145 ? 6.414   -6.585  -15.549 1.00 29.82 ? 144 SER A C   1 
ATOM   1207 O  O   . SER A 1 145 ? 6.374   -7.666  -16.146 1.00 27.84 ? 144 SER A O   1 
ATOM   1208 C  CB  . SER A 1 145 ? 5.774   -7.222  -13.152 1.00 34.08 ? 144 SER A CB  1 
ATOM   1209 O  OG  . SER A 1 145 ? 6.338   -7.445  -11.855 1.00 33.36 ? 144 SER A OG  1 
ATOM   1210 N  N   . GLN A 1 146 ? 6.181   -5.415  -16.153 1.00 27.69 ? 145 GLN A N   1 
ATOM   1211 C  CA  . GLN A 1 146 ? 6.098   -5.299  -17.625 1.00 27.60 ? 145 GLN A CA  1 
ATOM   1212 C  C   . GLN A 1 146 ? 7.459   -5.099  -18.307 1.00 27.88 ? 145 GLN A C   1 
ATOM   1213 O  O   . GLN A 1 146 ? 7.516   -4.992  -19.516 1.00 26.54 ? 145 GLN A O   1 
ATOM   1214 C  CB  . GLN A 1 146 ? 5.210   -4.133  -18.065 1.00 27.41 ? 145 GLN A CB  1 
ATOM   1215 C  CG  . GLN A 1 146 ? 3.781   -4.114  -17.476 1.00 27.87 ? 145 GLN A CG  1 
ATOM   1216 C  CD  . GLN A 1 146 ? 3.068   -2.804  -17.835 1.00 27.66 ? 145 GLN A CD  1 
ATOM   1217 O  OE1 . GLN A 1 146 ? 3.608   -1.731  -17.612 1.00 26.57 ? 145 GLN A OE1 1 
ATOM   1218 N  NE2 . GLN A 1 146 ? 1.869   -2.898  -18.420 1.00 25.95 ? 145 GLN A NE2 1 
ATOM   1219 N  N   . GLY A 1 147 ? 8.538   -5.002  -17.539 1.00 28.37 ? 146 GLY A N   1 
ATOM   1220 C  CA  . GLY A 1 147 ? 9.877   -4.735  -18.092 1.00 28.88 ? 146 GLY A CA  1 
ATOM   1221 C  C   . GLY A 1 147 ? 10.291  -3.285  -17.909 1.00 29.74 ? 146 GLY A C   1 
ATOM   1222 O  O   . GLY A 1 147 ? 11.383  -2.900  -18.288 1.00 30.47 ? 146 GLY A O   1 
ATOM   1223 N  N   . LYS A 1 148 ? 9.445   -2.482  -17.279 1.00 29.49 ? 147 LYS A N   1 
ATOM   1224 C  CA  . LYS A 1 148 ? 9.768   -1.079  -17.014 1.00 29.80 ? 147 LYS A CA  1 
ATOM   1225 C  C   . LYS A 1 148 ? 10.732  -0.958  -15.825 1.00 29.25 ? 147 LYS A C   1 
ATOM   1226 O  O   . LYS A 1 148 ? 10.907  -1.905  -15.039 1.00 28.83 ? 147 LYS A O   1 
ATOM   1227 C  CB  . LYS A 1 148 ? 8.489   -0.284  -16.775 1.00 30.42 ? 147 LYS A CB  1 
ATOM   1228 C  CG  . LYS A 1 148 ? 7.526   -0.275  -17.968 1.00 30.26 ? 147 LYS A CG  1 
ATOM   1229 C  CD  . LYS A 1 148 ? 8.111   0.373   -19.184 1.00 31.04 ? 147 LYS A CD  1 
ATOM   1230 C  CE  . LYS A 1 148 ? 7.660   1.792   -19.425 1.00 30.92 ? 147 LYS A CE  1 
ATOM   1231 N  NZ  . LYS A 1 148 ? 7.998   2.181   -20.797 1.00 31.49 ? 147 LYS A NZ  1 
ATOM   1232 N  N   . ASP A 1 149 ? 11.402  0.178   -15.722 1.00 29.12 ? 148 ASP A N   1 
ATOM   1233 C  CA  . ASP A 1 149 ? 12.382  0.400   -14.643 1.00 29.95 ? 148 ASP A CA  1 
ATOM   1234 C  C   . ASP A 1 149 ? 11.764  0.854   -13.349 1.00 29.38 ? 148 ASP A C   1 
ATOM   1235 O  O   . ASP A 1 149 ? 12.385  0.710   -12.311 1.00 29.20 ? 148 ASP A O   1 
ATOM   1236 C  CB  . ASP A 1 149 ? 13.422  1.444   -15.040 1.00 31.87 ? 148 ASP A CB  1 
ATOM   1237 C  CG  . ASP A 1 149 ? 14.235  1.032   -16.248 1.00 33.13 ? 148 ASP A CG  1 
ATOM   1238 O  OD1 . ASP A 1 149 ? 14.602  -0.167  -16.363 1.00 35.52 ? 148 ASP A OD1 1 
ATOM   1239 O  OD2 . ASP A 1 149 ? 14.499  1.918   -17.077 1.00 35.21 ? 148 ASP A OD2 1 
ATOM   1240 N  N   . LYS A 1 150 ? 10.563  1.433   -13.418 1.00 29.58 ? 149 LYS A N   1 
ATOM   1241 C  CA  . LYS A 1 150 ? 9.860   1.926   -12.257 1.00 27.83 ? 149 LYS A CA  1 
ATOM   1242 C  C   . LYS A 1 150 ? 8.388   1.652   -12.517 1.00 28.10 ? 149 LYS A C   1 
ATOM   1243 O  O   . LYS A 1 150 ? 7.975   1.585   -13.679 1.00 28.97 ? 149 LYS A O   1 
ATOM   1244 C  CB  . LYS A 1 150 ? 10.078  3.443   -12.107 1.00 28.42 ? 149 LYS A CB  1 
ATOM   1245 C  CG  . LYS A 1 150 ? 11.537  3.878   -11.967 1.00 28.12 ? 149 LYS A CG  1 
ATOM   1246 C  CD  . LYS A 1 150 ? 11.617  5.326   -11.612 1.00 28.12 ? 149 LYS A CD  1 
ATOM   1247 C  CE  . LYS A 1 150 ? 13.025  5.835   -11.588 1.00 27.65 ? 149 LYS A CE  1 
ATOM   1248 N  NZ  . LYS A 1 150 ? 12.934  7.304   -11.542 1.00 27.38 ? 149 LYS A NZ  1 
ATOM   1249 N  N   . CYS A 1 151 ? 7.597   1.476   -11.458 1.00 26.30 ? 150 CYS A N   1 
ATOM   1250 C  CA  . CYS A 1 151 ? 6.133   1.473   -11.598 1.00 26.52 ? 150 CYS A CA  1 
ATOM   1251 C  C   . CYS A 1 151 ? 5.639   2.918   -11.585 1.00 26.74 ? 150 CYS A C   1 
ATOM   1252 O  O   . CYS A 1 151 ? 6.223   3.764   -10.884 1.00 29.18 ? 150 CYS A O   1 
ATOM   1253 C  CB  . CYS A 1 151 ? 5.464   0.679   -10.501 1.00 24.01 ? 150 CYS A CB  1 
ATOM   1254 S  SG  . CYS A 1 151 ? 6.028   -1.088  -10.228 1.00 23.76 ? 150 CYS A SG  1 
ATOM   1255 N  N   . VAL A 1 152 ? 4.560   3.175   -12.319 1.00 25.87 ? 151 VAL A N   1 
ATOM   1256 C  CA  . VAL A 1 152 ? 3.956   4.491   -12.435 1.00 25.50 ? 151 VAL A CA  1 
ATOM   1257 C  C   . VAL A 1 152 ? 2.460   4.419   -12.144 1.00 26.51 ? 151 VAL A C   1 
ATOM   1258 O  O   . VAL A 1 152 ? 1.719   3.628   -12.729 1.00 23.21 ? 151 VAL A O   1 
ATOM   1259 C  CB  . VAL A 1 152 ? 4.185   5.108   -13.806 1.00 26.27 ? 151 VAL A CB  1 
ATOM   1260 C  CG1 . VAL A 1 152 ? 3.518   6.497   -13.883 1.00 27.15 ? 151 VAL A CG1 1 
ATOM   1261 C  CG2 . VAL A 1 152 ? 5.672   5.187   -14.137 1.00 23.44 ? 151 VAL A CG2 1 
ATOM   1262 N  N   . PHE A 1 153 ? 2.048   5.298   -11.238 1.00 26.07 ? 152 PHE A N   1 
ATOM   1263 C  CA  . PHE A 1 153 ? 0.666   5.400   -10.783 1.00 25.31 ? 152 PHE A CA  1 
ATOM   1264 C  C   . PHE A 1 153 ? 0.082   6.775   -11.134 1.00 26.15 ? 152 PHE A C   1 
ATOM   1265 O  O   . PHE A 1 153 ? 0.675   7.817   -10.827 1.00 27.91 ? 152 PHE A O   1 
ATOM   1266 C  CB  . PHE A 1 153 ? 0.596   5.178   -9.278  1.00 23.57 ? 152 PHE A CB  1 
ATOM   1267 C  CG  . PHE A 1 153 ? 1.201   3.847   -8.801  1.00 22.71 ? 152 PHE A CG  1 
ATOM   1268 C  CD1 . PHE A 1 153 ? 2.571   3.751   -8.512  1.00 24.01 ? 152 PHE A CD1 1 
ATOM   1269 C  CD2 . PHE A 1 153 ? 0.405   2.732   -8.604  1.00 23.66 ? 152 PHE A CD2 1 
ATOM   1270 C  CE1 . PHE A 1 153 ? 3.137   2.540   -8.037  1.00 24.95 ? 152 PHE A CE1 1 
ATOM   1271 C  CE2 . PHE A 1 153 ? 0.974   1.489   -8.152  1.00 22.53 ? 152 PHE A CE2 1 
ATOM   1272 C  CZ  . PHE A 1 153 ? 2.328   1.420   -7.830  1.00 22.51 ? 152 PHE A CZ  1 
ATOM   1273 N  N   . GLU A 1 154 ? -1.104  6.739   -11.732 1.00 26.74 ? 153 GLU A N   1 
ATOM   1274 C  CA  . GLU A 1 154 ? -1.941  7.904   -12.027 1.00 28.43 ? 153 GLU A CA  1 
ATOM   1275 C  C   . GLU A 1 154 ? -2.873  8.177   -10.817 1.00 28.94 ? 153 GLU A C   1 
ATOM   1276 O  O   . GLU A 1 154 ? -3.606  7.252   -10.382 1.00 28.01 ? 153 GLU A O   1 
ATOM   1277 C  CB  . GLU A 1 154 ? -2.806  7.509   -13.215 1.00 32.68 ? 153 GLU A CB  1 
ATOM   1278 C  CG  . GLU A 1 154 ? -3.133  8.506   -14.219 1.00 37.18 ? 153 GLU A CG  1 
ATOM   1279 C  CD  . GLU A 1 154 ? -3.471  7.785   -15.541 1.00 40.12 ? 153 GLU A CD  1 
ATOM   1280 O  OE1 . GLU A 1 154 ? -4.293  6.810   -15.481 1.00 44.71 ? 153 GLU A OE1 1 
ATOM   1281 O  OE2 . GLU A 1 154 ? -2.869  8.109   -16.593 1.00 43.02 ? 153 GLU A OE2 1 
ATOM   1282 N  N   . VAL A 1 155 ? -2.821  9.402   -10.261 1.00 27.01 ? 154 VAL A N   1 
ATOM   1283 C  CA  . VAL A 1 155 ? -3.619  9.784   -9.073  1.00 26.69 ? 154 VAL A CA  1 
ATOM   1284 C  C   . VAL A 1 155 ? -4.693  10.780  -9.470  1.00 26.53 ? 154 VAL A C   1 
ATOM   1285 O  O   . VAL A 1 155 ? -4.377  11.875  -9.953  1.00 26.92 ? 154 VAL A O   1 
ATOM   1286 C  CB  . VAL A 1 155 ? -2.763  10.434  -7.932  1.00 25.48 ? 154 VAL A CB  1 
ATOM   1287 C  CG1 . VAL A 1 155 ? -3.655  10.770  -6.679  1.00 25.54 ? 154 VAL A CG1 1 
ATOM   1288 C  CG2 . VAL A 1 155 ? -1.607  9.543   -7.544  1.00 25.55 ? 154 VAL A CG2 1 
ATOM   1289 N  N   . LYS A 1 156 ? -5.949  10.420  -9.213  1.00 28.05 ? 155 LYS A N   1 
ATOM   1290 C  CA  . LYS A 1 156 ? -7.112  11.195  -9.594  1.00 28.87 ? 155 LYS A CA  1 
ATOM   1291 C  C   . LYS A 1 156 ? -7.943  11.525  -8.381  1.00 26.53 ? 155 LYS A C   1 
ATOM   1292 O  O   . LYS A 1 156 ? -8.198  10.685  -7.521  1.00 23.36 ? 155 LYS A O   1 
ATOM   1293 C  CB  . LYS A 1 156 ? -8.001  10.413  -10.532 1.00 30.85 ? 155 LYS A CB  1 
ATOM   1294 C  CG  . LYS A 1 156 ? -7.478  10.316  -11.958 1.00 34.10 ? 155 LYS A CG  1 
ATOM   1295 C  CD  . LYS A 1 156 ? -8.300  9.316   -12.775 1.00 35.24 ? 155 LYS A CD  1 
ATOM   1296 C  CE  . LYS A 1 156 ? -8.124  7.868   -12.275 1.00 37.89 ? 155 LYS A CE  1 
ATOM   1297 N  NZ  . LYS A 1 156 ? -6.699  7.442   -11.942 1.00 39.44 ? 155 LYS A NZ  1 
ATOM   1298 N  N   . GLU A 1 157 ? -8.392  12.763  -8.329  1.00 25.18 ? 156 GLU A N   1 
ATOM   1299 C  CA  . GLU A 1 157 ? -9.220  13.236  -7.248  1.00 26.20 ? 156 GLU A CA  1 
ATOM   1300 C  C   . GLU A 1 157 ? -10.649 12.984  -7.713  1.00 27.60 ? 156 GLU A C   1 
ATOM   1301 O  O   . GLU A 1 157 ? -10.983 13.263  -8.879  1.00 28.99 ? 156 GLU A O   1 
ATOM   1302 C  CB  . GLU A 1 157 ? -8.925  14.726  -7.079  1.00 26.78 ? 156 GLU A CB  1 
ATOM   1303 C  CG  . GLU A 1 157 ? -9.250  15.304  -5.782  1.00 26.27 ? 156 GLU A CG  1 
ATOM   1304 C  CD  . GLU A 1 157 ? -9.205  16.827  -5.806  1.00 26.94 ? 156 GLU A CD  1 
ATOM   1305 O  OE1 . GLU A 1 157 ? -8.108  17.396  -6.011  1.00 26.04 ? 156 GLU A OE1 1 
ATOM   1306 O  OE2 . GLU A 1 157 ? -10.266 17.437  -5.574  1.00 26.55 ? 156 GLU A OE2 1 
ATOM   1307 N  N   . VAL A 1 158 ? -11.505 12.475  -6.837  1.00 29.11 ? 157 VAL A N   1 
ATOM   1308 C  CA  . VAL A 1 158 ? -12.850 12.115  -7.220  1.00 31.48 ? 157 VAL A CA  1 
ATOM   1309 C  C   . VAL A 1 158 ? -13.870 12.545  -6.161  1.00 34.46 ? 157 VAL A C   1 
ATOM   1310 O  O   . VAL A 1 158 ? -13.540 12.637  -4.976  1.00 33.54 ? 157 VAL A O   1 
ATOM   1311 C  CB  . VAL A 1 158 ? -12.944 10.565  -7.455  1.00 31.98 ? 157 VAL A CB  1 
ATOM   1312 C  CG1 . VAL A 1 158 ? -12.044 10.136  -8.639  1.00 31.58 ? 157 VAL A CG1 1 
ATOM   1313 C  CG2 . VAL A 1 158 ? -12.577 9.775   -6.196  1.00 31.60 ? 157 VAL A CG2 1 
ATOM   1314 N  N   . ASP A 1 159 ? -15.114 12.795  -6.586  1.00 38.78 ? 158 ASP A N   1 
ATOM   1315 C  CA  . ASP A 1 159 ? -16.255 12.909  -5.639  1.00 42.59 ? 158 ASP A CA  1 
ATOM   1316 C  C   . ASP A 1 159 ? -17.309 11.823  -5.872  1.00 43.70 ? 158 ASP A C   1 
ATOM   1317 O  O   . ASP A 1 159 ? -17.412 10.863  -5.095  1.00 45.19 ? 158 ASP A O   1 
ATOM   1318 C  CB  . ASP A 1 159 ? -16.912 14.298  -5.679  1.00 44.24 ? 158 ASP A CB  1 
ATOM   1319 C  CG  . ASP A 1 159 ? -16.583 15.070  -6.935  1.00 45.93 ? 158 ASP A CG  1 
ATOM   1320 O  OD1 . ASP A 1 159 ? -15.458 15.629  -7.017  1.00 47.89 ? 158 ASP A OD1 1 
ATOM   1321 O  OD2 . ASP A 1 159 ? -17.448 15.125  -7.836  1.00 47.47 ? 158 ASP A OD2 1 
HETATM 1322 ZN ZN  . ZN  B 2 .   ? 4.086   -2.271  -10.507 1.00 23.35 ? 163 ZN  A ZN  1 
HETATM 1323 CL CL  . CL  C 3 .   ? 9.354   -9.693  -3.701  1.00 23.74 ? 164 CL  A CL  1 
HETATM 1324 C  C   . ACT D 4 .   ? 8.733   12.537  -9.996  1.00 68.16 ? 165 ACT A C   1 
HETATM 1325 O  O   . ACT D 4 .   ? 9.799   12.989  -9.489  1.00 67.85 ? 165 ACT A O   1 
HETATM 1326 O  OXT . ACT D 4 .   ? 7.651   12.999  -9.540  1.00 67.48 ? 165 ACT A OXT 1 
HETATM 1327 C  CH3 . ACT D 4 .   ? 8.751   11.507  -11.095 1.00 66.80 ? 165 ACT A CH3 1 
HETATM 1328 C  C1  . GOL E 5 .   ? -6.640  -1.850  -9.398  1.00 44.58 ? 166 GOL A C1  1 
HETATM 1329 O  O1  . GOL E 5 .   ? -8.035  -1.869  -9.582  1.00 45.58 ? 166 GOL A O1  1 
HETATM 1330 C  C2  . GOL E 5 .   ? -5.977  -0.673  -10.109 1.00 44.41 ? 166 GOL A C2  1 
HETATM 1331 O  O2  . GOL E 5 .   ? -6.551  -0.453  -11.372 1.00 45.09 ? 166 GOL A O2  1 
HETATM 1332 C  C3  . GOL E 5 .   ? -4.521  -1.034  -10.287 1.00 44.44 ? 166 GOL A C3  1 
HETATM 1333 O  O3  . GOL E 5 .   ? -3.621  0.031   -10.289 1.00 44.06 ? 166 GOL A O3  1 
HETATM 1334 C  C1  . GOL F 5 .   ? -4.630  16.980  -4.207  1.00 48.41 ? 167 GOL A C1  1 
HETATM 1335 O  O1  . GOL F 5 .   ? -5.673  16.958  -5.168  1.00 45.28 ? 167 GOL A O1  1 
HETATM 1336 C  C2  . GOL F 5 .   ? -4.423  18.354  -3.578  1.00 50.39 ? 167 GOL A C2  1 
HETATM 1337 O  O2  . GOL F 5 .   ? -3.203  18.997  -3.924  1.00 51.24 ? 167 GOL A O2  1 
HETATM 1338 C  C3  . GOL F 5 .   ? -4.431  18.186  -2.077  1.00 50.97 ? 167 GOL A C3  1 
HETATM 1339 O  O3  . GOL F 5 .   ? -4.143  19.424  -1.484  1.00 51.95 ? 167 GOL A O3  1 
HETATM 1340 O  O   . HOH G 6 .   ? 1.142   -4.625  -4.659  1.00 13.81 ? 168 HOH A O   1 
HETATM 1341 O  O   . HOH G 6 .   ? -10.001 4.601   -4.637  1.00 23.35 ? 169 HOH A O   1 
HETATM 1342 O  O   . HOH G 6 .   ? 9.825   5.172   -0.081  1.00 23.04 ? 170 HOH A O   1 
HETATM 1343 O  O   . HOH G 6 .   ? 12.615  -0.391  -9.824  1.00 28.96 ? 171 HOH A O   1 
HETATM 1344 O  O   . HOH G 6 .   ? 3.608   -6.335  -14.870 1.00 26.92 ? 172 HOH A O   1 
HETATM 1345 O  O   . HOH G 6 .   ? 5.165   13.291  -8.499  1.00 31.40 ? 173 HOH A O   1 
HETATM 1346 O  O   . HOH G 6 .   ? 4.244   2.241   9.937   1.00 34.78 ? 174 HOH A O   1 
HETATM 1347 O  O   . HOH G 6 .   ? -12.780 14.413  -2.926  1.00 34.07 ? 175 HOH A O   1 
HETATM 1348 O  O   . HOH G 6 .   ? -9.214  7.693   -1.183  1.00 28.16 ? 176 HOH A O   1 
HETATM 1349 O  O   . HOH G 6 .   ? 12.623  -0.672  0.020   1.00 28.87 ? 177 HOH A O   1 
HETATM 1350 O  O   . HOH G 6 .   ? 3.410   2.579   19.665  1.00 42.33 ? 178 HOH A O   1 
HETATM 1351 O  O   . HOH G 6 .   ? 14.487  -2.509  -0.694  1.00 54.26 ? 179 HOH A O   1 
HETATM 1352 O  O   . HOH G 6 .   ? 14.945  3.771   15.554  1.00 38.50 ? 180 HOH A O   1 
HETATM 1353 O  O   . HOH G 6 .   ? -7.222  -5.774  -6.685  1.00 21.67 ? 181 HOH A O   1 
HETATM 1354 O  O   . HOH G 6 .   ? -3.224  20.232  -6.437  1.00 26.85 ? 182 HOH A O   1 
HETATM 1355 O  O   . HOH G 6 .   ? -2.080  -2.412  -10.602 1.00 25.70 ? 183 HOH A O   1 
HETATM 1356 O  O   . HOH G 6 .   ? -4.708  -8.169  -8.114  1.00 28.29 ? 184 HOH A O   1 
HETATM 1357 O  O   . HOH G 6 .   ? 8.142   3.433   -15.931 1.00 24.45 ? 185 HOH A O   1 
HETATM 1358 O  O   . HOH G 6 .   ? -12.324 1.021   -4.042  1.00 39.72 ? 186 HOH A O   1 
HETATM 1359 O  O   . HOH G 6 .   ? 10.418  12.031  -4.387  1.00 35.66 ? 187 HOH A O   1 
HETATM 1360 O  O   . HOH G 6 .   ? -16.434 16.793  3.129   1.00 40.75 ? 188 HOH A O   1 
HETATM 1361 O  O   . HOH G 6 .   ? -3.240  -0.840  20.398  1.00 33.84 ? 189 HOH A O   1 
HETATM 1362 O  O   . HOH G 6 .   ? 8.613   16.306  -2.540  1.00 37.24 ? 190 HOH A O   1 
HETATM 1363 O  O   . HOH G 6 .   ? 0.653   -11.645 -18.625 1.00 40.18 ? 191 HOH A O   1 
HETATM 1364 O  O   . HOH G 6 .   ? 7.206   15.899  -11.965 1.00 38.27 ? 192 HOH A O   1 
HETATM 1365 O  O   . HOH G 6 .   ? -9.417  5.076   -0.518  1.00 26.96 ? 193 HOH A O   1 
HETATM 1366 O  O   . HOH G 6 .   ? 8.235   5.379   -19.493 1.00 42.51 ? 194 HOH A O   1 
HETATM 1367 O  O   . HOH G 6 .   ? 2.189   16.399  2.474   1.00 33.54 ? 195 HOH A O   1 
HETATM 1368 O  O   . HOH G 6 .   ? 11.180  -8.593  -5.836  1.00 24.05 ? 196 HOH A O   1 
HETATM 1369 O  O   . HOH G 6 .   ? -8.462  12.686  5.947   1.00 47.27 ? 197 HOH A O   1 
HETATM 1370 O  O   . HOH G 6 .   ? -9.133  -1.826  8.440   1.00 43.81 ? 198 HOH A O   1 
HETATM 1371 O  O   . HOH G 6 .   ? -8.842  3.240   -11.801 1.00 44.75 ? 199 HOH A O   1 
HETATM 1372 O  O   . HOH G 6 .   ? 12.319  -2.813  6.653   1.00 34.97 ? 200 HOH A O   1 
HETATM 1373 O  O   . HOH G 6 .   ? 9.203   5.983   -15.465 1.00 36.35 ? 201 HOH A O   1 
HETATM 1374 O  O   . HOH G 6 .   ? -1.063  4.243   12.435  1.00 40.20 ? 202 HOH A O   1 
HETATM 1375 O  O   . HOH G 6 .   ? 15.794  7.607   -11.423 1.00 50.96 ? 203 HOH A O   1 
HETATM 1376 O  O   . HOH G 6 .   ? 0.589   -8.015  -2.150  1.00 34.15 ? 204 HOH A O   1 
HETATM 1377 O  O   . HOH G 6 .   ? -1.209  -6.720  -5.158  1.00 26.29 ? 205 HOH A O   1 
HETATM 1378 O  O   . HOH G 6 .   ? -8.242  14.208  -11.088 1.00 40.16 ? 206 HOH A O   1 
HETATM 1379 O  O   . HOH G 6 .   ? -10.665 -10.075 -5.561  1.00 54.15 ? 207 HOH A O   1 
HETATM 1380 O  O   . HOH G 6 .   ? -12.943 -0.836  -5.928  1.00 44.70 ? 208 HOH A O   1 
HETATM 1381 O  O   . HOH G 6 .   ? 6.055   16.073  3.630   1.00 35.11 ? 209 HOH A O   1 
HETATM 1382 O  O   . HOH G 6 .   ? 11.173  -7.256  -12.918 1.00 53.33 ? 210 HOH A O   1 
HETATM 1383 O  O   . HOH G 6 .   ? -1.954  -8.029  -7.232  1.00 40.33 ? 211 HOH A O   1 
HETATM 1384 O  O   . HOH G 6 .   ? 8.613   19.052  -2.751  1.00 42.50 ? 212 HOH A O   1 
HETATM 1385 O  O   . HOH G 6 .   ? 14.100  -2.366  -9.903  1.00 54.86 ? 213 HOH A O   1 
HETATM 1386 O  O   . HOH G 6 .   ? -1.694  -9.521  -17.446 1.00 48.51 ? 214 HOH A O   1 
HETATM 1387 O  O   . HOH G 6 .   ? 13.681  6.480   -6.103  1.00 53.16 ? 215 HOH A O   1 
HETATM 1388 O  O   . HOH G 6 .   ? -7.403  -17.420 -3.716  1.00 32.39 ? 216 HOH A O   1 
HETATM 1389 O  O   . HOH G 6 .   ? -1.694  15.562  7.758   1.00 49.59 ? 217 HOH A O   1 
HETATM 1390 O  O   . HOH G 6 .   ? -7.774  2.041   -9.599  1.00 29.37 ? 218 HOH A O   1 
HETATM 1391 O  O   . HOH G 6 .   ? 4.901   24.084  -3.360  1.00 47.43 ? 219 HOH A O   1 
HETATM 1392 O  O   . HOH G 6 .   ? -3.035  11.097  10.828  1.00 56.98 ? 220 HOH A O   1 
HETATM 1393 O  O   . HOH G 6 .   ? 6.106   7.099   -17.679 1.00 43.14 ? 221 HOH A O   1 
HETATM 1394 O  O   . HOH G 6 .   ? 13.691  -0.496  2.650   1.00 35.65 ? 222 HOH A O   1 
HETATM 1395 O  O   . HOH G 6 .   ? 15.268  3.325   -9.803  1.00 46.62 ? 223 HOH A O   1 
HETATM 1396 O  O   . HOH G 6 .   ? -4.118  -0.529  -13.637 1.00 40.42 ? 224 HOH A O   1 
HETATM 1397 O  O   . HOH G 6 .   ? 0.637   17.717  3.885   1.00 47.55 ? 225 HOH A O   1 
HETATM 1398 O  O   . HOH G 6 .   ? -11.867 3.474   -5.972  1.00 34.34 ? 226 HOH A O   1 
HETATM 1399 O  O   . HOH G 6 .   ? 10.522  14.385  -6.540  1.00 54.74 ? 227 HOH A O   1 
HETATM 1400 O  O   . HOH G 6 .   ? -7.588  20.093  -6.147  1.00 50.93 ? 228 HOH A O   1 
HETATM 1401 O  O   . HOH G 6 .   ? -0.514  -0.989  -18.940 1.00 39.12 ? 229 HOH A O   1 
HETATM 1402 O  O   . HOH G 6 .   ? -9.094  0.933   7.409   1.00 34.19 ? 230 HOH A O   1 
HETATM 1403 O  O   . HOH G 6 .   ? 12.230  -4.451  -15.555 1.00 48.01 ? 231 HOH A O   1 
HETATM 1404 O  O   . HOH G 6 .   ? 7.773   -5.782  -9.760  1.00 29.52 ? 232 HOH A O   1 
HETATM 1405 O  O   . HOH G 6 .   ? -9.785  -8.167  -8.162  1.00 41.78 ? 233 HOH A O   1 
HETATM 1406 O  O   . HOH G 6 .   ? -8.165  -8.154  -10.071 1.00 42.73 ? 234 HOH A O   1 
HETATM 1407 O  O   . HOH G 6 .   ? -13.277 -12.621 -2.965  1.00 41.36 ? 235 HOH A O   1 
HETATM 1408 O  O   . HOH G 6 .   ? 14.520  -7.648  1.763   1.00 32.74 ? 236 HOH A O   1 
HETATM 1409 O  O   . HOH G 6 .   ? 17.379  -3.879  -2.119  1.00 53.88 ? 237 HOH A O   1 
HETATM 1410 O  O   . HOH G 6 .   ? -12.479 16.767  -4.318  1.00 26.81 ? 238 HOH A O   1 
HETATM 1411 O  O   . HOH G 6 .   ? 8.431   20.473  -8.630  1.00 41.62 ? 239 HOH A O   1 
HETATM 1412 O  O   . HOH G 6 .   ? 6.735   22.979  -7.512  1.00 46.96 ? 240 HOH A O   1 
HETATM 1413 O  O   . HOH G 6 .   ? -12.164 -6.725  21.690  1.00 34.57 ? 241 HOH A O   1 
HETATM 1414 O  O   . HOH G 6 .   ? 14.493  0.781   -1.600  1.00 41.56 ? 242 HOH A O   1 
HETATM 1415 O  O   . HOH G 6 .   ? 2.399   -5.720  -2.615  1.00 42.81 ? 243 HOH A O   1 
HETATM 1416 O  O   . HOH G 6 .   ? 13.495  8.295   -3.815  1.00 53.53 ? 244 HOH A O   1 
HETATM 1417 O  O   . HOH G 6 .   ? 11.700  8.291   -1.545  1.00 42.49 ? 245 HOH A O   1 
HETATM 1418 O  O   . HOH G 6 .   ? 10.712  10.605  4.023   1.00 44.29 ? 246 HOH A O   1 
HETATM 1419 O  O   . HOH G 6 .   ? 9.034   16.396  -10.238 1.00 45.03 ? 247 HOH A O   1 
HETATM 1420 O  O   . HOH G 6 .   ? -2.759  11.547  8.404   1.00 52.16 ? 248 HOH A O   1 
# 
